data_2EGE
#
_entry.id   2EGE
#
_entity_poly.entity_id   1
_entity_poly.type   'polypeptide(L)'
_entity_poly.pdbx_seq_one_letter_code
;GSSGSSGKIMIAALDYDPGDGQMGGQGKGRLALRAGDVVMVYGPMDDQGFYYGELGGHRGLVPAHLLDHMSLHGH
;
_entity_poly.pdbx_strand_id   A
#
# COMPACT_ATOMS: atom_id res chain seq x y z
N GLY A 1 29.02 2.20 -3.46
CA GLY A 1 28.79 0.77 -3.33
C GLY A 1 27.64 0.28 -4.18
N SER A 2 26.79 -0.56 -3.62
CA SER A 2 25.66 -1.11 -4.34
C SER A 2 24.35 -0.49 -3.84
N SER A 3 23.64 0.18 -4.73
CA SER A 3 22.38 0.82 -4.38
C SER A 3 21.22 -0.18 -4.46
N GLY A 4 20.40 -0.20 -3.41
CA GLY A 4 19.27 -1.11 -3.39
C GLY A 4 18.04 -0.48 -2.74
N SER A 5 17.45 -1.20 -1.78
CA SER A 5 16.26 -0.71 -1.10
C SER A 5 15.12 -0.44 -2.09
N SER A 6 14.92 -1.38 -3.01
CA SER A 6 13.88 -1.24 -4.02
C SER A 6 12.51 -1.56 -3.43
N GLY A 7 11.72 -0.53 -3.19
CA GLY A 7 10.38 -0.71 -2.63
C GLY A 7 10.42 -0.97 -1.14
N LYS A 8 9.34 -0.62 -0.46
CA LYS A 8 9.24 -0.82 0.99
C LYS A 8 8.21 -1.88 1.32
N ILE A 9 8.19 -2.31 2.58
CA ILE A 9 7.24 -3.31 3.03
C ILE A 9 6.43 -2.81 4.23
N MET A 10 5.12 -2.73 4.06
CA MET A 10 4.24 -2.27 5.13
C MET A 10 3.04 -3.22 5.30
N ILE A 11 2.41 -3.16 6.46
CA ILE A 11 1.26 -4.00 6.74
C ILE A 11 0.02 -3.16 7.05
N ALA A 12 -1.13 -3.61 6.56
CA ALA A 12 -2.39 -2.91 6.79
C ALA A 12 -2.86 -3.09 8.22
N ALA A 13 -2.65 -2.07 9.05
CA ALA A 13 -3.07 -2.12 10.44
C ALA A 13 -4.57 -2.32 10.56
N LEU A 14 -5.30 -1.98 9.50
CA LEU A 14 -6.75 -2.13 9.49
C LEU A 14 -7.23 -2.65 8.13
N ASP A 15 -8.46 -3.14 8.10
CA ASP A 15 -9.04 -3.66 6.87
C ASP A 15 -9.64 -2.55 6.02
N TYR A 16 -8.92 -2.15 4.97
CA TYR A 16 -9.37 -1.09 4.10
C TYR A 16 -10.17 -1.65 2.92
N ASP A 17 -11.45 -1.28 2.84
CA ASP A 17 -12.31 -1.75 1.76
C ASP A 17 -12.80 -0.58 0.91
N PRO A 18 -11.89 -0.04 0.08
CA PRO A 18 -12.20 1.09 -0.80
C PRO A 18 -13.15 0.70 -1.93
N GLY A 19 -13.34 -0.60 -2.11
CA GLY A 19 -14.22 -1.09 -3.16
C GLY A 19 -15.59 -0.44 -3.11
N ASP A 20 -16.01 -0.04 -1.90
CA ASP A 20 -17.31 0.60 -1.72
C ASP A 20 -17.22 2.10 -1.94
N GLY A 21 -17.50 2.54 -3.17
CA GLY A 21 -17.44 3.96 -3.47
C GLY A 21 -16.07 4.39 -3.96
N GLN A 22 -15.48 3.59 -4.87
CA GLN A 22 -14.17 3.90 -5.40
C GLN A 22 -14.13 5.30 -6.02
N MET A 23 -12.95 5.74 -6.40
CA MET A 23 -12.78 7.06 -7.01
C MET A 23 -13.65 7.19 -8.25
N GLY A 24 -13.70 8.41 -8.80
CA GLY A 24 -14.50 8.65 -10.00
C GLY A 24 -13.82 8.15 -11.25
N GLY A 25 -12.78 8.87 -11.68
CA GLY A 25 -12.06 8.49 -12.88
C GLY A 25 -10.70 9.15 -12.97
N GLN A 26 -10.17 9.24 -14.19
CA GLN A 26 -8.86 9.85 -14.42
C GLN A 26 -7.78 9.13 -13.63
N GLY A 27 -7.88 7.80 -13.57
CA GLY A 27 -6.90 7.01 -12.85
C GLY A 27 -7.40 5.62 -12.53
N LYS A 28 -7.24 5.20 -11.28
CA LYS A 28 -7.68 3.89 -10.84
C LYS A 28 -7.97 3.88 -9.34
N GLY A 29 -9.01 3.14 -8.94
CA GLY A 29 -9.37 3.06 -7.54
C GLY A 29 -8.22 2.58 -6.67
N ARG A 30 -8.43 2.59 -5.36
CA ARG A 30 -7.41 2.15 -4.42
C ARG A 30 -7.44 0.63 -4.26
N LEU A 31 -6.48 0.11 -3.51
CA LEU A 31 -6.39 -1.33 -3.27
C LEU A 31 -6.96 -1.69 -1.89
N ALA A 32 -7.71 -2.79 -1.84
CA ALA A 32 -8.32 -3.24 -0.60
C ALA A 32 -7.31 -4.03 0.24
N LEU A 33 -7.00 -3.49 1.42
CA LEU A 33 -6.05 -4.15 2.32
C LEU A 33 -6.78 -4.82 3.48
N ARG A 34 -6.13 -5.83 4.06
CA ARG A 34 -6.72 -6.55 5.19
C ARG A 34 -5.78 -6.52 6.40
N ALA A 35 -6.37 -6.58 7.58
CA ALA A 35 -5.60 -6.56 8.82
C ALA A 35 -4.49 -7.62 8.79
N GLY A 36 -3.26 -7.17 8.56
CA GLY A 36 -2.13 -8.08 8.51
C GLY A 36 -1.74 -8.43 7.09
N ASP A 37 -2.04 -7.54 6.16
CA ASP A 37 -1.71 -7.76 4.75
C ASP A 37 -0.41 -7.06 4.38
N VAL A 38 0.67 -7.83 4.28
CA VAL A 38 1.97 -7.28 3.94
C VAL A 38 2.01 -6.82 2.48
N VAL A 39 1.83 -5.52 2.28
CA VAL A 39 1.85 -4.95 0.94
C VAL A 39 3.16 -4.24 0.65
N MET A 40 3.62 -4.30 -0.59
CA MET A 40 4.86 -3.65 -0.99
C MET A 40 4.58 -2.33 -1.71
N VAL A 41 5.17 -1.26 -1.21
CA VAL A 41 4.99 0.06 -1.81
C VAL A 41 6.24 0.50 -2.56
N TYR A 42 6.15 1.63 -3.25
CA TYR A 42 7.27 2.16 -4.01
C TYR A 42 7.25 3.69 -4.02
N GLY A 43 8.42 4.29 -3.84
CA GLY A 43 8.51 5.74 -3.83
C GLY A 43 7.63 6.38 -2.77
N PRO A 44 7.66 7.71 -2.68
CA PRO A 44 6.86 8.47 -1.71
C PRO A 44 5.38 8.42 -2.03
N MET A 45 4.60 9.22 -1.29
CA MET A 45 3.15 9.27 -1.50
C MET A 45 2.76 10.51 -2.30
N ASP A 46 1.46 10.68 -2.51
CA ASP A 46 0.95 11.83 -3.25
C ASP A 46 0.43 12.90 -2.31
N ASP A 47 -0.14 13.97 -2.88
CA ASP A 47 -0.68 15.07 -2.09
C ASP A 47 -1.74 14.56 -1.12
N GLN A 48 -2.55 13.61 -1.58
CA GLN A 48 -3.62 13.04 -0.76
C GLN A 48 -3.04 12.19 0.36
N GLY A 49 -1.83 11.66 0.15
CA GLY A 49 -1.20 10.84 1.14
C GLY A 49 -1.35 9.36 0.87
N PHE A 50 -1.34 8.98 -0.40
CA PHE A 50 -1.49 7.60 -0.81
C PHE A 50 -0.19 7.06 -1.41
N TYR A 51 0.17 5.84 -1.05
CA TYR A 51 1.38 5.21 -1.55
C TYR A 51 1.09 4.36 -2.79
N TYR A 52 2.14 4.01 -3.52
CA TYR A 52 1.98 3.19 -4.72
C TYR A 52 2.50 1.78 -4.48
N GLY A 53 1.57 0.87 -4.21
CA GLY A 53 1.95 -0.52 -3.97
C GLY A 53 0.98 -1.49 -4.62
N GLU A 54 1.19 -2.79 -4.36
CA GLU A 54 0.34 -3.82 -4.92
C GLU A 54 0.26 -5.03 -3.98
N LEU A 55 -0.96 -5.54 -3.80
CA LEU A 55 -1.19 -6.69 -2.94
C LEU A 55 -2.05 -7.74 -3.62
N GLY A 56 -1.42 -8.84 -4.03
CA GLY A 56 -2.16 -9.91 -4.70
C GLY A 56 -2.13 -9.77 -6.20
N GLY A 57 -1.07 -9.16 -6.72
CA GLY A 57 -0.95 -8.98 -8.16
C GLY A 57 -1.81 -7.83 -8.67
N HIS A 58 -2.20 -6.93 -7.77
CA HIS A 58 -3.02 -5.80 -8.13
C HIS A 58 -2.40 -4.49 -7.64
N ARG A 59 -2.01 -3.64 -8.58
CA ARG A 59 -1.39 -2.36 -8.24
C ARG A 59 -2.46 -1.29 -8.00
N GLY A 60 -2.09 -0.26 -7.27
CA GLY A 60 -3.03 0.82 -6.97
C GLY A 60 -2.57 1.69 -5.82
N LEU A 61 -3.32 2.75 -5.56
CA LEU A 61 -2.99 3.67 -4.47
C LEU A 61 -3.47 3.13 -3.13
N VAL A 62 -2.57 3.07 -2.15
CA VAL A 62 -2.90 2.57 -0.83
C VAL A 62 -2.78 3.68 0.21
N PRO A 63 -3.51 3.52 1.33
CA PRO A 63 -3.51 4.50 2.43
C PRO A 63 -2.19 4.52 3.17
N ALA A 64 -1.63 5.72 3.32
CA ALA A 64 -0.35 5.88 4.02
C ALA A 64 -0.58 6.12 5.52
N HIS A 65 -1.80 5.91 5.96
CA HIS A 65 -2.16 6.11 7.37
C HIS A 65 -2.61 4.79 8.00
N LEU A 66 -3.18 3.91 7.18
CA LEU A 66 -3.66 2.62 7.67
C LEU A 66 -2.50 1.62 7.79
N LEU A 67 -1.50 1.79 6.93
CA LEU A 67 -0.34 0.90 6.93
C LEU A 67 0.49 1.10 8.20
N ASP A 68 1.40 0.17 8.45
CA ASP A 68 2.26 0.23 9.63
C ASP A 68 3.70 -0.10 9.26
N HIS A 69 4.63 0.71 9.75
CA HIS A 69 6.05 0.51 9.48
C HIS A 69 6.60 -0.64 10.32
N MET A 70 6.80 -1.79 9.69
CA MET A 70 7.33 -2.96 10.38
C MET A 70 8.66 -2.64 11.06
N SER A 71 9.06 -3.50 11.99
CA SER A 71 10.31 -3.31 12.71
C SER A 71 11.26 -4.48 12.47
N LEU A 72 12.48 -4.35 12.97
CA LEU A 72 13.49 -5.40 12.82
C LEU A 72 13.44 -6.38 13.99
N HIS A 73 13.03 -7.61 13.71
CA HIS A 73 12.94 -8.65 14.74
C HIS A 73 14.30 -9.28 14.99
N GLY A 74 14.43 -9.98 16.11
CA GLY A 74 15.69 -10.64 16.45
C GLY A 74 15.53 -11.66 17.54
N HIS A 75 16.23 -12.78 17.41
CA HIS A 75 16.16 -13.85 18.40
C HIS A 75 17.56 -14.31 18.80
N GLY A 1 8.87 -7.81 -12.18
CA GLY A 1 10.27 -8.17 -12.26
C GLY A 1 11.05 -7.72 -11.03
N SER A 2 11.66 -8.67 -10.34
CA SER A 2 12.43 -8.37 -9.14
C SER A 2 13.85 -7.93 -9.50
N SER A 3 14.31 -6.85 -8.89
CA SER A 3 15.64 -6.33 -9.14
C SER A 3 16.53 -6.49 -7.92
N GLY A 4 15.91 -6.51 -6.75
CA GLY A 4 16.66 -6.66 -5.51
C GLY A 4 16.65 -5.40 -4.67
N SER A 5 16.15 -5.52 -3.44
CA SER A 5 16.08 -4.39 -2.53
C SER A 5 15.34 -3.22 -3.18
N SER A 6 14.21 -3.51 -3.81
CA SER A 6 13.41 -2.49 -4.47
C SER A 6 12.00 -2.43 -3.90
N GLY A 7 11.64 -1.29 -3.32
CA GLY A 7 10.33 -1.13 -2.74
C GLY A 7 10.31 -1.40 -1.25
N LYS A 8 9.40 -0.74 -0.54
CA LYS A 8 9.28 -0.91 0.91
C LYS A 8 8.22 -1.95 1.25
N ILE A 9 8.21 -2.41 2.50
CA ILE A 9 7.25 -3.40 2.95
C ILE A 9 6.44 -2.87 4.13
N MET A 10 5.13 -2.82 3.98
CA MET A 10 4.25 -2.35 5.05
C MET A 10 3.07 -3.29 5.23
N ILE A 11 2.39 -3.16 6.37
CA ILE A 11 1.23 -4.01 6.67
C ILE A 11 0.02 -3.16 7.00
N ALA A 12 -1.15 -3.60 6.52
CA ALA A 12 -2.39 -2.89 6.77
C ALA A 12 -2.86 -3.08 8.21
N ALA A 13 -2.62 -2.06 9.05
CA ALA A 13 -3.02 -2.11 10.45
C ALA A 13 -4.52 -2.31 10.58
N LEU A 14 -5.26 -1.97 9.54
CA LEU A 14 -6.72 -2.11 9.54
C LEU A 14 -7.22 -2.62 8.19
N ASP A 15 -8.45 -3.12 8.18
CA ASP A 15 -9.05 -3.63 6.96
C ASP A 15 -9.64 -2.51 6.12
N TYR A 16 -8.95 -2.16 5.04
CA TYR A 16 -9.40 -1.09 4.15
C TYR A 16 -10.21 -1.66 2.98
N ASP A 17 -11.46 -1.24 2.88
CA ASP A 17 -12.33 -1.70 1.81
C ASP A 17 -12.82 -0.54 0.96
N PRO A 18 -11.91 0.01 0.13
CA PRO A 18 -12.22 1.14 -0.75
C PRO A 18 -13.17 0.75 -1.87
N GLY A 19 -13.32 -0.55 -2.10
CA GLY A 19 -14.21 -1.03 -3.14
C GLY A 19 -15.60 -0.42 -3.05
N ASP A 20 -16.01 -0.06 -1.83
CA ASP A 20 -17.32 0.52 -1.61
C ASP A 20 -17.52 1.75 -2.50
N GLY A 21 -16.42 2.41 -2.85
CA GLY A 21 -16.50 3.59 -3.69
C GLY A 21 -15.33 3.71 -4.64
N GLN A 22 -15.01 2.60 -5.32
CA GLN A 22 -13.90 2.58 -6.26
C GLN A 22 -14.37 3.01 -7.65
N MET A 23 -15.62 2.74 -7.96
CA MET A 23 -16.20 3.10 -9.26
C MET A 23 -16.01 4.59 -9.53
N GLY A 24 -15.47 4.90 -10.70
CA GLY A 24 -15.24 6.29 -11.07
C GLY A 24 -14.17 6.45 -12.12
N GLY A 25 -13.30 5.45 -12.23
CA GLY A 25 -12.23 5.50 -13.20
C GLY A 25 -11.58 4.14 -13.42
N GLN A 26 -10.75 4.04 -14.46
CA GLN A 26 -10.07 2.80 -14.78
C GLN A 26 -9.30 2.28 -13.57
N GLY A 27 -8.43 3.12 -13.03
CA GLY A 27 -7.64 2.72 -11.87
C GLY A 27 -7.57 3.81 -10.82
N LYS A 28 -8.69 4.51 -10.63
CA LYS A 28 -8.76 5.58 -9.64
C LYS A 28 -8.91 5.00 -8.24
N GLY A 29 -9.68 3.92 -8.12
CA GLY A 29 -9.90 3.30 -6.83
C GLY A 29 -8.62 2.76 -6.23
N ARG A 30 -8.55 2.72 -4.90
CA ARG A 30 -7.37 2.22 -4.20
C ARG A 30 -7.43 0.70 -4.06
N LEU A 31 -6.40 0.13 -3.45
CA LEU A 31 -6.33 -1.32 -3.26
C LEU A 31 -6.89 -1.70 -1.90
N ALA A 32 -7.73 -2.72 -1.87
CA ALA A 32 -8.35 -3.20 -0.63
C ALA A 32 -7.34 -3.99 0.19
N LEU A 33 -7.06 -3.51 1.40
CA LEU A 33 -6.12 -4.18 2.30
C LEU A 33 -6.85 -4.82 3.48
N ARG A 34 -6.20 -5.79 4.11
CA ARG A 34 -6.78 -6.47 5.25
C ARG A 34 -5.83 -6.45 6.44
N ALA A 35 -6.39 -6.56 7.65
CA ALA A 35 -5.59 -6.54 8.87
C ALA A 35 -4.49 -7.59 8.81
N GLY A 36 -3.27 -7.15 8.54
CA GLY A 36 -2.14 -8.07 8.46
C GLY A 36 -1.78 -8.41 7.03
N ASP A 37 -2.09 -7.51 6.11
CA ASP A 37 -1.78 -7.72 4.70
C ASP A 37 -0.48 -7.03 4.31
N VAL A 38 0.59 -7.81 4.20
CA VAL A 38 1.90 -7.28 3.85
C VAL A 38 1.92 -6.82 2.39
N VAL A 39 1.82 -5.51 2.19
CA VAL A 39 1.83 -4.94 0.85
C VAL A 39 3.14 -4.21 0.57
N MET A 40 3.60 -4.30 -0.67
CA MET A 40 4.85 -3.63 -1.07
C MET A 40 4.57 -2.31 -1.77
N VAL A 41 5.16 -1.24 -1.25
CA VAL A 41 4.98 0.09 -1.82
C VAL A 41 6.23 0.55 -2.56
N TYR A 42 6.13 1.69 -3.23
CA TYR A 42 7.26 2.25 -3.98
C TYR A 42 7.22 3.77 -3.96
N GLY A 43 8.39 4.38 -3.78
CA GLY A 43 8.48 5.83 -3.76
C GLY A 43 7.59 6.44 -2.69
N PRO A 44 7.61 7.78 -2.59
CA PRO A 44 6.81 8.51 -1.61
C PRO A 44 5.31 8.44 -1.91
N MET A 45 4.53 9.23 -1.16
CA MET A 45 3.09 9.24 -1.35
C MET A 45 2.66 10.45 -2.18
N ASP A 46 1.37 10.56 -2.44
CA ASP A 46 0.83 11.67 -3.22
C ASP A 46 0.37 12.80 -2.31
N ASP A 47 -0.13 13.87 -2.93
CA ASP A 47 -0.60 15.03 -2.17
C ASP A 47 -1.67 14.62 -1.17
N GLN A 48 -2.48 13.63 -1.54
CA GLN A 48 -3.54 13.15 -0.66
C GLN A 48 -2.98 12.31 0.48
N GLY A 49 -1.81 11.71 0.24
CA GLY A 49 -1.19 10.88 1.26
C GLY A 49 -1.36 9.40 0.98
N PHE A 50 -1.31 9.03 -0.29
CA PHE A 50 -1.46 7.63 -0.69
C PHE A 50 -0.17 7.10 -1.30
N TYR A 51 0.14 5.84 -1.01
CA TYR A 51 1.35 5.21 -1.53
C TYR A 51 1.04 4.36 -2.75
N TYR A 52 2.06 4.08 -3.55
CA TYR A 52 1.89 3.28 -4.75
C TYR A 52 2.43 1.85 -4.54
N GLY A 53 1.53 0.93 -4.21
CA GLY A 53 1.94 -0.44 -3.98
C GLY A 53 1.00 -1.43 -4.65
N GLU A 54 1.23 -2.71 -4.41
CA GLU A 54 0.40 -3.77 -4.99
C GLU A 54 0.29 -4.97 -4.04
N LEU A 55 -0.91 -5.48 -3.90
CA LEU A 55 -1.15 -6.63 -3.02
C LEU A 55 -2.01 -7.68 -3.72
N GLY A 56 -1.42 -8.83 -3.99
CA GLY A 56 -2.14 -9.91 -4.65
C GLY A 56 -2.05 -9.82 -6.16
N GLY A 57 -0.99 -9.20 -6.65
CA GLY A 57 -0.82 -9.06 -8.09
C GLY A 57 -1.64 -7.93 -8.67
N HIS A 58 -2.05 -7.00 -7.81
CA HIS A 58 -2.85 -5.86 -8.24
C HIS A 58 -2.25 -4.55 -7.76
N ARG A 59 -1.84 -3.71 -8.70
CA ARG A 59 -1.24 -2.42 -8.37
C ARG A 59 -2.32 -1.37 -8.11
N GLY A 60 -1.97 -0.33 -7.35
CA GLY A 60 -2.91 0.72 -7.05
C GLY A 60 -2.48 1.56 -5.86
N LEU A 61 -3.23 2.62 -5.58
CA LEU A 61 -2.92 3.51 -4.47
C LEU A 61 -3.37 2.90 -3.15
N VAL A 62 -2.58 3.12 -2.10
CA VAL A 62 -2.89 2.60 -0.77
C VAL A 62 -2.80 3.69 0.28
N PRO A 63 -3.52 3.50 1.40
CA PRO A 63 -3.53 4.46 2.51
C PRO A 63 -2.20 4.49 3.25
N ALA A 64 -1.62 5.68 3.37
CA ALA A 64 -0.35 5.85 4.07
C ALA A 64 -0.57 6.06 5.55
N HIS A 65 -1.81 5.92 5.99
CA HIS A 65 -2.15 6.10 7.40
C HIS A 65 -2.62 4.78 8.02
N LEU A 66 -3.17 3.91 7.19
CA LEU A 66 -3.66 2.62 7.66
C LEU A 66 -2.52 1.60 7.74
N LEU A 67 -1.50 1.80 6.93
CA LEU A 67 -0.34 0.91 6.91
C LEU A 67 0.51 1.10 8.17
N ASP A 68 1.42 0.15 8.40
CA ASP A 68 2.30 0.22 9.57
C ASP A 68 3.73 -0.12 9.19
N HIS A 69 4.67 0.70 9.66
CA HIS A 69 6.08 0.49 9.36
C HIS A 69 6.65 -0.65 10.20
N MET A 70 6.84 -1.81 9.56
CA MET A 70 7.37 -2.97 10.25
C MET A 70 8.72 -2.66 10.91
N SER A 71 8.87 -3.08 12.16
CA SER A 71 10.09 -2.83 12.91
C SER A 71 11.14 -3.89 12.58
N LEU A 72 12.39 -3.59 12.91
CA LEU A 72 13.49 -4.51 12.66
C LEU A 72 14.40 -4.63 13.88
N HIS A 73 14.83 -5.85 14.18
CA HIS A 73 15.69 -6.10 15.32
C HIS A 73 17.17 -5.99 14.92
N GLY A 74 18.06 -6.03 15.91
CA GLY A 74 19.48 -5.93 15.64
C GLY A 74 19.91 -4.53 15.25
N HIS A 75 21.01 -4.43 14.53
CA HIS A 75 21.52 -3.14 14.09
C HIS A 75 22.19 -3.24 12.73
N GLY A 1 23.35 2.44 -17.10
CA GLY A 1 24.16 1.48 -16.38
C GLY A 1 23.36 0.28 -15.89
N SER A 2 22.61 0.49 -14.80
CA SER A 2 21.79 -0.57 -14.23
C SER A 2 20.43 -0.04 -13.80
N SER A 3 19.39 -0.83 -14.06
CA SER A 3 18.03 -0.43 -13.70
C SER A 3 17.45 -1.37 -12.65
N GLY A 4 16.79 -0.79 -11.65
CA GLY A 4 16.19 -1.59 -10.59
C GLY A 4 16.05 -0.81 -9.30
N SER A 5 14.84 -0.81 -8.74
CA SER A 5 14.57 -0.11 -7.50
C SER A 5 14.05 -1.06 -6.43
N SER A 6 14.19 -0.66 -5.17
CA SER A 6 13.73 -1.48 -4.05
C SER A 6 12.55 -0.82 -3.34
N GLY A 7 11.42 -1.53 -3.30
CA GLY A 7 10.23 -1.00 -2.66
C GLY A 7 10.23 -1.26 -1.17
N LYS A 8 9.31 -0.61 -0.46
CA LYS A 8 9.19 -0.78 0.98
C LYS A 8 8.13 -1.82 1.33
N ILE A 9 8.20 -2.36 2.54
CA ILE A 9 7.26 -3.36 3.00
C ILE A 9 6.45 -2.86 4.19
N MET A 10 5.13 -2.79 4.02
CA MET A 10 4.24 -2.33 5.09
C MET A 10 3.06 -3.28 5.26
N ILE A 11 2.39 -3.16 6.40
CA ILE A 11 1.24 -4.01 6.69
C ILE A 11 0.00 -3.17 7.02
N ALA A 12 -1.15 -3.62 6.53
CA ALA A 12 -2.40 -2.91 6.78
C ALA A 12 -2.86 -3.10 8.22
N ALA A 13 -2.66 -2.06 9.03
CA ALA A 13 -3.07 -2.12 10.43
C ALA A 13 -4.57 -2.32 10.57
N LEU A 14 -5.30 -1.95 9.52
CA LEU A 14 -6.76 -2.09 9.51
C LEU A 14 -7.26 -2.60 8.16
N ASP A 15 -8.48 -3.11 8.14
CA ASP A 15 -9.08 -3.61 6.91
C ASP A 15 -9.63 -2.48 6.06
N TYR A 16 -8.94 -2.16 4.98
CA TYR A 16 -9.35 -1.08 4.09
C TYR A 16 -10.14 -1.65 2.90
N ASP A 17 -11.43 -1.33 2.86
CA ASP A 17 -12.30 -1.80 1.80
C ASP A 17 -12.82 -0.63 0.97
N PRO A 18 -11.95 -0.03 0.15
CA PRO A 18 -12.30 1.11 -0.71
C PRO A 18 -13.24 0.71 -1.83
N GLY A 19 -13.31 -0.59 -2.11
CA GLY A 19 -14.18 -1.06 -3.17
C GLY A 19 -15.60 -0.59 -3.02
N ASP A 20 -16.02 -0.37 -1.78
CA ASP A 20 -17.37 0.09 -1.50
C ASP A 20 -17.62 1.46 -2.11
N GLY A 21 -16.64 2.35 -2.01
CA GLY A 21 -16.78 3.68 -2.56
C GLY A 21 -15.58 4.07 -3.41
N GLN A 22 -15.35 3.32 -4.49
CA GLN A 22 -14.24 3.60 -5.38
C GLN A 22 -14.34 5.02 -5.96
N MET A 23 -13.30 5.43 -6.67
CA MET A 23 -13.27 6.75 -7.28
C MET A 23 -14.51 6.99 -8.14
N GLY A 24 -14.80 6.03 -9.01
CA GLY A 24 -15.96 6.15 -9.89
C GLY A 24 -15.88 5.22 -11.08
N GLY A 25 -16.13 3.94 -10.84
CA GLY A 25 -16.09 2.96 -11.92
C GLY A 25 -14.90 2.01 -11.78
N GLN A 26 -14.61 1.29 -12.86
CA GLN A 26 -13.50 0.35 -12.87
C GLN A 26 -12.20 1.04 -13.26
N GLY A 27 -11.15 0.78 -12.48
CA GLY A 27 -9.86 1.38 -12.76
C GLY A 27 -9.63 2.65 -11.95
N LYS A 28 -8.36 3.00 -11.75
CA LYS A 28 -8.01 4.20 -11.00
C LYS A 28 -8.60 4.14 -9.58
N GLY A 29 -8.71 2.93 -9.05
CA GLY A 29 -9.24 2.76 -7.71
C GLY A 29 -8.21 2.26 -6.72
N ARG A 30 -8.36 2.64 -5.46
CA ARG A 30 -7.42 2.24 -4.42
C ARG A 30 -7.44 0.72 -4.24
N LEU A 31 -6.48 0.21 -3.49
CA LEU A 31 -6.37 -1.23 -3.24
C LEU A 31 -6.96 -1.58 -1.88
N ALA A 32 -7.71 -2.69 -1.84
CA ALA A 32 -8.33 -3.15 -0.60
C ALA A 32 -7.34 -3.96 0.23
N LEU A 33 -6.96 -3.43 1.38
CA LEU A 33 -6.02 -4.12 2.27
C LEU A 33 -6.75 -4.78 3.42
N ARG A 34 -6.13 -5.79 4.02
CA ARG A 34 -6.72 -6.50 5.14
C ARG A 34 -5.79 -6.48 6.35
N ALA A 35 -6.38 -6.55 7.54
CA ALA A 35 -5.62 -6.54 8.78
C ALA A 35 -4.50 -7.59 8.74
N GLY A 36 -3.28 -7.15 8.52
CA GLY A 36 -2.15 -8.06 8.47
C GLY A 36 -1.75 -8.41 7.05
N ASP A 37 -2.06 -7.52 6.11
CA ASP A 37 -1.73 -7.73 4.71
C ASP A 37 -0.42 -7.05 4.35
N VAL A 38 0.65 -7.83 4.26
CA VAL A 38 1.97 -7.29 3.91
C VAL A 38 2.02 -6.82 2.47
N VAL A 39 1.79 -5.53 2.25
CA VAL A 39 1.80 -4.96 0.91
C VAL A 39 3.12 -4.24 0.64
N MET A 40 3.58 -4.32 -0.60
CA MET A 40 4.82 -3.68 -0.99
C MET A 40 4.55 -2.36 -1.72
N VAL A 41 5.16 -1.29 -1.23
CA VAL A 41 4.99 0.03 -1.83
C VAL A 41 6.26 0.48 -2.55
N TYR A 42 6.16 1.60 -3.25
CA TYR A 42 7.31 2.14 -3.98
C TYR A 42 7.28 3.67 -3.99
N GLY A 43 8.45 4.27 -3.88
CA GLY A 43 8.54 5.73 -3.88
C GLY A 43 7.66 6.35 -2.81
N PRO A 44 7.67 7.70 -2.76
CA PRO A 44 6.88 8.45 -1.78
C PRO A 44 5.38 8.36 -2.05
N MET A 45 4.60 9.15 -1.31
CA MET A 45 3.15 9.16 -1.47
C MET A 45 2.71 10.37 -2.28
N ASP A 46 1.39 10.49 -2.49
CA ASP A 46 0.84 11.60 -3.25
C ASP A 46 0.44 12.75 -2.33
N ASP A 47 -0.06 13.83 -2.91
CA ASP A 47 -0.48 14.99 -2.14
C ASP A 47 -1.55 14.61 -1.11
N GLN A 48 -2.41 13.68 -1.49
CA GLN A 48 -3.48 13.23 -0.60
C GLN A 48 -2.93 12.36 0.53
N GLY A 49 -1.78 11.74 0.28
CA GLY A 49 -1.17 10.90 1.28
C GLY A 49 -1.34 9.42 0.99
N PHE A 50 -1.26 9.05 -0.28
CA PHE A 50 -1.41 7.66 -0.69
C PHE A 50 -0.12 7.12 -1.29
N TYR A 51 0.19 5.86 -0.98
CA TYR A 51 1.40 5.23 -1.48
C TYR A 51 1.10 4.39 -2.72
N TYR A 52 2.14 4.06 -3.47
CA TYR A 52 1.99 3.26 -4.68
C TYR A 52 2.51 1.84 -4.46
N GLY A 53 1.58 0.93 -4.19
CA GLY A 53 1.97 -0.46 -3.96
C GLY A 53 1.00 -1.43 -4.61
N GLU A 54 1.21 -2.72 -4.36
CA GLU A 54 0.36 -3.76 -4.92
C GLU A 54 0.28 -4.97 -4.00
N LEU A 55 -0.93 -5.50 -3.82
CA LEU A 55 -1.14 -6.66 -2.95
C LEU A 55 -1.95 -7.73 -3.68
N GLY A 56 -1.31 -8.85 -3.99
CA GLY A 56 -1.99 -9.93 -4.66
C GLY A 56 -1.94 -9.79 -6.17
N GLY A 57 -0.93 -9.08 -6.66
CA GLY A 57 -0.80 -8.88 -8.10
C GLY A 57 -1.68 -7.76 -8.61
N HIS A 58 -2.11 -6.89 -7.71
CA HIS A 58 -2.97 -5.76 -8.07
C HIS A 58 -2.37 -4.45 -7.59
N ARG A 59 -1.94 -3.62 -8.53
CA ARG A 59 -1.35 -2.33 -8.21
C ARG A 59 -2.43 -1.28 -7.97
N GLY A 60 -2.07 -0.21 -7.25
CA GLY A 60 -3.01 0.85 -6.96
C GLY A 60 -2.59 1.71 -5.78
N LEU A 61 -3.28 2.82 -5.58
CA LEU A 61 -2.96 3.73 -4.49
C LEU A 61 -3.47 3.19 -3.17
N VAL A 62 -2.58 3.14 -2.17
CA VAL A 62 -2.92 2.63 -0.85
C VAL A 62 -2.82 3.74 0.20
N PRO A 63 -3.56 3.57 1.30
CA PRO A 63 -3.56 4.54 2.41
C PRO A 63 -2.24 4.55 3.17
N ALA A 64 -1.67 5.74 3.33
CA ALA A 64 -0.40 5.88 4.04
C ALA A 64 -0.64 6.13 5.53
N HIS A 65 -1.87 5.92 5.97
CA HIS A 65 -2.23 6.10 7.37
C HIS A 65 -2.68 4.80 8.00
N LEU A 66 -3.22 3.90 7.18
CA LEU A 66 -3.69 2.60 7.65
C LEU A 66 -2.54 1.61 7.75
N LEU A 67 -1.53 1.78 6.90
CA LEU A 67 -0.37 0.90 6.90
C LEU A 67 0.47 1.10 8.15
N ASP A 68 1.38 0.17 8.40
CA ASP A 68 2.25 0.24 9.56
C ASP A 68 3.69 -0.09 9.19
N HIS A 69 4.63 0.72 9.69
CA HIS A 69 6.05 0.51 9.41
C HIS A 69 6.61 -0.64 10.24
N MET A 70 6.79 -1.78 9.59
CA MET A 70 7.33 -2.96 10.27
C MET A 70 8.67 -2.65 10.94
N SER A 71 8.92 -3.31 12.06
CA SER A 71 10.17 -3.10 12.79
C SER A 71 11.28 -3.99 12.24
N LEU A 72 12.32 -3.35 11.69
CA LEU A 72 13.44 -4.08 11.13
C LEU A 72 14.62 -4.12 12.11
N HIS A 73 15.42 -5.17 12.04
CA HIS A 73 16.58 -5.32 12.92
C HIS A 73 17.87 -5.29 12.11
N GLY A 74 18.96 -4.88 12.77
CA GLY A 74 20.24 -4.81 12.10
C GLY A 74 21.40 -4.85 13.08
N HIS A 75 22.51 -4.24 12.69
CA HIS A 75 23.71 -4.20 13.54
C HIS A 75 24.15 -5.62 13.90
N GLY A 1 24.92 -7.94 -10.71
CA GLY A 1 24.68 -8.88 -9.64
C GLY A 1 23.51 -8.47 -8.76
N SER A 2 23.26 -7.17 -8.67
CA SER A 2 22.17 -6.65 -7.86
C SER A 2 20.93 -6.41 -8.72
N SER A 3 19.75 -6.63 -8.13
CA SER A 3 18.49 -6.45 -8.84
C SER A 3 18.43 -5.06 -9.47
N GLY A 4 18.60 -4.03 -8.64
CA GLY A 4 18.54 -2.66 -9.14
C GLY A 4 17.77 -1.75 -8.23
N SER A 5 16.44 -1.90 -8.22
CA SER A 5 15.58 -1.08 -7.39
C SER A 5 15.17 -1.82 -6.11
N SER A 6 14.66 -1.07 -5.14
CA SER A 6 14.23 -1.66 -3.87
C SER A 6 12.92 -1.05 -3.41
N GLY A 7 11.98 -1.90 -3.01
CA GLY A 7 10.69 -1.43 -2.54
C GLY A 7 10.55 -1.53 -1.04
N LYS A 8 9.49 -0.91 -0.51
CA LYS A 8 9.24 -0.94 0.92
C LYS A 8 8.18 -1.97 1.28
N ILE A 9 8.16 -2.40 2.54
CA ILE A 9 7.19 -3.39 2.99
C ILE A 9 6.39 -2.86 4.17
N MET A 10 5.06 -2.83 4.03
CA MET A 10 4.19 -2.35 5.09
C MET A 10 2.99 -3.28 5.27
N ILE A 11 2.36 -3.21 6.43
CA ILE A 11 1.21 -4.05 6.72
C ILE A 11 -0.02 -3.20 7.03
N ALA A 12 -1.18 -3.64 6.55
CA ALA A 12 -2.43 -2.92 6.78
C ALA A 12 -2.90 -3.09 8.22
N ALA A 13 -2.68 -2.08 9.04
CA ALA A 13 -3.09 -2.12 10.44
C ALA A 13 -4.60 -2.31 10.57
N LEU A 14 -5.32 -1.98 9.50
CA LEU A 14 -6.77 -2.11 9.50
C LEU A 14 -7.26 -2.63 8.15
N ASP A 15 -8.51 -3.12 8.13
CA ASP A 15 -9.09 -3.65 6.90
C ASP A 15 -9.67 -2.51 6.05
N TYR A 16 -8.96 -2.17 4.97
CA TYR A 16 -9.41 -1.11 4.08
C TYR A 16 -10.19 -1.68 2.91
N ASP A 17 -11.45 -1.29 2.80
CA ASP A 17 -12.30 -1.77 1.71
C ASP A 17 -12.79 -0.59 0.86
N PRO A 18 -11.88 -0.03 0.04
CA PRO A 18 -12.20 1.08 -0.84
C PRO A 18 -13.13 0.69 -1.99
N GLY A 19 -13.36 -0.61 -2.13
CA GLY A 19 -14.23 -1.10 -3.19
C GLY A 19 -15.57 -0.41 -3.19
N ASP A 20 -16.00 0.05 -2.02
CA ASP A 20 -17.29 0.73 -1.89
C ASP A 20 -17.21 2.15 -2.44
N GLY A 21 -17.69 2.32 -3.67
CA GLY A 21 -17.67 3.63 -4.30
C GLY A 21 -16.35 3.93 -4.97
N GLN A 22 -15.59 2.88 -5.28
CA GLN A 22 -14.30 3.03 -5.92
C GLN A 22 -14.41 3.87 -7.19
N MET A 23 -15.58 3.83 -7.82
CA MET A 23 -15.83 4.60 -9.04
C MET A 23 -15.46 6.07 -8.85
N GLY A 24 -16.24 6.76 -8.02
CA GLY A 24 -15.98 8.17 -7.76
C GLY A 24 -15.93 8.99 -9.04
N GLY A 25 -14.72 9.31 -9.48
CA GLY A 25 -14.57 10.10 -10.69
C GLY A 25 -13.57 9.49 -11.66
N GLN A 26 -12.52 8.89 -11.13
CA GLN A 26 -11.49 8.27 -11.95
C GLN A 26 -11.85 6.81 -12.25
N GLY A 27 -11.02 6.16 -13.06
CA GLY A 27 -11.26 4.77 -13.41
C GLY A 27 -10.67 3.81 -12.39
N LYS A 28 -9.34 3.76 -12.32
CA LYS A 28 -8.66 2.87 -11.39
C LYS A 28 -8.89 3.32 -9.95
N GLY A 29 -9.26 2.37 -9.09
CA GLY A 29 -9.51 2.68 -7.69
C GLY A 29 -8.35 2.28 -6.80
N ARG A 30 -8.54 2.40 -5.49
CA ARG A 30 -7.51 2.05 -4.52
C ARG A 30 -7.45 0.54 -4.33
N LEU A 31 -6.45 0.09 -3.58
CA LEU A 31 -6.28 -1.34 -3.32
C LEU A 31 -6.85 -1.71 -1.95
N ALA A 32 -7.66 -2.76 -1.92
CA ALA A 32 -8.28 -3.22 -0.68
C ALA A 32 -7.29 -4.01 0.16
N LEU A 33 -7.04 -3.54 1.38
CA LEU A 33 -6.11 -4.21 2.29
C LEU A 33 -6.85 -4.83 3.47
N ARG A 34 -6.21 -5.81 4.10
CA ARG A 34 -6.81 -6.50 5.24
C ARG A 34 -5.86 -6.46 6.45
N ALA A 35 -6.44 -6.56 7.63
CA ALA A 35 -5.65 -6.55 8.86
C ALA A 35 -4.56 -7.60 8.83
N GLY A 36 -3.33 -7.16 8.56
CA GLY A 36 -2.22 -8.09 8.50
C GLY A 36 -1.83 -8.43 7.08
N ASP A 37 -2.11 -7.54 6.15
CA ASP A 37 -1.79 -7.75 4.75
C ASP A 37 -0.48 -7.07 4.37
N VAL A 38 0.58 -7.85 4.25
CA VAL A 38 1.89 -7.32 3.89
C VAL A 38 1.93 -6.87 2.43
N VAL A 39 1.83 -5.56 2.22
CA VAL A 39 1.86 -5.01 0.88
C VAL A 39 3.18 -4.29 0.60
N MET A 40 3.63 -4.35 -0.65
CA MET A 40 4.88 -3.70 -1.04
C MET A 40 4.61 -2.39 -1.77
N VAL A 41 5.17 -1.30 -1.26
CA VAL A 41 4.99 0.01 -1.87
C VAL A 41 6.30 0.53 -2.45
N TYR A 42 6.20 1.56 -3.28
CA TYR A 42 7.37 2.16 -3.91
C TYR A 42 7.28 3.69 -3.91
N GLY A 43 8.43 4.34 -3.81
CA GLY A 43 8.46 5.79 -3.80
C GLY A 43 7.61 6.38 -2.70
N PRO A 44 7.63 7.72 -2.58
CA PRO A 44 6.86 8.44 -1.56
C PRO A 44 5.36 8.39 -1.82
N MET A 45 4.61 9.17 -1.06
CA MET A 45 3.15 9.20 -1.21
C MET A 45 2.73 10.47 -1.96
N ASP A 46 1.44 10.53 -2.31
CA ASP A 46 0.91 11.67 -3.03
C ASP A 46 0.57 12.81 -2.07
N ASP A 47 -0.10 13.83 -2.60
CA ASP A 47 -0.48 14.99 -1.78
C ASP A 47 -1.56 14.61 -0.77
N GLN A 48 -2.38 13.63 -1.12
CA GLN A 48 -3.46 13.18 -0.25
C GLN A 48 -2.91 12.27 0.85
N GLY A 49 -1.80 11.60 0.56
CA GLY A 49 -1.20 10.70 1.53
C GLY A 49 -1.40 9.24 1.18
N PHE A 50 -1.19 8.91 -0.09
CA PHE A 50 -1.36 7.53 -0.56
C PHE A 50 -0.07 7.01 -1.18
N TYR A 51 0.23 5.75 -0.93
CA TYR A 51 1.44 5.13 -1.46
C TYR A 51 1.12 4.29 -2.69
N TYR A 52 2.16 3.96 -3.45
CA TYR A 52 1.99 3.16 -4.66
C TYR A 52 2.51 1.74 -4.46
N GLY A 53 1.59 0.82 -4.20
CA GLY A 53 1.98 -0.56 -3.99
C GLY A 53 1.01 -1.54 -4.64
N GLU A 54 1.23 -2.83 -4.42
CA GLU A 54 0.38 -3.86 -4.99
C GLU A 54 0.27 -5.06 -4.04
N LEU A 55 -0.95 -5.56 -3.88
CA LEU A 55 -1.20 -6.70 -3.01
C LEU A 55 -2.09 -7.74 -3.70
N GLY A 56 -1.50 -8.90 -4.01
CA GLY A 56 -2.25 -9.95 -4.67
C GLY A 56 -2.21 -9.83 -6.18
N GLY A 57 -1.18 -9.16 -6.69
CA GLY A 57 -1.05 -8.99 -8.13
C GLY A 57 -1.88 -7.84 -8.65
N HIS A 58 -2.27 -6.93 -7.76
CA HIS A 58 -3.08 -5.78 -8.13
C HIS A 58 -2.43 -4.49 -7.66
N ARG A 59 -2.02 -3.65 -8.61
CA ARG A 59 -1.39 -2.37 -8.28
C ARG A 59 -2.43 -1.29 -8.05
N GLY A 60 -2.05 -0.25 -7.30
CA GLY A 60 -2.97 0.83 -7.02
C GLY A 60 -2.50 1.69 -5.86
N LEU A 61 -3.28 2.73 -5.53
CA LEU A 61 -2.93 3.63 -4.44
C LEU A 61 -3.42 3.07 -3.10
N VAL A 62 -2.53 3.05 -2.12
CA VAL A 62 -2.86 2.55 -0.80
C VAL A 62 -2.78 3.65 0.26
N PRO A 63 -3.50 3.47 1.36
CA PRO A 63 -3.52 4.44 2.47
C PRO A 63 -2.19 4.48 3.23
N ALA A 64 -1.62 5.68 3.35
CA ALA A 64 -0.37 5.86 4.05
C ALA A 64 -0.59 6.09 5.54
N HIS A 65 -1.83 5.91 5.98
CA HIS A 65 -2.18 6.10 7.38
C HIS A 65 -2.66 4.79 8.00
N LEU A 66 -3.18 3.90 7.17
CA LEU A 66 -3.67 2.60 7.64
C LEU A 66 -2.53 1.60 7.73
N LEU A 67 -1.51 1.77 6.91
CA LEU A 67 -0.36 0.88 6.91
C LEU A 67 0.48 1.06 8.17
N ASP A 68 1.38 0.13 8.42
CA ASP A 68 2.25 0.19 9.59
C ASP A 68 3.69 -0.15 9.22
N HIS A 69 4.64 0.62 9.74
CA HIS A 69 6.05 0.39 9.46
C HIS A 69 6.57 -0.79 10.29
N MET A 70 6.75 -1.93 9.64
CA MET A 70 7.25 -3.12 10.30
C MET A 70 8.56 -2.82 11.03
N SER A 71 9.39 -1.96 10.43
CA SER A 71 10.67 -1.61 11.02
C SER A 71 10.63 -0.18 11.58
N LEU A 72 11.51 0.09 12.53
CA LEU A 72 11.58 1.41 13.14
C LEU A 72 12.83 2.17 12.69
N HIS A 73 12.63 3.22 11.90
CA HIS A 73 13.73 4.02 11.39
C HIS A 73 14.24 4.97 12.47
N GLY A 74 15.51 5.38 12.34
CA GLY A 74 16.10 6.29 13.32
C GLY A 74 16.48 5.59 14.60
N HIS A 75 16.43 6.33 15.70
CA HIS A 75 16.78 5.78 17.01
C HIS A 75 15.57 5.13 17.67
N GLY A 1 18.91 -3.67 6.98
CA GLY A 1 18.56 -3.84 5.59
C GLY A 1 18.57 -2.53 4.82
N SER A 2 19.38 -2.49 3.76
CA SER A 2 19.49 -1.28 2.95
C SER A 2 18.11 -0.81 2.48
N SER A 3 17.85 0.48 2.62
CA SER A 3 16.58 1.06 2.22
C SER A 3 16.75 1.99 1.02
N GLY A 4 15.72 2.07 0.18
CA GLY A 4 15.78 2.93 -0.98
C GLY A 4 16.01 2.15 -2.26
N SER A 5 17.09 1.37 -2.30
CA SER A 5 17.42 0.57 -3.47
C SER A 5 16.29 -0.39 -3.81
N SER A 6 15.56 -0.83 -2.78
CA SER A 6 14.44 -1.76 -2.97
C SER A 6 13.15 -1.17 -2.44
N GLY A 7 12.03 -1.71 -2.89
CA GLY A 7 10.73 -1.23 -2.45
C GLY A 7 10.56 -1.33 -0.95
N LYS A 8 9.51 -0.70 -0.44
CA LYS A 8 9.23 -0.72 1.00
C LYS A 8 8.12 -1.73 1.32
N ILE A 9 8.19 -2.31 2.51
CA ILE A 9 7.19 -3.28 2.94
C ILE A 9 6.40 -2.77 4.13
N MET A 10 5.09 -2.72 3.98
CA MET A 10 4.21 -2.25 5.05
C MET A 10 3.02 -3.17 5.23
N ILE A 11 2.41 -3.14 6.41
CA ILE A 11 1.25 -3.98 6.69
C ILE A 11 0.02 -3.13 7.02
N ALA A 12 -1.13 -3.56 6.53
CA ALA A 12 -2.39 -2.85 6.76
C ALA A 12 -2.85 -3.03 8.20
N ALA A 13 -2.63 -2.01 9.03
CA ALA A 13 -3.03 -2.05 10.42
C ALA A 13 -4.54 -2.24 10.56
N LEU A 14 -5.27 -1.91 9.50
CA LEU A 14 -6.72 -2.04 9.50
C LEU A 14 -7.22 -2.56 8.15
N ASP A 15 -8.45 -3.06 8.14
CA ASP A 15 -9.05 -3.58 6.92
C ASP A 15 -9.64 -2.46 6.07
N TYR A 16 -8.95 -2.13 4.99
CA TYR A 16 -9.41 -1.06 4.09
C TYR A 16 -10.20 -1.63 2.91
N ASP A 17 -11.46 -1.24 2.83
CA ASP A 17 -12.33 -1.72 1.75
C ASP A 17 -12.82 -0.55 0.90
N PRO A 18 -11.93 0.00 0.07
CA PRO A 18 -12.25 1.13 -0.80
C PRO A 18 -13.19 0.73 -1.94
N GLY A 19 -13.42 -0.57 -2.08
CA GLY A 19 -14.30 -1.07 -3.12
C GLY A 19 -15.64 -0.37 -3.11
N ASP A 20 -16.06 0.09 -1.94
CA ASP A 20 -17.35 0.77 -1.81
C ASP A 20 -17.23 2.24 -2.22
N GLY A 21 -17.66 2.54 -3.43
CA GLY A 21 -17.60 3.90 -3.92
C GLY A 21 -16.26 4.23 -4.56
N GLN A 22 -15.54 3.19 -4.98
CA GLN A 22 -14.23 3.37 -5.60
C GLN A 22 -14.33 4.29 -6.82
N MET A 23 -15.51 4.33 -7.42
CA MET A 23 -15.74 5.16 -8.60
C MET A 23 -15.31 6.60 -8.33
N GLY A 24 -15.40 7.03 -7.07
CA GLY A 24 -15.01 8.37 -6.71
C GLY A 24 -13.50 8.57 -6.72
N GLY A 25 -12.94 8.76 -7.90
CA GLY A 25 -11.50 8.95 -8.01
C GLY A 25 -11.10 9.51 -9.37
N GLN A 26 -9.79 9.49 -9.64
CA GLN A 26 -9.28 10.00 -10.91
C GLN A 26 -9.53 9.01 -12.04
N GLY A 27 -8.85 7.87 -11.98
CA GLY A 27 -9.01 6.86 -13.01
C GLY A 27 -9.18 5.47 -12.42
N LYS A 28 -8.15 5.00 -11.73
CA LYS A 28 -8.19 3.67 -11.12
C LYS A 28 -8.54 3.76 -9.64
N GLY A 29 -9.13 2.70 -9.11
CA GLY A 29 -9.51 2.67 -7.72
C GLY A 29 -8.36 2.27 -6.81
N ARG A 30 -8.57 2.39 -5.50
CA ARG A 30 -7.56 2.04 -4.52
C ARG A 30 -7.50 0.52 -4.31
N LEU A 31 -6.49 0.08 -3.56
CA LEU A 31 -6.34 -1.34 -3.28
C LEU A 31 -6.92 -1.70 -1.92
N ALA A 32 -7.72 -2.76 -1.89
CA ALA A 32 -8.34 -3.20 -0.63
C ALA A 32 -7.35 -4.00 0.22
N LEU A 33 -7.01 -3.46 1.38
CA LEU A 33 -6.08 -4.11 2.28
C LEU A 33 -6.82 -4.75 3.45
N ARG A 34 -6.16 -5.71 4.11
CA ARG A 34 -6.76 -6.40 5.25
C ARG A 34 -5.82 -6.37 6.45
N ALA A 35 -6.39 -6.49 7.64
CA ALA A 35 -5.60 -6.47 8.87
C ALA A 35 -4.51 -7.53 8.83
N GLY A 36 -3.28 -7.10 8.55
CA GLY A 36 -2.16 -8.02 8.49
C GLY A 36 -1.77 -8.36 7.06
N ASP A 37 -2.09 -7.47 6.13
CA ASP A 37 -1.77 -7.69 4.72
C ASP A 37 -0.45 -7.01 4.35
N VAL A 38 0.61 -7.80 4.24
CA VAL A 38 1.92 -7.28 3.90
C VAL A 38 1.96 -6.83 2.44
N VAL A 39 1.88 -5.53 2.22
CA VAL A 39 1.90 -4.97 0.87
C VAL A 39 3.20 -4.22 0.62
N MET A 40 3.68 -4.27 -0.63
CA MET A 40 4.92 -3.59 -1.00
C MET A 40 4.62 -2.30 -1.75
N VAL A 41 5.18 -1.20 -1.26
CA VAL A 41 4.98 0.11 -1.88
C VAL A 41 6.28 0.65 -2.47
N TYR A 42 6.16 1.65 -3.33
CA TYR A 42 7.33 2.25 -3.97
C TYR A 42 7.22 3.77 -3.98
N GLY A 43 8.36 4.45 -3.91
CA GLY A 43 8.38 5.89 -3.92
C GLY A 43 7.53 6.49 -2.80
N PRO A 44 7.53 7.82 -2.71
CA PRO A 44 6.76 8.54 -1.68
C PRO A 44 5.25 8.45 -1.91
N MET A 45 4.50 9.22 -1.14
CA MET A 45 3.04 9.22 -1.26
C MET A 45 2.57 10.45 -2.04
N ASP A 46 1.27 10.46 -2.38
CA ASP A 46 0.70 11.58 -3.12
C ASP A 46 0.30 12.71 -2.18
N ASP A 47 -0.20 13.80 -2.75
CA ASP A 47 -0.61 14.96 -1.97
C ASP A 47 -1.68 14.57 -0.95
N GLN A 48 -2.52 13.62 -1.32
CA GLN A 48 -3.58 13.16 -0.44
C GLN A 48 -3.03 12.26 0.67
N GLY A 49 -1.90 11.62 0.39
CA GLY A 49 -1.28 10.75 1.37
C GLY A 49 -1.46 9.29 1.04
N PHE A 50 -1.32 8.95 -0.23
CA PHE A 50 -1.46 7.57 -0.68
C PHE A 50 -0.16 7.05 -1.30
N TYR A 51 0.16 5.80 -1.02
CA TYR A 51 1.38 5.18 -1.55
C TYR A 51 1.07 4.34 -2.78
N TYR A 52 2.10 4.01 -3.54
CA TYR A 52 1.95 3.20 -4.75
C TYR A 52 2.51 1.80 -4.54
N GLY A 53 1.60 0.85 -4.29
CA GLY A 53 2.02 -0.52 -4.08
C GLY A 53 1.06 -1.52 -4.70
N GLU A 54 1.27 -2.80 -4.41
CA GLU A 54 0.42 -3.86 -4.95
C GLU A 54 0.34 -5.03 -3.99
N LEU A 55 -0.87 -5.56 -3.81
CA LEU A 55 -1.09 -6.68 -2.92
C LEU A 55 -1.93 -7.77 -3.59
N GLY A 56 -1.29 -8.86 -3.97
CA GLY A 56 -2.00 -9.95 -4.63
C GLY A 56 -2.00 -9.82 -6.13
N GLY A 57 -0.95 -9.22 -6.68
CA GLY A 57 -0.86 -9.03 -8.11
C GLY A 57 -1.76 -7.91 -8.61
N HIS A 58 -2.13 -7.02 -7.71
CA HIS A 58 -3.00 -5.89 -8.06
C HIS A 58 -2.38 -4.56 -7.60
N ARG A 59 -1.99 -3.73 -8.57
CA ARG A 59 -1.39 -2.45 -8.26
C ARG A 59 -2.45 -1.39 -8.01
N GLY A 60 -2.06 -0.31 -7.35
CA GLY A 60 -3.00 0.77 -7.05
C GLY A 60 -2.55 1.63 -5.89
N LEU A 61 -3.31 2.68 -5.61
CA LEU A 61 -2.99 3.59 -4.51
C LEU A 61 -3.46 3.03 -3.17
N VAL A 62 -2.57 3.05 -2.18
CA VAL A 62 -2.91 2.55 -0.86
C VAL A 62 -2.81 3.65 0.19
N PRO A 63 -3.54 3.48 1.30
CA PRO A 63 -3.55 4.46 2.40
C PRO A 63 -2.23 4.50 3.15
N ALA A 64 -1.67 5.70 3.28
CA ALA A 64 -0.40 5.88 3.98
C ALA A 64 -0.63 6.13 5.47
N HIS A 65 -1.87 5.93 5.91
CA HIS A 65 -2.22 6.14 7.32
C HIS A 65 -2.65 4.83 7.97
N LEU A 66 -3.16 3.91 7.16
CA LEU A 66 -3.62 2.62 7.65
C LEU A 66 -2.46 1.63 7.75
N LEU A 67 -1.47 1.80 6.88
CA LEU A 67 -0.31 0.92 6.87
C LEU A 67 0.54 1.13 8.13
N ASP A 68 1.44 0.19 8.38
CA ASP A 68 2.31 0.26 9.55
C ASP A 68 3.75 -0.08 9.18
N HIS A 69 4.69 0.70 9.70
CA HIS A 69 6.11 0.50 9.42
C HIS A 69 6.66 -0.65 10.26
N MET A 70 6.84 -1.81 9.63
CA MET A 70 7.37 -2.98 10.32
C MET A 70 8.70 -2.67 10.99
N SER A 71 9.10 -3.51 11.92
CA SER A 71 10.36 -3.32 12.65
C SER A 71 11.49 -4.11 11.99
N LEU A 72 12.71 -3.63 12.17
CA LEU A 72 13.88 -4.30 11.58
C LEU A 72 14.58 -5.17 12.62
N HIS A 73 14.87 -6.41 12.24
CA HIS A 73 15.54 -7.35 13.13
C HIS A 73 17.05 -7.28 12.95
N GLY A 74 17.79 -7.60 14.01
CA GLY A 74 19.24 -7.57 13.95
C GLY A 74 19.88 -7.80 15.31
N HIS A 75 21.20 -7.61 15.37
CA HIS A 75 21.94 -7.80 16.62
C HIS A 75 22.50 -6.47 17.12
N GLY A 1 21.98 -9.39 -11.63
CA GLY A 1 23.21 -8.63 -11.65
C GLY A 1 23.36 -7.72 -10.44
N SER A 2 23.65 -8.32 -9.29
CA SER A 2 23.80 -7.56 -8.06
C SER A 2 22.52 -6.81 -7.72
N SER A 3 21.39 -7.42 -8.01
CA SER A 3 20.09 -6.80 -7.74
C SER A 3 19.67 -7.05 -6.30
N GLY A 4 19.35 -5.96 -5.59
CA GLY A 4 18.93 -6.07 -4.20
C GLY A 4 17.42 -6.06 -4.05
N SER A 5 16.93 -5.24 -3.14
CA SER A 5 15.49 -5.14 -2.88
C SER A 5 14.89 -3.98 -3.65
N SER A 6 13.58 -4.05 -3.90
CA SER A 6 12.88 -3.00 -4.62
C SER A 6 11.53 -2.69 -3.97
N GLY A 7 11.39 -1.47 -3.46
CA GLY A 7 10.15 -1.08 -2.82
C GLY A 7 10.16 -1.35 -1.33
N LYS A 8 9.23 -0.73 -0.61
CA LYS A 8 9.13 -0.90 0.83
C LYS A 8 8.04 -1.91 1.18
N ILE A 9 8.12 -2.47 2.38
CA ILE A 9 7.14 -3.45 2.85
C ILE A 9 6.37 -2.93 4.05
N MET A 10 5.05 -2.83 3.91
CA MET A 10 4.20 -2.35 4.99
C MET A 10 3.00 -3.27 5.18
N ILE A 11 2.39 -3.19 6.36
CA ILE A 11 1.22 -4.01 6.67
C ILE A 11 0.02 -3.15 7.03
N ALA A 12 -1.15 -3.57 6.57
CA ALA A 12 -2.38 -2.83 6.85
C ALA A 12 -2.82 -3.02 8.30
N ALA A 13 -2.55 -2.02 9.13
CA ALA A 13 -2.91 -2.08 10.54
C ALA A 13 -4.42 -2.25 10.72
N LEU A 14 -5.17 -1.89 9.68
CA LEU A 14 -6.63 -2.00 9.71
C LEU A 14 -7.16 -2.49 8.37
N ASP A 15 -8.41 -2.96 8.38
CA ASP A 15 -9.05 -3.45 7.16
C ASP A 15 -9.63 -2.30 6.34
N TYR A 16 -8.93 -1.95 5.27
CA TYR A 16 -9.38 -0.87 4.40
C TYR A 16 -10.20 -1.41 3.22
N ASP A 17 -11.49 -1.09 3.22
CA ASP A 17 -12.38 -1.54 2.16
C ASP A 17 -12.91 -0.35 1.35
N PRO A 18 -12.05 0.23 0.52
CA PRO A 18 -12.41 1.38 -0.32
C PRO A 18 -13.37 1.00 -1.43
N GLY A 19 -13.40 -0.27 -1.78
CA GLY A 19 -14.28 -0.74 -2.83
C GLY A 19 -13.58 -1.64 -3.83
N ASP A 20 -14.30 -2.65 -4.33
CA ASP A 20 -13.74 -3.58 -5.30
C ASP A 20 -13.58 -2.92 -6.66
N GLY A 21 -14.45 -1.96 -6.95
CA GLY A 21 -14.39 -1.26 -8.23
C GLY A 21 -13.34 -0.17 -8.25
N GLN A 22 -12.14 -0.51 -8.69
CA GLN A 22 -11.05 0.45 -8.76
C GLN A 22 -10.73 0.82 -10.21
N MET A 23 -11.01 -0.09 -11.13
CA MET A 23 -10.77 0.14 -12.54
C MET A 23 -11.41 1.45 -12.99
N GLY A 24 -12.51 1.83 -12.34
CA GLY A 24 -13.19 3.05 -12.70
C GLY A 24 -12.28 4.26 -12.66
N GLY A 25 -12.18 4.95 -13.79
CA GLY A 25 -11.33 6.13 -13.86
C GLY A 25 -9.86 5.77 -13.99
N GLN A 26 -9.11 6.60 -14.73
CA GLN A 26 -7.69 6.36 -14.93
C GLN A 26 -6.89 6.79 -13.70
N GLY A 27 -6.39 5.81 -12.95
CA GLY A 27 -5.62 6.10 -11.77
C GLY A 27 -6.46 6.12 -10.51
N LYS A 28 -7.75 6.37 -10.67
CA LYS A 28 -8.67 6.41 -9.54
C LYS A 28 -8.82 5.04 -8.91
N GLY A 29 -9.48 4.99 -7.75
CA GLY A 29 -9.68 3.73 -7.06
C GLY A 29 -8.47 3.32 -6.24
N ARG A 30 -8.72 2.84 -5.02
CA ARG A 30 -7.64 2.42 -4.14
C ARG A 30 -7.64 0.90 -3.98
N LEU A 31 -6.63 0.38 -3.29
CA LEU A 31 -6.51 -1.06 -3.06
C LEU A 31 -7.05 -1.44 -1.70
N ALA A 32 -7.89 -2.47 -1.66
CA ALA A 32 -8.48 -2.94 -0.42
C ALA A 32 -7.49 -3.77 0.38
N LEU A 33 -7.16 -3.30 1.58
CA LEU A 33 -6.21 -4.00 2.45
C LEU A 33 -6.93 -4.63 3.64
N ARG A 34 -6.29 -5.63 4.24
CA ARG A 34 -6.87 -6.33 5.39
C ARG A 34 -5.89 -6.32 6.57
N ALA A 35 -6.43 -6.43 7.77
CA ALA A 35 -5.60 -6.44 8.97
C ALA A 35 -4.53 -7.52 8.89
N GLY A 36 -3.30 -7.09 8.60
CA GLY A 36 -2.21 -8.04 8.49
C GLY A 36 -1.86 -8.37 7.06
N ASP A 37 -2.17 -7.44 6.15
CA ASP A 37 -1.89 -7.64 4.73
C ASP A 37 -0.58 -6.98 4.33
N VAL A 38 0.46 -7.79 4.18
CA VAL A 38 1.78 -7.28 3.81
C VAL A 38 1.79 -6.81 2.36
N VAL A 39 1.67 -5.50 2.17
CA VAL A 39 1.67 -4.92 0.83
C VAL A 39 2.98 -4.21 0.53
N MET A 40 3.42 -4.30 -0.72
CA MET A 40 4.67 -3.66 -1.14
C MET A 40 4.40 -2.33 -1.82
N VAL A 41 5.07 -1.29 -1.35
CA VAL A 41 4.91 0.05 -1.92
C VAL A 41 6.17 0.49 -2.65
N TYR A 42 6.08 1.61 -3.35
CA TYR A 42 7.21 2.15 -4.11
C TYR A 42 7.21 3.67 -4.08
N GLY A 43 8.40 4.25 -3.98
CA GLY A 43 8.52 5.70 -3.95
C GLY A 43 7.67 6.32 -2.87
N PRO A 44 7.68 7.67 -2.80
CA PRO A 44 6.91 8.42 -1.81
C PRO A 44 5.40 8.34 -2.05
N MET A 45 4.64 9.13 -1.30
CA MET A 45 3.19 9.15 -1.45
C MET A 45 2.73 10.36 -2.24
N ASP A 46 1.43 10.49 -2.42
CA ASP A 46 0.86 11.61 -3.16
C ASP A 46 0.53 12.76 -2.23
N ASP A 47 0.03 13.86 -2.80
CA ASP A 47 -0.32 15.03 -2.01
C ASP A 47 -1.38 14.69 -0.96
N GLN A 48 -2.28 13.76 -1.31
CA GLN A 48 -3.33 13.34 -0.40
C GLN A 48 -2.77 12.46 0.72
N GLY A 49 -1.65 11.80 0.44
CA GLY A 49 -1.05 10.93 1.42
C GLY A 49 -1.26 9.46 1.13
N PHE A 50 -1.20 9.10 -0.15
CA PHE A 50 -1.40 7.72 -0.56
C PHE A 50 -0.14 7.15 -1.22
N TYR A 51 0.17 5.90 -0.91
CA TYR A 51 1.35 5.24 -1.46
C TYR A 51 0.99 4.43 -2.69
N TYR A 52 2.00 4.10 -3.49
CA TYR A 52 1.79 3.31 -4.71
C TYR A 52 2.31 1.90 -4.53
N GLY A 53 1.39 0.97 -4.26
CA GLY A 53 1.78 -0.42 -4.08
C GLY A 53 0.77 -1.39 -4.68
N GLU A 54 0.96 -2.67 -4.42
CA GLU A 54 0.07 -3.69 -4.94
C GLU A 54 -0.02 -4.88 -3.98
N LEU A 55 -1.22 -5.42 -3.83
CA LEU A 55 -1.44 -6.56 -2.94
C LEU A 55 -2.30 -7.62 -3.62
N GLY A 56 -1.73 -8.82 -3.79
CA GLY A 56 -2.45 -9.90 -4.42
C GLY A 56 -2.28 -9.92 -5.93
N GLY A 57 -1.75 -8.83 -6.47
CA GLY A 57 -1.53 -8.74 -7.90
C GLY A 57 -2.28 -7.58 -8.53
N HIS A 58 -2.72 -6.63 -7.70
CA HIS A 58 -3.45 -5.48 -8.18
C HIS A 58 -2.82 -4.18 -7.67
N ARG A 59 -2.34 -3.35 -8.59
CA ARG A 59 -1.70 -2.09 -8.23
C ARG A 59 -2.76 -1.03 -7.95
N GLY A 60 -2.36 0.01 -7.21
CA GLY A 60 -3.27 1.08 -6.88
C GLY A 60 -2.77 1.94 -5.73
N LEU A 61 -3.53 2.98 -5.39
CA LEU A 61 -3.16 3.88 -4.32
C LEU A 61 -3.63 3.34 -2.98
N VAL A 62 -2.70 3.25 -2.02
CA VAL A 62 -3.02 2.75 -0.68
C VAL A 62 -2.86 3.85 0.37
N PRO A 63 -3.55 3.69 1.49
CA PRO A 63 -3.50 4.66 2.59
C PRO A 63 -2.16 4.63 3.31
N ALA A 64 -1.55 5.80 3.46
CA ALA A 64 -0.26 5.92 4.13
C ALA A 64 -0.44 6.14 5.63
N HIS A 65 -1.66 5.97 6.11
CA HIS A 65 -1.97 6.16 7.53
C HIS A 65 -2.43 4.86 8.16
N LEU A 66 -3.01 3.98 7.34
CA LEU A 66 -3.50 2.69 7.81
C LEU A 66 -2.38 1.66 7.87
N LEU A 67 -1.38 1.84 7.02
CA LEU A 67 -0.24 0.93 6.98
C LEU A 67 0.63 1.09 8.21
N ASP A 68 1.53 0.13 8.42
CA ASP A 68 2.42 0.16 9.57
C ASP A 68 3.85 -0.19 9.16
N HIS A 69 4.82 0.58 9.65
CA HIS A 69 6.22 0.34 9.33
C HIS A 69 6.78 -0.82 10.14
N MET A 70 6.93 -1.96 9.50
CA MET A 70 7.46 -3.14 10.16
C MET A 70 8.82 -2.85 10.81
N SER A 71 8.98 -3.28 12.06
CA SER A 71 10.23 -3.06 12.78
C SER A 71 11.25 -4.12 12.42
N LEU A 72 12.53 -3.74 12.46
CA LEU A 72 13.61 -4.66 12.14
C LEU A 72 13.45 -5.23 10.73
N HIS A 73 13.05 -4.38 9.80
CA HIS A 73 12.86 -4.80 8.41
C HIS A 73 14.19 -5.18 7.77
N GLY A 74 14.11 -5.80 6.60
CA GLY A 74 15.32 -6.22 5.90
C GLY A 74 16.00 -7.40 6.57
N HIS A 75 17.10 -7.85 5.99
CA HIS A 75 17.84 -8.98 6.54
C HIS A 75 19.32 -8.62 6.73
N GLY A 1 21.35 3.38 9.32
CA GLY A 1 21.30 2.64 8.07
C GLY A 1 20.09 1.74 7.98
N SER A 2 19.63 1.49 6.77
CA SER A 2 18.46 0.65 6.54
C SER A 2 18.36 0.21 5.08
N SER A 3 17.73 -0.92 4.84
CA SER A 3 17.57 -1.45 3.48
C SER A 3 16.12 -1.36 3.04
N GLY A 4 15.88 -0.57 1.99
CA GLY A 4 14.53 -0.42 1.48
C GLY A 4 14.48 -0.46 -0.03
N SER A 5 15.38 -1.21 -0.63
CA SER A 5 15.44 -1.33 -2.09
C SER A 5 14.31 -2.19 -2.61
N SER A 6 13.99 -2.03 -3.89
CA SER A 6 12.91 -2.80 -4.51
C SER A 6 11.59 -2.57 -3.78
N GLY A 7 11.28 -1.31 -3.50
CA GLY A 7 10.05 -0.98 -2.80
C GLY A 7 10.09 -1.37 -1.34
N LYS A 8 9.29 -0.68 -0.52
CA LYS A 8 9.25 -0.95 0.91
C LYS A 8 8.16 -1.99 1.23
N ILE A 9 8.15 -2.46 2.47
CA ILE A 9 7.17 -3.44 2.90
C ILE A 9 6.39 -2.95 4.11
N MET A 10 5.07 -2.87 3.98
CA MET A 10 4.21 -2.41 5.06
C MET A 10 3.01 -3.33 5.23
N ILE A 11 2.36 -3.25 6.38
CA ILE A 11 1.19 -4.07 6.66
C ILE A 11 -0.02 -3.20 7.03
N ALA A 12 -1.19 -3.61 6.54
CA ALA A 12 -2.42 -2.88 6.82
C ALA A 12 -2.88 -3.08 8.26
N ALA A 13 -2.62 -2.09 9.11
CA ALA A 13 -3.00 -2.17 10.51
C ALA A 13 -4.51 -2.34 10.66
N LEU A 14 -5.26 -1.96 9.62
CA LEU A 14 -6.71 -2.06 9.64
C LEU A 14 -7.23 -2.55 8.29
N ASP A 15 -8.48 -3.00 8.27
CA ASP A 15 -9.10 -3.48 7.04
C ASP A 15 -9.69 -2.33 6.24
N TYR A 16 -9.00 -1.94 5.17
CA TYR A 16 -9.46 -0.85 4.33
C TYR A 16 -10.28 -1.37 3.16
N ASP A 17 -11.56 -1.02 3.13
CA ASP A 17 -12.45 -1.45 2.08
C ASP A 17 -12.96 -0.26 1.26
N PRO A 18 -12.07 0.31 0.43
CA PRO A 18 -12.41 1.46 -0.41
C PRO A 18 -13.38 1.10 -1.53
N GLY A 19 -13.49 -0.19 -1.82
CA GLY A 19 -14.38 -0.65 -2.87
C GLY A 19 -13.79 -1.76 -3.71
N ASP A 20 -14.62 -2.73 -4.08
CA ASP A 20 -14.18 -3.86 -4.87
C ASP A 20 -13.64 -3.40 -6.22
N GLY A 21 -14.18 -2.29 -6.71
CA GLY A 21 -13.74 -1.75 -7.99
C GLY A 21 -13.39 -0.28 -7.91
N GLN A 22 -12.86 0.26 -9.01
CA GLN A 22 -12.48 1.66 -9.06
C GLN A 22 -13.68 2.57 -8.76
N MET A 23 -14.87 2.07 -9.06
CA MET A 23 -16.09 2.83 -8.83
C MET A 23 -16.07 4.15 -9.61
N GLY A 24 -15.49 4.11 -10.81
CA GLY A 24 -15.41 5.31 -11.62
C GLY A 24 -14.04 5.97 -11.57
N GLY A 25 -13.82 6.93 -12.44
CA GLY A 25 -12.55 7.64 -12.47
C GLY A 25 -11.59 7.06 -13.50
N GLN A 26 -10.81 7.93 -14.13
CA GLN A 26 -9.86 7.50 -15.14
C GLN A 26 -8.44 7.46 -14.57
N GLY A 27 -7.93 6.26 -14.35
CA GLY A 27 -6.60 6.10 -13.81
C GLY A 27 -6.57 6.18 -12.30
N LYS A 28 -7.71 5.93 -11.67
CA LYS A 28 -7.82 5.98 -10.22
C LYS A 28 -8.31 4.64 -9.66
N GLY A 29 -8.36 4.54 -8.34
CA GLY A 29 -8.81 3.32 -7.70
C GLY A 29 -7.85 2.83 -6.64
N ARG A 30 -8.30 2.85 -5.39
CA ARG A 30 -7.46 2.40 -4.28
C ARG A 30 -7.53 0.88 -4.13
N LEU A 31 -6.60 0.32 -3.35
CA LEU A 31 -6.56 -1.12 -3.13
C LEU A 31 -7.12 -1.47 -1.76
N ALA A 32 -7.96 -2.50 -1.71
CA ALA A 32 -8.56 -2.94 -0.47
C ALA A 32 -7.58 -3.77 0.36
N LEU A 33 -7.15 -3.22 1.49
CA LEU A 33 -6.21 -3.92 2.36
C LEU A 33 -6.94 -4.58 3.53
N ARG A 34 -6.30 -5.59 4.12
CA ARG A 34 -6.89 -6.31 5.24
C ARG A 34 -5.93 -6.33 6.43
N ALA A 35 -6.49 -6.46 7.63
CA ALA A 35 -5.69 -6.50 8.85
C ALA A 35 -4.61 -7.57 8.76
N GLY A 36 -3.38 -7.16 8.48
CA GLY A 36 -2.28 -8.09 8.37
C GLY A 36 -1.92 -8.41 6.93
N ASP A 37 -2.20 -7.46 6.03
CA ASP A 37 -1.90 -7.65 4.62
C ASP A 37 -0.58 -6.97 4.25
N VAL A 38 0.46 -7.79 4.08
CA VAL A 38 1.78 -7.27 3.74
C VAL A 38 1.81 -6.78 2.29
N VAL A 39 1.76 -5.46 2.12
CA VAL A 39 1.79 -4.86 0.80
C VAL A 39 3.11 -4.15 0.54
N MET A 40 3.56 -4.21 -0.71
CA MET A 40 4.82 -3.57 -1.10
C MET A 40 4.56 -2.24 -1.79
N VAL A 41 5.12 -1.17 -1.24
CA VAL A 41 4.96 0.16 -1.81
C VAL A 41 6.21 0.60 -2.59
N TYR A 42 6.05 1.60 -3.44
CA TYR A 42 7.15 2.11 -4.24
C TYR A 42 7.25 3.62 -4.16
N GLY A 43 8.45 4.12 -3.87
CA GLY A 43 8.65 5.55 -3.76
C GLY A 43 7.79 6.18 -2.67
N PRO A 44 7.83 7.51 -2.58
CA PRO A 44 7.05 8.27 -1.58
C PRO A 44 5.56 8.22 -1.87
N MET A 45 4.79 9.03 -1.12
CA MET A 45 3.35 9.08 -1.29
C MET A 45 2.95 10.32 -2.09
N ASP A 46 1.64 10.50 -2.27
CA ASP A 46 1.12 11.64 -3.00
C ASP A 46 0.76 12.79 -2.05
N ASP A 47 0.26 13.88 -2.61
CA ASP A 47 -0.11 15.04 -1.81
C ASP A 47 -1.19 14.67 -0.81
N GLN A 48 -2.09 13.77 -1.20
CA GLN A 48 -3.18 13.34 -0.33
C GLN A 48 -2.65 12.43 0.79
N GLY A 49 -1.53 11.77 0.51
CA GLY A 49 -0.94 10.88 1.50
C GLY A 49 -1.20 9.42 1.18
N PHE A 50 -1.11 9.07 -0.10
CA PHE A 50 -1.33 7.69 -0.53
C PHE A 50 -0.08 7.12 -1.18
N TYR A 51 0.22 5.86 -0.86
CA TYR A 51 1.39 5.19 -1.41
C TYR A 51 1.03 4.37 -2.65
N TYR A 52 2.04 4.01 -3.43
CA TYR A 52 1.83 3.22 -4.64
C TYR A 52 2.35 1.80 -4.46
N GLY A 53 1.44 0.87 -4.19
CA GLY A 53 1.82 -0.51 -3.99
C GLY A 53 0.82 -1.48 -4.61
N GLU A 54 0.98 -2.76 -4.30
CA GLU A 54 0.08 -3.79 -4.83
C GLU A 54 -0.09 -4.92 -3.82
N LEU A 55 -1.32 -5.42 -3.70
CA LEU A 55 -1.61 -6.51 -2.77
C LEU A 55 -2.56 -7.52 -3.40
N GLY A 56 -2.03 -8.67 -3.80
CA GLY A 56 -2.84 -9.70 -4.42
C GLY A 56 -2.80 -9.64 -5.93
N GLY A 57 -1.76 -9.02 -6.47
CA GLY A 57 -1.62 -8.91 -7.91
C GLY A 57 -2.38 -7.73 -8.48
N HIS A 58 -2.72 -6.77 -7.62
CA HIS A 58 -3.44 -5.59 -8.05
C HIS A 58 -2.76 -4.31 -7.56
N ARG A 59 -2.41 -3.44 -8.49
CA ARG A 59 -1.74 -2.19 -8.17
C ARG A 59 -2.75 -1.08 -7.92
N GLY A 60 -2.36 -0.08 -7.14
CA GLY A 60 -3.24 1.02 -6.84
C GLY A 60 -2.75 1.87 -5.67
N LEU A 61 -3.45 2.96 -5.39
CA LEU A 61 -3.08 3.85 -4.31
C LEU A 61 -3.56 3.29 -2.97
N VAL A 62 -2.64 3.22 -2.00
CA VAL A 62 -2.98 2.73 -0.68
C VAL A 62 -2.82 3.81 0.39
N PRO A 63 -3.53 3.66 1.51
CA PRO A 63 -3.48 4.61 2.62
C PRO A 63 -2.14 4.59 3.36
N ALA A 64 -1.54 5.76 3.50
CA ALA A 64 -0.25 5.87 4.18
C ALA A 64 -0.44 6.10 5.67
N HIS A 65 -1.68 5.94 6.14
CA HIS A 65 -1.99 6.11 7.56
C HIS A 65 -2.48 4.81 8.18
N LEU A 66 -3.04 3.94 7.35
CA LEU A 66 -3.56 2.66 7.81
C LEU A 66 -2.43 1.62 7.88
N LEU A 67 -1.42 1.80 7.04
CA LEU A 67 -0.28 0.88 7.01
C LEU A 67 0.56 1.02 8.28
N ASP A 68 1.46 0.06 8.48
CA ASP A 68 2.33 0.07 9.64
C ASP A 68 3.77 -0.30 9.26
N HIS A 69 4.72 0.45 9.80
CA HIS A 69 6.14 0.21 9.50
C HIS A 69 6.66 -0.97 10.32
N MET A 70 6.81 -2.12 9.66
CA MET A 70 7.31 -3.32 10.32
C MET A 70 8.64 -3.05 11.03
N SER A 71 9.52 -2.30 10.34
CA SER A 71 10.82 -1.98 10.90
C SER A 71 10.77 -0.68 11.69
N LEU A 72 10.19 0.35 11.08
CA LEU A 72 10.07 1.65 11.74
C LEU A 72 11.44 2.18 12.14
N HIS A 73 12.40 2.10 11.23
CA HIS A 73 13.76 2.56 11.50
C HIS A 73 13.89 4.06 11.16
N GLY A 74 14.58 4.79 12.02
CA GLY A 74 14.78 6.21 11.80
C GLY A 74 15.76 6.83 12.76
N HIS A 75 16.00 8.13 12.62
CA HIS A 75 16.92 8.84 13.49
C HIS A 75 16.45 8.79 14.94
N GLY A 1 19.49 1.84 -5.11
CA GLY A 1 20.87 1.63 -5.49
C GLY A 1 21.27 0.18 -5.48
N SER A 2 22.42 -0.11 -4.88
CA SER A 2 22.92 -1.49 -4.81
C SER A 2 22.60 -2.11 -3.45
N SER A 3 22.26 -3.39 -3.47
CA SER A 3 21.93 -4.10 -2.23
C SER A 3 20.70 -3.49 -1.56
N GLY A 4 19.78 -2.98 -2.37
CA GLY A 4 18.58 -2.37 -1.84
C GLY A 4 17.32 -2.91 -2.48
N SER A 5 16.22 -2.91 -1.73
CA SER A 5 14.95 -3.41 -2.24
C SER A 5 14.29 -2.39 -3.17
N SER A 6 13.59 -2.88 -4.18
CA SER A 6 12.92 -2.03 -5.14
C SER A 6 11.88 -1.15 -4.46
N GLY A 7 11.13 -1.75 -3.54
CA GLY A 7 10.11 -1.00 -2.82
C GLY A 7 10.13 -1.28 -1.33
N LYS A 8 9.21 -0.66 -0.60
CA LYS A 8 9.12 -0.84 0.84
C LYS A 8 8.05 -1.86 1.20
N ILE A 9 8.13 -2.40 2.41
CA ILE A 9 7.16 -3.39 2.88
C ILE A 9 6.39 -2.88 4.09
N MET A 10 5.07 -2.79 3.95
CA MET A 10 4.22 -2.31 5.04
C MET A 10 3.02 -3.23 5.22
N ILE A 11 2.42 -3.18 6.41
CA ILE A 11 1.26 -4.00 6.71
C ILE A 11 0.04 -3.15 7.06
N ALA A 12 -1.13 -3.57 6.59
CA ALA A 12 -2.36 -2.83 6.86
C ALA A 12 -2.82 -3.02 8.30
N ALA A 13 -2.55 -2.01 9.14
CA ALA A 13 -2.93 -2.07 10.54
C ALA A 13 -4.44 -2.25 10.69
N LEU A 14 -5.18 -1.89 9.66
CA LEU A 14 -6.63 -2.01 9.68
C LEU A 14 -7.16 -2.51 8.35
N ASP A 15 -8.40 -2.99 8.34
CA ASP A 15 -9.03 -3.50 7.12
C ASP A 15 -9.63 -2.36 6.30
N TYR A 16 -8.93 -1.95 5.25
CA TYR A 16 -9.41 -0.87 4.38
C TYR A 16 -10.21 -1.42 3.22
N ASP A 17 -11.51 -1.13 3.22
CA ASP A 17 -12.40 -1.60 2.16
C ASP A 17 -12.93 -0.42 1.35
N PRO A 18 -12.06 0.16 0.51
CA PRO A 18 -12.43 1.30 -0.34
C PRO A 18 -13.40 0.92 -1.45
N GLY A 19 -13.49 -0.39 -1.71
CA GLY A 19 -14.39 -0.86 -2.76
C GLY A 19 -13.64 -1.38 -3.97
N ASP A 20 -14.16 -2.44 -4.58
CA ASP A 20 -13.54 -3.04 -5.75
C ASP A 20 -13.58 -2.08 -6.93
N GLY A 21 -14.62 -1.25 -6.98
CA GLY A 21 -14.76 -0.30 -8.06
C GLY A 21 -14.55 1.13 -7.60
N GLN A 22 -13.88 1.93 -8.44
CA GLN A 22 -13.62 3.33 -8.12
C GLN A 22 -14.90 4.15 -8.15
N MET A 23 -14.81 5.41 -7.74
CA MET A 23 -15.96 6.30 -7.73
C MET A 23 -15.90 7.29 -8.88
N GLY A 24 -17.06 7.66 -9.40
CA GLY A 24 -17.12 8.60 -10.50
C GLY A 24 -16.57 8.03 -11.79
N GLY A 25 -17.43 7.33 -12.53
CA GLY A 25 -17.00 6.72 -13.79
C GLY A 25 -16.84 5.23 -13.68
N GLN A 26 -15.91 4.68 -14.47
CA GLN A 26 -15.65 3.24 -14.46
C GLN A 26 -14.16 2.96 -14.57
N GLY A 27 -13.68 2.03 -13.75
CA GLY A 27 -12.27 1.68 -13.78
C GLY A 27 -11.79 1.11 -12.46
N LYS A 28 -10.53 1.37 -12.13
CA LYS A 28 -9.95 0.88 -10.88
C LYS A 28 -9.63 2.04 -9.94
N GLY A 29 -9.63 1.75 -8.64
CA GLY A 29 -9.35 2.78 -7.65
C GLY A 29 -8.35 2.31 -6.61
N ARG A 30 -8.59 2.70 -5.36
CA ARG A 30 -7.72 2.31 -4.26
C ARG A 30 -7.70 0.80 -4.07
N LEU A 31 -6.69 0.31 -3.35
CA LEU A 31 -6.56 -1.12 -3.09
C LEU A 31 -7.09 -1.48 -1.72
N ALA A 32 -7.90 -2.54 -1.66
CA ALA A 32 -8.48 -2.99 -0.39
C ALA A 32 -7.45 -3.79 0.42
N LEU A 33 -7.14 -3.30 1.61
CA LEU A 33 -6.19 -3.96 2.49
C LEU A 33 -6.89 -4.64 3.66
N ARG A 34 -6.25 -5.66 4.22
CA ARG A 34 -6.81 -6.38 5.36
C ARG A 34 -5.84 -6.38 6.53
N ALA A 35 -6.40 -6.44 7.75
CA ALA A 35 -5.59 -6.45 8.96
C ALA A 35 -4.50 -7.52 8.89
N GLY A 36 -3.27 -7.10 8.62
CA GLY A 36 -2.16 -8.03 8.53
C GLY A 36 -1.81 -8.37 7.09
N ASP A 37 -2.13 -7.47 6.17
CA ASP A 37 -1.84 -7.67 4.76
C ASP A 37 -0.53 -6.99 4.37
N VAL A 38 0.53 -7.79 4.24
CA VAL A 38 1.84 -7.26 3.86
C VAL A 38 1.84 -6.79 2.41
N VAL A 39 1.70 -5.49 2.22
CA VAL A 39 1.69 -4.91 0.88
C VAL A 39 3.01 -4.20 0.58
N MET A 40 3.43 -4.27 -0.68
CA MET A 40 4.68 -3.64 -1.10
C MET A 40 4.41 -2.31 -1.80
N VAL A 41 5.07 -1.26 -1.33
CA VAL A 41 4.91 0.07 -1.91
C VAL A 41 6.16 0.51 -2.65
N TYR A 42 6.06 1.64 -3.35
CA TYR A 42 7.18 2.17 -4.12
C TYR A 42 7.18 3.68 -4.10
N GLY A 43 8.37 4.28 -4.00
CA GLY A 43 8.48 5.73 -3.98
C GLY A 43 7.63 6.36 -2.89
N PRO A 44 7.66 7.70 -2.83
CA PRO A 44 6.89 8.45 -1.83
C PRO A 44 5.39 8.39 -2.08
N MET A 45 4.64 9.20 -1.35
CA MET A 45 3.19 9.24 -1.49
C MET A 45 2.76 10.48 -2.26
N ASP A 46 1.45 10.61 -2.49
CA ASP A 46 0.91 11.75 -3.21
C ASP A 46 0.58 12.90 -2.25
N ASP A 47 -0.08 13.92 -2.76
CA ASP A 47 -0.44 15.08 -1.95
C ASP A 47 -1.49 14.70 -0.90
N GLN A 48 -2.36 13.77 -1.26
CA GLN A 48 -3.40 13.31 -0.34
C GLN A 48 -2.82 12.43 0.76
N GLY A 49 -1.69 11.79 0.46
CA GLY A 49 -1.05 10.92 1.44
C GLY A 49 -1.27 9.46 1.14
N PHE A 50 -1.22 9.09 -0.13
CA PHE A 50 -1.41 7.71 -0.54
C PHE A 50 -0.16 7.15 -1.20
N TYR A 51 0.15 5.89 -0.90
CA TYR A 51 1.33 5.24 -1.45
C TYR A 51 0.96 4.41 -2.67
N TYR A 52 1.97 4.09 -3.49
CA TYR A 52 1.75 3.29 -4.69
C TYR A 52 2.28 1.87 -4.51
N GLY A 53 1.37 0.95 -4.23
CA GLY A 53 1.76 -0.44 -4.04
C GLY A 53 0.76 -1.41 -4.63
N GLU A 54 0.96 -2.70 -4.38
CA GLU A 54 0.08 -3.73 -4.90
C GLU A 54 -0.01 -4.91 -3.94
N LEU A 55 -1.22 -5.46 -3.79
CA LEU A 55 -1.43 -6.59 -2.91
C LEU A 55 -2.31 -7.65 -3.58
N GLY A 56 -1.77 -8.85 -3.72
CA GLY A 56 -2.51 -9.93 -4.34
C GLY A 56 -2.33 -9.97 -5.85
N GLY A 57 -1.76 -8.89 -6.40
CA GLY A 57 -1.55 -8.83 -7.83
C GLY A 57 -2.27 -7.66 -8.48
N HIS A 58 -2.68 -6.70 -7.66
CA HIS A 58 -3.38 -5.53 -8.16
C HIS A 58 -2.72 -4.25 -7.65
N ARG A 59 -2.36 -3.36 -8.57
CA ARG A 59 -1.72 -2.11 -8.22
C ARG A 59 -2.76 -1.02 -7.96
N GLY A 60 -2.37 -0.02 -7.19
CA GLY A 60 -3.28 1.08 -6.87
C GLY A 60 -2.77 1.94 -5.73
N LEU A 61 -3.56 2.96 -5.37
CA LEU A 61 -3.18 3.86 -4.28
C LEU A 61 -3.64 3.31 -2.94
N VAL A 62 -2.70 3.23 -1.99
CA VAL A 62 -3.02 2.73 -0.66
C VAL A 62 -2.85 3.83 0.39
N PRO A 63 -3.55 3.67 1.52
CA PRO A 63 -3.50 4.63 2.63
C PRO A 63 -2.15 4.62 3.34
N ALA A 64 -1.55 5.80 3.47
CA ALA A 64 -0.25 5.93 4.13
C ALA A 64 -0.42 6.16 5.64
N HIS A 65 -1.65 5.99 6.11
CA HIS A 65 -1.95 6.18 7.54
C HIS A 65 -2.42 4.87 8.17
N LEU A 66 -3.00 4.00 7.35
CA LEU A 66 -3.50 2.71 7.82
C LEU A 66 -2.37 1.68 7.89
N LEU A 67 -1.37 1.86 7.04
CA LEU A 67 -0.23 0.95 7.00
C LEU A 67 0.64 1.11 8.24
N ASP A 68 1.53 0.14 8.45
CA ASP A 68 2.42 0.18 9.61
C ASP A 68 3.85 -0.17 9.20
N HIS A 69 4.81 0.60 9.70
CA HIS A 69 6.22 0.37 9.38
C HIS A 69 6.77 -0.81 10.19
N MET A 70 6.93 -1.94 9.53
CA MET A 70 7.45 -3.14 10.19
C MET A 70 8.79 -2.85 10.84
N SER A 71 9.10 -3.61 11.89
CA SER A 71 10.36 -3.44 12.60
C SER A 71 11.47 -4.26 11.95
N LEU A 72 12.72 -3.93 12.30
CA LEU A 72 13.87 -4.65 11.76
C LEU A 72 15.11 -4.43 12.62
N HIS A 73 16.21 -5.06 12.24
CA HIS A 73 17.46 -4.93 12.98
C HIS A 73 18.45 -4.06 12.22
N GLY A 74 18.34 -4.06 10.89
CA GLY A 74 19.23 -3.27 10.07
C GLY A 74 18.71 -1.85 9.85
N HIS A 75 18.35 -1.55 8.61
CA HIS A 75 17.85 -0.23 8.26
C HIS A 75 16.75 -0.32 7.21
N GLY A 1 23.28 -12.22 -6.09
CA GLY A 1 24.54 -11.53 -5.89
C GLY A 1 24.44 -10.43 -4.85
N SER A 2 24.03 -9.24 -5.28
CA SER A 2 23.89 -8.10 -4.38
C SER A 2 22.45 -7.95 -3.92
N SER A 3 22.23 -8.08 -2.61
CA SER A 3 20.89 -7.96 -2.05
C SER A 3 20.41 -6.51 -2.12
N GLY A 4 19.16 -6.33 -2.55
CA GLY A 4 18.59 -5.00 -2.65
C GLY A 4 17.08 -5.00 -2.58
N SER A 5 16.50 -3.87 -2.19
CA SER A 5 15.06 -3.75 -2.07
C SER A 5 14.52 -2.72 -3.06
N SER A 6 13.68 -3.17 -3.98
CA SER A 6 13.10 -2.28 -4.99
C SER A 6 12.04 -1.39 -4.37
N GLY A 7 11.41 -1.86 -3.30
CA GLY A 7 10.38 -1.10 -2.63
C GLY A 7 10.34 -1.35 -1.14
N LYS A 8 9.43 -0.67 -0.45
CA LYS A 8 9.29 -0.83 1.00
C LYS A 8 8.22 -1.87 1.33
N ILE A 9 8.22 -2.33 2.58
CA ILE A 9 7.25 -3.32 3.02
C ILE A 9 6.43 -2.79 4.19
N MET A 10 5.11 -2.77 4.02
CA MET A 10 4.21 -2.29 5.05
C MET A 10 3.03 -3.25 5.24
N ILE A 11 2.35 -3.12 6.37
CA ILE A 11 1.20 -3.97 6.67
C ILE A 11 -0.04 -3.13 7.00
N ALA A 12 -1.19 -3.59 6.52
CA ALA A 12 -2.45 -2.88 6.76
C ALA A 12 -2.90 -3.07 8.20
N ALA A 13 -2.73 -2.02 9.00
CA ALA A 13 -3.12 -2.06 10.41
C ALA A 13 -4.63 -2.25 10.55
N LEU A 14 -5.36 -1.97 9.48
CA LEU A 14 -6.82 -2.11 9.48
C LEU A 14 -7.31 -2.68 8.16
N ASP A 15 -8.53 -3.18 8.17
CA ASP A 15 -9.13 -3.76 6.96
C ASP A 15 -9.69 -2.67 6.06
N TYR A 16 -8.88 -2.23 5.09
CA TYR A 16 -9.29 -1.20 4.16
C TYR A 16 -10.09 -1.79 3.01
N ASP A 17 -11.35 -1.36 2.89
CA ASP A 17 -12.22 -1.85 1.83
C ASP A 17 -12.80 -0.68 1.02
N PRO A 18 -11.95 -0.07 0.19
CA PRO A 18 -12.35 1.07 -0.65
C PRO A 18 -13.30 0.66 -1.77
N GLY A 19 -13.36 -0.65 -2.05
CA GLY A 19 -14.23 -1.15 -3.09
C GLY A 19 -15.67 -0.71 -2.90
N ASP A 20 -16.06 -0.48 -1.65
CA ASP A 20 -17.42 -0.06 -1.33
C ASP A 20 -17.81 1.16 -2.17
N GLY A 21 -16.83 2.00 -2.48
CA GLY A 21 -17.09 3.19 -3.27
C GLY A 21 -16.03 3.44 -4.32
N GLN A 22 -15.45 2.37 -4.83
CA GLN A 22 -14.41 2.48 -5.85
C GLN A 22 -14.87 3.35 -7.01
N MET A 23 -16.18 3.34 -7.28
CA MET A 23 -16.74 4.13 -8.36
C MET A 23 -16.35 5.60 -8.23
N GLY A 24 -16.23 6.06 -6.98
CA GLY A 24 -15.85 7.45 -6.75
C GLY A 24 -14.56 7.83 -7.47
N GLY A 25 -14.70 8.56 -8.57
CA GLY A 25 -13.55 8.99 -9.33
C GLY A 25 -13.10 7.94 -10.33
N GLN A 26 -13.55 8.08 -11.57
CA GLN A 26 -13.19 7.14 -12.62
C GLN A 26 -11.71 7.27 -13.00
N GLY A 27 -11.19 6.26 -13.68
CA GLY A 27 -9.80 6.28 -14.08
C GLY A 27 -8.97 5.23 -13.36
N LYS A 28 -8.75 5.45 -12.07
CA LYS A 28 -7.96 4.52 -11.26
C LYS A 28 -8.50 4.46 -9.84
N GLY A 29 -8.61 3.24 -9.31
CA GLY A 29 -9.12 3.06 -7.96
C GLY A 29 -8.01 2.76 -6.96
N ARG A 30 -8.40 2.44 -5.73
CA ARG A 30 -7.43 2.13 -4.68
C ARG A 30 -7.34 0.63 -4.45
N LEU A 31 -6.42 0.23 -3.57
CA LEU A 31 -6.23 -1.18 -3.26
C LEU A 31 -6.85 -1.53 -1.91
N ALA A 32 -7.63 -2.60 -1.88
CA ALA A 32 -8.28 -3.04 -0.65
C ALA A 32 -7.35 -3.90 0.20
N LEU A 33 -6.89 -3.35 1.31
CA LEU A 33 -5.98 -4.06 2.20
C LEU A 33 -6.75 -4.70 3.36
N ARG A 34 -6.11 -5.66 4.02
CA ARG A 34 -6.72 -6.35 5.14
C ARG A 34 -5.80 -6.33 6.37
N ALA A 35 -6.40 -6.48 7.54
CA ALA A 35 -5.64 -6.48 8.79
C ALA A 35 -4.54 -7.54 8.75
N GLY A 36 -3.30 -7.10 8.50
CA GLY A 36 -2.18 -8.02 8.44
C GLY A 36 -1.79 -8.36 7.01
N ASP A 37 -2.07 -7.45 6.09
CA ASP A 37 -1.74 -7.66 4.68
C ASP A 37 -0.42 -6.98 4.32
N VAL A 38 0.64 -7.77 4.20
CA VAL A 38 1.95 -7.24 3.87
C VAL A 38 2.02 -6.79 2.41
N VAL A 39 1.86 -5.48 2.19
CA VAL A 39 1.89 -4.93 0.85
C VAL A 39 3.20 -4.20 0.59
N MET A 40 3.69 -4.28 -0.65
CA MET A 40 4.93 -3.63 -1.03
C MET A 40 4.66 -2.31 -1.75
N VAL A 41 5.24 -1.22 -1.23
CA VAL A 41 5.06 0.09 -1.83
C VAL A 41 6.31 0.55 -2.55
N TYR A 42 6.22 1.68 -3.24
CA TYR A 42 7.35 2.21 -3.98
C TYR A 42 7.36 3.74 -3.93
N GLY A 43 8.54 4.32 -3.75
CA GLY A 43 8.66 5.77 -3.69
C GLY A 43 7.76 6.38 -2.65
N PRO A 44 7.76 7.71 -2.55
CA PRO A 44 6.94 8.45 -1.59
C PRO A 44 5.45 8.39 -1.92
N MET A 45 4.66 9.17 -1.21
CA MET A 45 3.21 9.20 -1.44
C MET A 45 2.82 10.44 -2.23
N ASP A 46 1.52 10.57 -2.50
CA ASP A 46 1.00 11.71 -3.25
C ASP A 46 0.60 12.85 -2.30
N ASP A 47 -0.03 13.87 -2.86
CA ASP A 47 -0.47 15.02 -2.07
C ASP A 47 -1.56 14.61 -1.08
N GLN A 48 -2.41 13.68 -1.49
CA GLN A 48 -3.50 13.21 -0.65
C GLN A 48 -2.96 12.34 0.49
N GLY A 49 -1.81 11.71 0.26
CA GLY A 49 -1.21 10.86 1.27
C GLY A 49 -1.40 9.38 0.96
N PHE A 50 -1.28 9.02 -0.31
CA PHE A 50 -1.44 7.64 -0.72
C PHE A 50 -0.14 7.10 -1.32
N TYR A 51 0.20 5.85 -0.97
CA TYR A 51 1.41 5.22 -1.47
C TYR A 51 1.12 4.38 -2.71
N TYR A 52 2.16 4.08 -3.48
CA TYR A 52 2.02 3.28 -4.68
C TYR A 52 2.57 1.88 -4.47
N GLY A 53 1.68 0.92 -4.24
CA GLY A 53 2.09 -0.46 -4.03
C GLY A 53 1.19 -1.45 -4.72
N GLU A 54 1.39 -2.73 -4.44
CA GLU A 54 0.58 -3.78 -5.04
C GLU A 54 0.44 -4.97 -4.09
N LEU A 55 -0.78 -5.50 -3.99
CA LEU A 55 -1.05 -6.64 -3.12
C LEU A 55 -1.88 -7.69 -3.84
N GLY A 56 -1.27 -8.86 -4.06
CA GLY A 56 -1.97 -9.94 -4.75
C GLY A 56 -2.19 -9.64 -6.22
N GLY A 57 -1.11 -9.31 -6.91
CA GLY A 57 -1.21 -9.00 -8.34
C GLY A 57 -2.16 -7.85 -8.61
N HIS A 58 -2.38 -7.01 -7.62
CA HIS A 58 -3.27 -5.87 -7.75
C HIS A 58 -2.56 -4.57 -7.35
N ARG A 59 -2.30 -3.71 -8.33
CA ARG A 59 -1.62 -2.45 -8.08
C ARG A 59 -2.64 -1.33 -7.85
N GLY A 60 -2.18 -0.25 -7.23
CA GLY A 60 -3.06 0.87 -6.96
C GLY A 60 -2.59 1.71 -5.78
N LEU A 61 -3.25 2.83 -5.55
CA LEU A 61 -2.90 3.72 -4.45
C LEU A 61 -3.40 3.17 -3.13
N VAL A 62 -2.52 3.12 -2.14
CA VAL A 62 -2.88 2.63 -0.81
C VAL A 62 -2.79 3.73 0.24
N PRO A 63 -3.54 3.55 1.34
CA PRO A 63 -3.56 4.53 2.44
C PRO A 63 -2.25 4.56 3.21
N ALA A 64 -1.68 5.75 3.36
CA ALA A 64 -0.42 5.92 4.08
C ALA A 64 -0.68 6.13 5.56
N HIS A 65 -1.92 5.95 5.99
CA HIS A 65 -2.29 6.13 7.39
C HIS A 65 -2.76 4.81 7.99
N LEU A 66 -3.25 3.91 7.15
CA LEU A 66 -3.73 2.61 7.60
C LEU A 66 -2.59 1.62 7.70
N LEU A 67 -1.56 1.82 6.88
CA LEU A 67 -0.40 0.93 6.88
C LEU A 67 0.44 1.14 8.13
N ASP A 68 1.35 0.19 8.39
CA ASP A 68 2.22 0.27 9.56
C ASP A 68 3.66 -0.05 9.19
N HIS A 69 4.59 0.74 9.70
CA HIS A 69 6.00 0.55 9.42
C HIS A 69 6.57 -0.59 10.26
N MET A 70 6.77 -1.75 9.63
CA MET A 70 7.31 -2.92 10.32
C MET A 70 8.63 -2.59 11.00
N SER A 71 8.98 -3.36 12.03
CA SER A 71 10.22 -3.15 12.75
C SER A 71 11.35 -3.99 12.17
N LEU A 72 12.55 -3.41 12.14
CA LEU A 72 13.72 -4.11 11.61
C LEU A 72 14.87 -4.09 12.60
N HIS A 73 15.70 -5.12 12.56
CA HIS A 73 16.84 -5.23 13.46
C HIS A 73 17.76 -4.01 13.32
N GLY A 74 17.98 -3.58 12.08
CA GLY A 74 18.82 -2.43 11.85
C GLY A 74 20.25 -2.82 11.50
N HIS A 75 20.57 -2.80 10.22
CA HIS A 75 21.91 -3.16 9.75
C HIS A 75 22.97 -2.29 10.44
N GLY A 1 8.47 -10.13 -5.80
CA GLY A 1 9.51 -10.36 -6.79
C GLY A 1 10.27 -9.09 -7.13
N SER A 2 11.40 -8.89 -6.48
CA SER A 2 12.22 -7.71 -6.72
C SER A 2 13.71 -8.06 -6.64
N SER A 3 14.53 -7.29 -7.35
CA SER A 3 15.96 -7.52 -7.38
C SER A 3 16.59 -7.15 -6.03
N GLY A 4 16.06 -6.10 -5.41
CA GLY A 4 16.58 -5.65 -4.13
C GLY A 4 16.54 -4.14 -3.98
N SER A 5 16.04 -3.67 -2.84
CA SER A 5 15.96 -2.25 -2.57
C SER A 5 15.11 -1.56 -3.64
N SER A 6 13.99 -2.16 -3.99
CA SER A 6 13.10 -1.60 -5.00
C SER A 6 11.96 -0.82 -4.35
N GLY A 7 11.42 -1.36 -3.27
CA GLY A 7 10.33 -0.69 -2.56
C GLY A 7 10.33 -1.00 -1.09
N LYS A 8 9.39 -0.39 -0.36
CA LYS A 8 9.28 -0.61 1.08
C LYS A 8 8.19 -1.62 1.39
N ILE A 9 8.26 -2.22 2.58
CA ILE A 9 7.28 -3.21 2.99
C ILE A 9 6.46 -2.71 4.19
N MET A 10 5.15 -2.69 4.03
CA MET A 10 4.26 -2.24 5.10
C MET A 10 3.07 -3.19 5.25
N ILE A 11 2.43 -3.14 6.40
CA ILE A 11 1.28 -3.99 6.68
C ILE A 11 0.04 -3.15 7.00
N ALA A 12 -1.11 -3.59 6.51
CA ALA A 12 -2.36 -2.88 6.75
C ALA A 12 -2.83 -3.09 8.19
N ALA A 13 -2.63 -2.08 9.02
CA ALA A 13 -3.02 -2.14 10.42
C ALA A 13 -4.53 -2.35 10.55
N LEU A 14 -5.26 -2.01 9.49
CA LEU A 14 -6.71 -2.15 9.48
C LEU A 14 -7.20 -2.68 8.13
N ASP A 15 -8.43 -3.16 8.11
CA ASP A 15 -9.03 -3.68 6.88
C ASP A 15 -9.64 -2.56 6.05
N TYR A 16 -8.95 -2.17 4.98
CA TYR A 16 -9.43 -1.10 4.12
C TYR A 16 -10.21 -1.67 2.93
N ASP A 17 -11.50 -1.33 2.86
CA ASP A 17 -12.36 -1.81 1.79
C ASP A 17 -12.88 -0.65 0.95
N PRO A 18 -11.98 -0.07 0.12
CA PRO A 18 -12.32 1.06 -0.75
C PRO A 18 -13.26 0.66 -1.88
N GLY A 19 -13.46 -0.65 -2.04
CA GLY A 19 -14.34 -1.14 -3.09
C GLY A 19 -15.70 -0.48 -3.06
N ASP A 20 -16.12 -0.05 -1.87
CA ASP A 20 -17.41 0.60 -1.71
C ASP A 20 -17.30 2.10 -1.94
N GLY A 21 -17.67 2.54 -3.14
CA GLY A 21 -17.60 3.95 -3.47
C GLY A 21 -16.24 4.36 -4.01
N GLN A 22 -15.56 3.41 -4.65
CA GLN A 22 -14.24 3.68 -5.22
C GLN A 22 -14.27 4.91 -6.12
N MET A 23 -15.37 5.07 -6.84
CA MET A 23 -15.53 6.21 -7.74
C MET A 23 -15.37 7.52 -7.00
N GLY A 24 -14.26 8.22 -7.25
CA GLY A 24 -14.00 9.48 -6.59
C GLY A 24 -12.53 9.80 -6.50
N GLY A 25 -12.04 10.60 -7.44
CA GLY A 25 -10.63 10.97 -7.44
C GLY A 25 -10.10 11.24 -8.84
N GLN A 26 -9.06 10.51 -9.22
CA GLN A 26 -8.45 10.68 -10.54
C GLN A 26 -9.03 9.67 -11.54
N GLY A 27 -8.84 8.39 -11.25
CA GLY A 27 -9.34 7.35 -12.13
C GLY A 27 -9.39 5.99 -11.44
N LYS A 28 -8.28 5.26 -11.50
CA LYS A 28 -8.20 3.94 -10.89
C LYS A 28 -8.48 4.01 -9.39
N GLY A 29 -9.20 3.03 -8.88
CA GLY A 29 -9.53 3.01 -7.46
C GLY A 29 -8.35 2.57 -6.61
N ARG A 30 -8.57 2.51 -5.29
CA ARG A 30 -7.52 2.12 -4.37
C ARG A 30 -7.50 0.60 -4.19
N LEU A 31 -6.46 0.11 -3.53
CA LEU A 31 -6.31 -1.33 -3.29
C LEU A 31 -6.87 -1.71 -1.92
N ALA A 32 -7.74 -2.73 -1.90
CA ALA A 32 -8.34 -3.19 -0.65
C ALA A 32 -7.33 -3.96 0.18
N LEU A 33 -7.05 -3.47 1.38
CA LEU A 33 -6.10 -4.11 2.28
C LEU A 33 -6.82 -4.78 3.44
N ARG A 34 -6.16 -5.75 4.06
CA ARG A 34 -6.74 -6.48 5.19
C ARG A 34 -5.79 -6.47 6.38
N ALA A 35 -6.36 -6.55 7.57
CA ALA A 35 -5.56 -6.56 8.80
C ALA A 35 -4.46 -7.61 8.73
N GLY A 36 -3.23 -7.16 8.50
CA GLY A 36 -2.11 -8.08 8.40
C GLY A 36 -1.71 -8.38 6.98
N ASP A 37 -1.99 -7.44 6.08
CA ASP A 37 -1.66 -7.61 4.67
C ASP A 37 -0.34 -6.92 4.33
N VAL A 38 0.70 -7.72 4.11
CA VAL A 38 2.02 -7.19 3.77
C VAL A 38 2.06 -6.71 2.32
N VAL A 39 1.98 -5.41 2.13
CA VAL A 39 2.02 -4.82 0.80
C VAL A 39 3.32 -4.08 0.56
N MET A 40 3.82 -4.15 -0.67
CA MET A 40 5.07 -3.47 -1.04
C MET A 40 4.79 -2.16 -1.75
N VAL A 41 5.27 -1.06 -1.19
CA VAL A 41 5.07 0.26 -1.77
C VAL A 41 6.31 0.73 -2.52
N TYR A 42 6.16 1.73 -3.36
CA TYR A 42 7.28 2.27 -4.13
C TYR A 42 7.31 3.80 -4.04
N GLY A 43 8.51 4.34 -3.87
CA GLY A 43 8.66 5.78 -3.77
C GLY A 43 7.76 6.40 -2.72
N PRO A 44 7.75 7.73 -2.65
CA PRO A 44 6.93 8.47 -1.69
C PRO A 44 5.43 8.37 -2.00
N MET A 45 4.63 9.15 -1.27
CA MET A 45 3.19 9.14 -1.48
C MET A 45 2.75 10.37 -2.28
N ASP A 46 1.47 10.44 -2.59
CA ASP A 46 0.92 11.56 -3.35
C ASP A 46 0.57 12.72 -2.43
N ASP A 47 -0.08 13.73 -2.99
CA ASP A 47 -0.48 14.90 -2.21
C ASP A 47 -1.57 14.55 -1.21
N GLN A 48 -2.40 13.58 -1.57
CA GLN A 48 -3.49 13.15 -0.69
C GLN A 48 -2.96 12.29 0.45
N GLY A 49 -1.83 11.63 0.21
CA GLY A 49 -1.24 10.78 1.23
C GLY A 49 -1.45 9.31 0.92
N PHE A 50 -1.31 8.94 -0.34
CA PHE A 50 -1.48 7.55 -0.75
C PHE A 50 -0.20 7.00 -1.36
N TYR A 51 0.15 5.77 -0.99
CA TYR A 51 1.36 5.13 -1.50
C TYR A 51 1.05 4.28 -2.73
N TYR A 52 2.09 3.95 -3.49
CA TYR A 52 1.93 3.14 -4.68
C TYR A 52 2.49 1.74 -4.48
N GLY A 53 1.60 0.78 -4.21
CA GLY A 53 2.02 -0.59 -3.99
C GLY A 53 1.08 -1.59 -4.63
N GLU A 54 1.33 -2.87 -4.37
CA GLU A 54 0.49 -3.94 -4.94
C GLU A 54 0.31 -5.06 -3.92
N LEU A 55 -0.89 -5.64 -3.89
CA LEU A 55 -1.20 -6.73 -2.98
C LEU A 55 -2.14 -7.74 -3.63
N GLY A 56 -1.58 -8.89 -4.02
CA GLY A 56 -2.39 -9.92 -4.64
C GLY A 56 -2.34 -9.84 -6.16
N GLY A 57 -1.32 -9.20 -6.69
CA GLY A 57 -1.20 -9.06 -8.12
C GLY A 57 -1.99 -7.89 -8.68
N HIS A 58 -2.27 -6.92 -7.83
CA HIS A 58 -3.04 -5.74 -8.23
C HIS A 58 -2.39 -4.47 -7.71
N ARG A 59 -2.00 -3.60 -8.64
CA ARG A 59 -1.36 -2.33 -8.27
C ARG A 59 -2.40 -1.24 -8.08
N GLY A 60 -2.04 -0.23 -7.27
CA GLY A 60 -2.96 0.86 -7.01
C GLY A 60 -2.51 1.75 -5.87
N LEU A 61 -3.32 2.73 -5.52
CA LEU A 61 -2.99 3.65 -4.43
C LEU A 61 -3.50 3.12 -3.10
N VAL A 62 -2.61 3.06 -2.11
CA VAL A 62 -2.97 2.57 -0.79
C VAL A 62 -2.85 3.68 0.25
N PRO A 63 -3.59 3.53 1.36
CA PRO A 63 -3.58 4.50 2.46
C PRO A 63 -2.27 4.51 3.22
N ALA A 64 -1.68 5.69 3.36
CA ALA A 64 -0.42 5.84 4.07
C ALA A 64 -0.65 6.08 5.56
N HIS A 65 -1.88 5.90 6.00
CA HIS A 65 -2.24 6.09 7.41
C HIS A 65 -2.70 4.79 8.03
N LEU A 66 -3.21 3.88 7.20
CA LEU A 66 -3.68 2.58 7.68
C LEU A 66 -2.53 1.58 7.77
N LEU A 67 -1.51 1.79 6.95
CA LEU A 67 -0.34 0.91 6.95
C LEU A 67 0.48 1.09 8.22
N ASP A 68 1.41 0.16 8.45
CA ASP A 68 2.26 0.22 9.62
C ASP A 68 3.71 -0.11 9.26
N HIS A 69 4.65 0.64 9.83
CA HIS A 69 6.07 0.44 9.56
C HIS A 69 6.62 -0.71 10.41
N MET A 70 6.81 -1.86 9.79
CA MET A 70 7.33 -3.03 10.48
C MET A 70 8.66 -2.72 11.16
N SER A 71 8.94 -3.41 12.26
CA SER A 71 10.18 -3.20 13.00
C SER A 71 11.25 -4.18 12.54
N LEU A 72 12.44 -3.65 12.26
CA LEU A 72 13.56 -4.47 11.81
C LEU A 72 14.65 -4.53 12.88
N HIS A 73 14.72 -3.50 13.71
CA HIS A 73 15.72 -3.43 14.77
C HIS A 73 17.13 -3.56 14.20
N GLY A 74 17.35 -2.93 13.06
CA GLY A 74 18.66 -2.99 12.43
C GLY A 74 19.19 -1.62 12.06
N HIS A 75 19.20 -0.71 13.03
CA HIS A 75 19.68 0.65 12.80
C HIS A 75 18.83 1.36 11.75
N GLY A 1 18.30 -1.00 -17.75
CA GLY A 1 19.37 -1.86 -17.27
C GLY A 1 18.88 -3.24 -16.87
N SER A 2 19.56 -3.84 -15.90
CA SER A 2 19.20 -5.17 -15.42
C SER A 2 18.12 -5.09 -14.34
N SER A 3 18.38 -4.27 -13.32
CA SER A 3 17.44 -4.10 -12.22
C SER A 3 16.89 -2.69 -12.19
N GLY A 4 15.80 -2.49 -11.46
CA GLY A 4 15.20 -1.17 -11.35
C GLY A 4 15.39 -0.56 -9.99
N SER A 5 14.31 -0.47 -9.22
CA SER A 5 14.37 0.12 -7.88
C SER A 5 13.85 -0.86 -6.84
N SER A 6 13.96 -0.47 -5.57
CA SER A 6 13.51 -1.32 -4.47
C SER A 6 12.35 -0.65 -3.72
N GLY A 7 11.26 -1.40 -3.55
CA GLY A 7 10.10 -0.86 -2.85
C GLY A 7 10.14 -1.16 -1.37
N LYS A 8 9.24 -0.53 -0.62
CA LYS A 8 9.16 -0.74 0.82
C LYS A 8 8.08 -1.76 1.17
N ILE A 9 8.16 -2.30 2.38
CA ILE A 9 7.19 -3.28 2.84
C ILE A 9 6.41 -2.77 4.04
N MET A 10 5.09 -2.74 3.92
CA MET A 10 4.23 -2.26 5.01
C MET A 10 3.04 -3.19 5.21
N ILE A 11 2.44 -3.13 6.38
CA ILE A 11 1.28 -3.97 6.69
C ILE A 11 0.07 -3.12 7.06
N ALA A 12 -1.10 -3.55 6.60
CA ALA A 12 -2.34 -2.83 6.88
C ALA A 12 -2.77 -3.02 8.33
N ALA A 13 -2.52 -2.02 9.16
CA ALA A 13 -2.88 -2.09 10.57
C ALA A 13 -4.38 -2.28 10.75
N LEU A 14 -5.14 -1.93 9.71
CA LEU A 14 -6.60 -2.06 9.75
C LEU A 14 -7.13 -2.57 8.42
N ASP A 15 -8.36 -3.06 8.43
CA ASP A 15 -8.99 -3.57 7.22
C ASP A 15 -9.60 -2.44 6.40
N TYR A 16 -8.93 -2.06 5.32
CA TYR A 16 -9.40 -0.99 4.45
C TYR A 16 -10.24 -1.54 3.30
N ASP A 17 -11.51 -1.19 3.28
CA ASP A 17 -12.41 -1.65 2.23
C ASP A 17 -12.95 -0.48 1.41
N PRO A 18 -12.08 0.09 0.56
CA PRO A 18 -12.44 1.23 -0.29
C PRO A 18 -13.43 0.84 -1.39
N GLY A 19 -13.57 -0.45 -1.61
CA GLY A 19 -14.48 -0.93 -2.63
C GLY A 19 -13.76 -1.64 -3.77
N ASP A 20 -13.88 -1.10 -4.97
CA ASP A 20 -13.22 -1.68 -6.14
C ASP A 20 -12.86 -0.60 -7.16
N GLY A 21 -12.24 -1.01 -8.26
CA GLY A 21 -11.85 -0.07 -9.29
C GLY A 21 -10.35 0.13 -9.36
N GLN A 22 -9.60 -0.82 -8.80
CA GLN A 22 -8.15 -0.74 -8.79
C GLN A 22 -7.60 -0.69 -10.22
N MET A 23 -8.19 -1.48 -11.10
CA MET A 23 -7.76 -1.53 -12.49
C MET A 23 -8.95 -1.69 -13.43
N GLY A 24 -8.73 -1.48 -14.72
CA GLY A 24 -9.79 -1.61 -15.70
C GLY A 24 -9.90 -0.41 -16.60
N GLY A 25 -11.03 0.29 -16.55
CA GLY A 25 -11.23 1.46 -17.38
C GLY A 25 -10.49 2.67 -16.86
N GLN A 26 -11.11 3.84 -16.97
CA GLN A 26 -10.49 5.08 -16.51
C GLN A 26 -10.73 5.28 -15.01
N GLY A 27 -9.89 6.11 -14.40
CA GLY A 27 -10.02 6.37 -12.98
C GLY A 27 -9.10 5.50 -12.14
N LYS A 28 -8.39 6.13 -11.21
CA LYS A 28 -7.47 5.42 -10.33
C LYS A 28 -8.15 5.00 -9.04
N GLY A 29 -8.31 3.69 -8.85
CA GLY A 29 -8.95 3.19 -7.65
C GLY A 29 -7.95 2.76 -6.59
N ARG A 30 -8.42 2.61 -5.36
CA ARG A 30 -7.55 2.20 -4.26
C ARG A 30 -7.57 0.69 -4.08
N LEU A 31 -6.63 0.18 -3.28
CA LEU A 31 -6.53 -1.25 -3.03
C LEU A 31 -7.07 -1.60 -1.65
N ALA A 32 -7.93 -2.62 -1.60
CA ALA A 32 -8.52 -3.05 -0.34
C ALA A 32 -7.53 -3.88 0.47
N LEU A 33 -7.11 -3.34 1.61
CA LEU A 33 -6.16 -4.03 2.48
C LEU A 33 -6.88 -4.66 3.67
N ARG A 34 -6.21 -5.62 4.31
CA ARG A 34 -6.78 -6.30 5.47
C ARG A 34 -5.80 -6.31 6.64
N ALA A 35 -6.34 -6.45 7.85
CA ALA A 35 -5.51 -6.47 9.04
C ALA A 35 -4.42 -7.54 8.95
N GLY A 36 -3.21 -7.10 8.64
CA GLY A 36 -2.09 -8.02 8.51
C GLY A 36 -1.76 -8.35 7.07
N ASP A 37 -2.04 -7.40 6.17
CA ASP A 37 -1.77 -7.59 4.75
C ASP A 37 -0.46 -6.92 4.36
N VAL A 38 0.57 -7.72 4.16
CA VAL A 38 1.88 -7.19 3.78
C VAL A 38 1.89 -6.72 2.32
N VAL A 39 1.83 -5.42 2.13
CA VAL A 39 1.83 -4.84 0.80
C VAL A 39 3.15 -4.12 0.51
N MET A 40 3.58 -4.17 -0.75
CA MET A 40 4.82 -3.52 -1.15
C MET A 40 4.53 -2.19 -1.85
N VAL A 41 5.05 -1.10 -1.29
CA VAL A 41 4.85 0.22 -1.85
C VAL A 41 6.08 0.68 -2.63
N TYR A 42 5.92 1.73 -3.42
CA TYR A 42 7.02 2.26 -4.21
C TYR A 42 7.08 3.79 -4.11
N GLY A 43 8.29 4.32 -3.96
CA GLY A 43 8.46 5.75 -3.85
C GLY A 43 7.61 6.36 -2.76
N PRO A 44 7.61 7.70 -2.66
CA PRO A 44 6.83 8.43 -1.65
C PRO A 44 5.34 8.36 -1.92
N MET A 45 4.57 9.14 -1.16
CA MET A 45 3.12 9.17 -1.31
C MET A 45 2.67 10.39 -2.11
N ASP A 46 1.38 10.48 -2.38
CA ASP A 46 0.83 11.60 -3.14
C ASP A 46 0.44 12.74 -2.20
N ASP A 47 -0.04 13.83 -2.78
CA ASP A 47 -0.45 15.00 -1.99
C ASP A 47 -1.53 14.62 -0.98
N GLN A 48 -2.38 13.68 -1.37
CA GLN A 48 -3.46 13.24 -0.49
C GLN A 48 -2.92 12.35 0.63
N GLY A 49 -1.79 11.70 0.37
CA GLY A 49 -1.18 10.83 1.37
C GLY A 49 -1.40 9.37 1.06
N PHE A 50 -1.33 9.01 -0.21
CA PHE A 50 -1.52 7.63 -0.64
C PHE A 50 -0.26 7.08 -1.29
N TYR A 51 0.09 5.84 -0.94
CA TYR A 51 1.27 5.20 -1.49
C TYR A 51 0.92 4.37 -2.72
N TYR A 52 1.94 4.02 -3.50
CA TYR A 52 1.74 3.22 -4.71
C TYR A 52 2.27 1.80 -4.52
N GLY A 53 1.37 0.87 -4.21
CA GLY A 53 1.76 -0.51 -4.01
C GLY A 53 0.77 -1.49 -4.62
N GLU A 54 1.02 -2.78 -4.41
CA GLU A 54 0.14 -3.82 -4.94
C GLU A 54 -0.02 -4.95 -3.94
N LEU A 55 -1.24 -5.50 -3.87
CA LEU A 55 -1.53 -6.59 -2.95
C LEU A 55 -2.47 -7.60 -3.59
N GLY A 56 -1.93 -8.77 -3.93
CA GLY A 56 -2.74 -9.80 -4.55
C GLY A 56 -2.69 -9.76 -6.06
N GLY A 57 -1.65 -9.11 -6.60
CA GLY A 57 -1.51 -9.00 -8.04
C GLY A 57 -2.32 -7.85 -8.61
N HIS A 58 -2.59 -6.85 -7.78
CA HIS A 58 -3.34 -5.67 -8.21
C HIS A 58 -2.72 -4.40 -7.65
N ARG A 59 -2.31 -3.51 -8.55
CA ARG A 59 -1.70 -2.24 -8.15
C ARG A 59 -2.77 -1.20 -7.86
N GLY A 60 -2.38 -0.14 -7.15
CA GLY A 60 -3.31 0.92 -6.82
C GLY A 60 -2.82 1.77 -5.66
N LEU A 61 -3.54 2.87 -5.40
CA LEU A 61 -3.17 3.78 -4.32
C LEU A 61 -3.65 3.23 -2.97
N VAL A 62 -2.73 3.16 -2.01
CA VAL A 62 -3.04 2.67 -0.68
C VAL A 62 -2.89 3.75 0.37
N PRO A 63 -3.60 3.60 1.49
CA PRO A 63 -3.56 4.57 2.60
C PRO A 63 -2.22 4.57 3.32
N ALA A 64 -1.62 5.76 3.46
CA ALA A 64 -0.34 5.89 4.12
C ALA A 64 -0.52 6.12 5.63
N HIS A 65 -1.75 5.95 6.10
CA HIS A 65 -2.06 6.14 7.51
C HIS A 65 -2.52 4.82 8.15
N LEU A 66 -3.07 3.94 7.33
CA LEU A 66 -3.55 2.65 7.82
C LEU A 66 -2.41 1.63 7.89
N LEU A 67 -1.40 1.83 7.04
CA LEU A 67 -0.24 0.94 7.00
C LEU A 67 0.62 1.11 8.24
N ASP A 68 1.53 0.16 8.45
CA ASP A 68 2.42 0.21 9.60
C ASP A 68 3.85 -0.13 9.20
N HIS A 69 4.81 0.64 9.71
CA HIS A 69 6.22 0.41 9.39
C HIS A 69 6.78 -0.74 10.21
N MET A 70 6.95 -1.90 9.58
CA MET A 70 7.48 -3.07 10.25
C MET A 70 8.84 -2.79 10.87
N SER A 71 9.23 -3.59 11.86
CA SER A 71 10.50 -3.42 12.53
C SER A 71 11.25 -4.74 12.65
N LEU A 72 12.57 -4.68 12.63
CA LEU A 72 13.40 -5.87 12.73
C LEU A 72 14.08 -5.95 14.10
N HIS A 73 14.38 -4.79 14.67
CA HIS A 73 15.04 -4.73 15.97
C HIS A 73 14.05 -5.07 17.08
N GLY A 74 12.77 -4.80 16.84
CA GLY A 74 11.75 -5.09 17.83
C GLY A 74 12.05 -4.45 19.18
N HIS A 75 11.50 -5.03 20.24
CA HIS A 75 11.72 -4.50 21.59
C HIS A 75 12.58 -5.44 22.41
N GLY A 1 22.86 -15.25 -5.12
CA GLY A 1 22.71 -14.27 -4.06
C GLY A 1 21.34 -13.63 -4.05
N SER A 2 21.28 -12.36 -4.43
CA SER A 2 20.01 -11.63 -4.46
C SER A 2 20.16 -10.31 -5.21
N SER A 3 19.04 -9.71 -5.57
CA SER A 3 19.04 -8.45 -6.31
C SER A 3 18.98 -7.26 -5.34
N GLY A 4 17.86 -7.16 -4.62
CA GLY A 4 17.71 -6.06 -3.68
C GLY A 4 16.27 -5.61 -3.56
N SER A 5 15.96 -4.89 -2.48
CA SER A 5 14.60 -4.40 -2.25
C SER A 5 14.34 -3.14 -3.08
N SER A 6 13.39 -3.25 -4.00
CA SER A 6 13.04 -2.13 -4.86
C SER A 6 12.07 -1.18 -4.16
N GLY A 7 11.23 -1.75 -3.29
CA GLY A 7 10.26 -0.95 -2.56
C GLY A 7 10.25 -1.27 -1.08
N LYS A 8 9.38 -0.58 -0.34
CA LYS A 8 9.28 -0.80 1.10
C LYS A 8 8.19 -1.83 1.42
N ILE A 9 8.22 -2.34 2.65
CA ILE A 9 7.24 -3.33 3.08
C ILE A 9 6.41 -2.81 4.26
N MET A 10 5.09 -2.78 4.09
CA MET A 10 4.20 -2.31 5.14
C MET A 10 3.02 -3.26 5.30
N ILE A 11 2.36 -3.19 6.45
CA ILE A 11 1.20 -4.03 6.73
C ILE A 11 -0.03 -3.18 7.05
N ALA A 12 -1.18 -3.62 6.56
CA ALA A 12 -2.44 -2.91 6.79
C ALA A 12 -2.91 -3.11 8.22
N ALA A 13 -2.69 -2.10 9.06
CA ALA A 13 -3.10 -2.16 10.46
C ALA A 13 -4.60 -2.36 10.58
N LEU A 14 -5.32 -2.02 9.53
CA LEU A 14 -6.78 -2.16 9.51
C LEU A 14 -7.27 -2.67 8.17
N ASP A 15 -8.50 -3.15 8.13
CA ASP A 15 -9.09 -3.67 6.90
C ASP A 15 -9.68 -2.54 6.06
N TYR A 16 -8.97 -2.17 5.00
CA TYR A 16 -9.42 -1.10 4.12
C TYR A 16 -10.19 -1.66 2.93
N ASP A 17 -11.48 -1.34 2.86
CA ASP A 17 -12.33 -1.81 1.78
C ASP A 17 -12.85 -0.64 0.94
N PRO A 18 -11.95 -0.04 0.13
CA PRO A 18 -12.29 1.09 -0.73
C PRO A 18 -13.22 0.69 -1.87
N GLY A 19 -13.36 -0.62 -2.09
CA GLY A 19 -14.21 -1.10 -3.16
C GLY A 19 -15.61 -0.52 -3.10
N ASP A 20 -16.04 -0.19 -1.89
CA ASP A 20 -17.38 0.39 -1.69
C ASP A 20 -17.59 1.60 -2.60
N GLY A 21 -16.50 2.28 -2.92
CA GLY A 21 -16.59 3.45 -3.79
C GLY A 21 -15.34 3.66 -4.63
N GLN A 22 -15.46 3.42 -5.93
CA GLN A 22 -14.33 3.58 -6.84
C GLN A 22 -14.26 5.00 -7.38
N MET A 23 -15.41 5.51 -7.83
CA MET A 23 -15.47 6.86 -8.38
C MET A 23 -14.90 7.87 -7.40
N GLY A 24 -13.99 8.71 -7.88
CA GLY A 24 -13.38 9.71 -7.03
C GLY A 24 -12.24 10.45 -7.72
N GLY A 25 -11.46 9.72 -8.50
CA GLY A 25 -10.34 10.32 -9.21
C GLY A 25 -10.59 10.43 -10.70
N GLN A 26 -9.61 10.02 -11.49
CA GLN A 26 -9.73 10.08 -12.95
C GLN A 26 -10.36 8.81 -13.49
N GLY A 27 -9.64 7.69 -13.38
CA GLY A 27 -10.16 6.43 -13.86
C GLY A 27 -9.49 5.24 -13.19
N LYS A 28 -8.94 5.46 -12.01
CA LYS A 28 -8.28 4.40 -11.26
C LYS A 28 -8.95 4.18 -9.91
N GLY A 29 -8.49 3.17 -9.18
CA GLY A 29 -9.06 2.86 -7.89
C GLY A 29 -8.02 2.41 -6.88
N ARG A 30 -8.36 2.50 -5.60
CA ARG A 30 -7.44 2.11 -4.54
C ARG A 30 -7.45 0.60 -4.35
N LEU A 31 -6.46 0.09 -3.63
CA LEU A 31 -6.34 -1.34 -3.38
C LEU A 31 -6.89 -1.69 -2.00
N ALA A 32 -7.73 -2.73 -1.95
CA ALA A 32 -8.32 -3.17 -0.70
C ALA A 32 -7.31 -3.96 0.13
N LEU A 33 -7.09 -3.51 1.36
CA LEU A 33 -6.15 -4.18 2.26
C LEU A 33 -6.88 -4.82 3.44
N ARG A 34 -6.24 -5.81 4.05
CA ARG A 34 -6.83 -6.50 5.19
C ARG A 34 -5.88 -6.50 6.38
N ALA A 35 -6.45 -6.57 7.58
CA ALA A 35 -5.65 -6.58 8.80
C ALA A 35 -4.55 -7.64 8.74
N GLY A 36 -3.32 -7.18 8.50
CA GLY A 36 -2.20 -8.11 8.42
C GLY A 36 -1.81 -8.41 6.99
N ASP A 37 -2.10 -7.49 6.08
CA ASP A 37 -1.77 -7.67 4.68
C ASP A 37 -0.45 -6.98 4.33
N VAL A 38 0.59 -7.78 4.15
CA VAL A 38 1.91 -7.24 3.82
C VAL A 38 1.97 -6.77 2.37
N VAL A 39 1.89 -5.46 2.18
CA VAL A 39 1.93 -4.88 0.84
C VAL A 39 3.25 -4.15 0.60
N MET A 40 3.74 -4.22 -0.63
CA MET A 40 4.98 -3.57 -1.00
C MET A 40 4.72 -2.24 -1.71
N VAL A 41 5.22 -1.15 -1.14
CA VAL A 41 5.04 0.17 -1.71
C VAL A 41 6.29 0.63 -2.44
N TYR A 42 6.16 1.71 -3.22
CA TYR A 42 7.27 2.24 -3.99
C TYR A 42 7.33 3.76 -3.87
N GLY A 43 8.54 4.29 -3.69
CA GLY A 43 8.71 5.73 -3.57
C GLY A 43 7.80 6.33 -2.51
N PRO A 44 7.81 7.67 -2.42
CA PRO A 44 6.99 8.40 -1.45
C PRO A 44 5.50 8.33 -1.78
N MET A 45 4.70 9.11 -1.05
CA MET A 45 3.27 9.14 -1.27
C MET A 45 2.86 10.38 -2.07
N ASP A 46 1.58 10.46 -2.41
CA ASP A 46 1.06 11.59 -3.17
C ASP A 46 0.67 12.75 -2.24
N ASP A 47 0.02 13.76 -2.80
CA ASP A 47 -0.41 14.91 -2.02
C ASP A 47 -1.51 14.54 -1.04
N GLN A 48 -2.34 13.59 -1.43
CA GLN A 48 -3.44 13.13 -0.58
C GLN A 48 -2.92 12.25 0.54
N GLY A 49 -1.77 11.62 0.32
CA GLY A 49 -1.20 10.75 1.33
C GLY A 49 -1.38 9.28 1.02
N PHE A 50 -1.28 8.93 -0.27
CA PHE A 50 -1.45 7.55 -0.70
C PHE A 50 -0.16 7.01 -1.32
N TYR A 51 0.19 5.78 -0.97
CA TYR A 51 1.40 5.15 -1.48
C TYR A 51 1.10 4.32 -2.72
N TYR A 52 2.14 3.97 -3.45
CA TYR A 52 1.99 3.17 -4.67
C TYR A 52 2.53 1.76 -4.47
N GLY A 53 1.64 0.81 -4.24
CA GLY A 53 2.04 -0.57 -4.04
C GLY A 53 1.08 -1.56 -4.66
N GLU A 54 1.31 -2.84 -4.40
CA GLU A 54 0.46 -3.89 -4.95
C GLU A 54 0.28 -5.03 -3.94
N LEU A 55 -0.91 -5.61 -3.92
CA LEU A 55 -1.22 -6.71 -3.00
C LEU A 55 -2.10 -7.74 -3.67
N GLY A 56 -1.58 -8.97 -3.79
CA GLY A 56 -2.34 -10.03 -4.41
C GLY A 56 -2.13 -10.11 -5.91
N GLY A 57 -1.52 -9.06 -6.46
CA GLY A 57 -1.27 -9.03 -7.90
C GLY A 57 -1.94 -7.84 -8.58
N HIS A 58 -2.36 -6.86 -7.78
CA HIS A 58 -3.01 -5.68 -8.32
C HIS A 58 -2.35 -4.41 -7.79
N ARG A 59 -1.99 -3.51 -8.71
CA ARG A 59 -1.34 -2.26 -8.34
C ARG A 59 -2.38 -1.16 -8.13
N GLY A 60 -2.03 -0.17 -7.32
CA GLY A 60 -2.94 0.94 -7.04
C GLY A 60 -2.47 1.80 -5.90
N LEU A 61 -3.29 2.78 -5.53
CA LEU A 61 -2.95 3.69 -4.43
C LEU A 61 -3.47 3.15 -3.10
N VAL A 62 -2.57 3.08 -2.11
CA VAL A 62 -2.93 2.58 -0.80
C VAL A 62 -2.82 3.69 0.25
N PRO A 63 -3.56 3.53 1.36
CA PRO A 63 -3.56 4.50 2.46
C PRO A 63 -2.24 4.51 3.23
N ALA A 64 -1.66 5.70 3.37
CA ALA A 64 -0.40 5.84 4.09
C ALA A 64 -0.62 6.09 5.58
N HIS A 65 -1.87 5.90 6.01
CA HIS A 65 -2.23 6.10 7.41
C HIS A 65 -2.70 4.78 8.04
N LEU A 66 -3.21 3.88 7.21
CA LEU A 66 -3.70 2.59 7.69
C LEU A 66 -2.55 1.59 7.78
N LEU A 67 -1.53 1.78 6.97
CA LEU A 67 -0.38 0.89 6.96
C LEU A 67 0.45 1.06 8.23
N ASP A 68 1.36 0.13 8.47
CA ASP A 68 2.22 0.18 9.65
C ASP A 68 3.66 -0.15 9.29
N HIS A 69 4.60 0.62 9.84
CA HIS A 69 6.02 0.41 9.57
C HIS A 69 6.57 -0.74 10.40
N MET A 70 6.76 -1.89 9.77
CA MET A 70 7.27 -3.07 10.46
C MET A 70 8.59 -2.75 11.15
N SER A 71 9.44 -1.97 10.48
CA SER A 71 10.73 -1.60 11.02
C SER A 71 11.56 -2.83 11.38
N LEU A 72 11.33 -3.92 10.63
CA LEU A 72 12.04 -5.17 10.87
C LEU A 72 13.50 -5.06 10.42
N HIS A 73 14.39 -5.66 11.20
CA HIS A 73 15.82 -5.63 10.88
C HIS A 73 16.32 -7.02 10.52
N GLY A 74 17.45 -7.08 9.82
CA GLY A 74 18.02 -8.35 9.43
C GLY A 74 18.81 -8.26 8.13
N HIS A 75 18.31 -7.45 7.20
CA HIS A 75 18.98 -7.29 5.91
C HIS A 75 19.84 -6.03 5.90
N GLY A 1 10.35 -14.20 -6.18
CA GLY A 1 9.05 -14.82 -6.00
C GLY A 1 8.23 -14.12 -4.93
N SER A 2 8.35 -14.61 -3.70
CA SER A 2 7.60 -14.03 -2.59
C SER A 2 8.23 -12.71 -2.13
N SER A 3 9.53 -12.76 -1.86
CA SER A 3 10.25 -11.57 -1.42
C SER A 3 10.41 -10.56 -2.56
N GLY A 4 10.47 -9.29 -2.20
CA GLY A 4 10.61 -8.24 -3.20
C GLY A 4 12.03 -7.75 -3.32
N SER A 5 12.45 -7.47 -4.56
CA SER A 5 13.81 -7.00 -4.80
C SER A 5 13.96 -5.52 -4.40
N SER A 6 12.93 -4.74 -4.68
CA SER A 6 12.94 -3.32 -4.34
C SER A 6 11.60 -2.89 -3.75
N GLY A 7 11.57 -1.70 -3.17
CA GLY A 7 10.35 -1.19 -2.56
C GLY A 7 10.28 -1.45 -1.08
N LYS A 8 9.32 -0.82 -0.42
CA LYS A 8 9.14 -0.99 1.02
C LYS A 8 8.02 -1.98 1.31
N ILE A 9 8.03 -2.54 2.53
CA ILE A 9 7.01 -3.50 2.93
C ILE A 9 6.22 -2.99 4.14
N MET A 10 4.92 -2.80 3.94
CA MET A 10 4.05 -2.32 5.01
C MET A 10 2.80 -3.19 5.13
N ILE A 11 2.32 -3.37 6.36
CA ILE A 11 1.15 -4.18 6.62
C ILE A 11 -0.05 -3.30 7.00
N ALA A 12 -1.22 -3.66 6.49
CA ALA A 12 -2.44 -2.92 6.78
C ALA A 12 -2.86 -3.10 8.24
N ALA A 13 -2.58 -2.09 9.06
CA ALA A 13 -2.94 -2.14 10.47
C ALA A 13 -4.44 -2.27 10.66
N LEU A 14 -5.20 -1.89 9.64
CA LEU A 14 -6.66 -1.96 9.68
C LEU A 14 -7.23 -2.43 8.35
N ASP A 15 -8.47 -2.89 8.37
CA ASP A 15 -9.13 -3.36 7.15
C ASP A 15 -9.66 -2.19 6.34
N TYR A 16 -9.02 -1.92 5.20
CA TYR A 16 -9.43 -0.83 4.33
C TYR A 16 -10.26 -1.35 3.16
N ASP A 17 -11.53 -0.95 3.13
CA ASP A 17 -12.44 -1.37 2.06
C ASP A 17 -12.92 -0.17 1.26
N PRO A 18 -12.03 0.39 0.43
CA PRO A 18 -12.34 1.55 -0.41
C PRO A 18 -13.32 1.21 -1.53
N GLY A 19 -13.48 -0.08 -1.79
CA GLY A 19 -14.38 -0.52 -2.85
C GLY A 19 -13.79 -1.62 -3.71
N ASP A 20 -14.53 -2.71 -3.86
CA ASP A 20 -14.07 -3.84 -4.66
C ASP A 20 -13.84 -3.42 -6.11
N GLY A 21 -14.60 -2.41 -6.56
CA GLY A 21 -14.45 -1.94 -7.93
C GLY A 21 -13.60 -0.69 -8.01
N GLN A 22 -12.51 -0.77 -8.77
CA GLN A 22 -11.60 0.35 -8.94
C GLN A 22 -12.19 1.39 -9.90
N MET A 23 -12.87 0.91 -10.93
CA MET A 23 -13.48 1.79 -11.92
C MET A 23 -14.75 2.42 -11.37
N GLY A 24 -14.88 3.74 -11.56
CA GLY A 24 -16.05 4.44 -11.08
C GLY A 24 -15.70 5.76 -10.42
N GLY A 25 -14.51 5.84 -9.85
CA GLY A 25 -14.08 7.06 -9.20
C GLY A 25 -13.25 7.95 -10.10
N GLN A 26 -11.94 8.00 -9.84
CA GLN A 26 -11.04 8.82 -10.64
C GLN A 26 -9.71 8.10 -10.84
N GLY A 27 -9.48 7.62 -12.06
CA GLY A 27 -8.24 6.93 -12.37
C GLY A 27 -8.19 5.54 -11.76
N LYS A 28 -7.01 5.16 -11.27
CA LYS A 28 -6.84 3.85 -10.65
C LYS A 28 -7.37 3.83 -9.22
N GLY A 29 -8.49 3.14 -9.02
CA GLY A 29 -9.08 3.05 -7.70
C GLY A 29 -8.10 2.56 -6.65
N ARG A 30 -8.43 2.79 -5.38
CA ARG A 30 -7.56 2.38 -4.28
C ARG A 30 -7.62 0.86 -4.10
N LEU A 31 -6.66 0.33 -3.35
CA LEU A 31 -6.60 -1.11 -3.10
C LEU A 31 -7.14 -1.44 -1.72
N ALA A 32 -7.97 -2.47 -1.64
CA ALA A 32 -8.56 -2.90 -0.38
C ALA A 32 -7.58 -3.74 0.43
N LEU A 33 -7.20 -3.25 1.59
CA LEU A 33 -6.26 -3.95 2.46
C LEU A 33 -6.98 -4.60 3.63
N ARG A 34 -6.35 -5.61 4.23
CA ARG A 34 -6.93 -6.32 5.36
C ARG A 34 -5.97 -6.35 6.54
N ALA A 35 -6.52 -6.40 7.74
CA ALA A 35 -5.71 -6.44 8.96
C ALA A 35 -4.66 -7.55 8.88
N GLY A 36 -3.41 -7.15 8.63
CA GLY A 36 -2.34 -8.13 8.53
C GLY A 36 -1.99 -8.46 7.09
N ASP A 37 -2.28 -7.54 6.18
CA ASP A 37 -1.99 -7.75 4.77
C ASP A 37 -0.66 -7.10 4.38
N VAL A 38 0.36 -7.93 4.22
CA VAL A 38 1.69 -7.44 3.85
C VAL A 38 1.70 -6.92 2.42
N VAL A 39 1.60 -5.60 2.28
CA VAL A 39 1.59 -4.98 0.96
C VAL A 39 2.93 -4.29 0.68
N MET A 40 3.37 -4.34 -0.58
CA MET A 40 4.62 -3.72 -0.97
C MET A 40 4.38 -2.40 -1.69
N VAL A 41 5.06 -1.35 -1.24
CA VAL A 41 4.92 -0.03 -1.84
C VAL A 41 6.18 0.39 -2.57
N TYR A 42 6.12 1.54 -3.23
CA TYR A 42 7.26 2.05 -3.98
C TYR A 42 7.30 3.57 -3.97
N GLY A 43 8.49 4.13 -3.76
CA GLY A 43 8.64 5.57 -3.72
C GLY A 43 7.77 6.22 -2.66
N PRO A 44 7.81 7.55 -2.60
CA PRO A 44 7.02 8.32 -1.62
C PRO A 44 5.53 8.27 -1.92
N MET A 45 4.76 9.07 -1.18
CA MET A 45 3.31 9.13 -1.37
C MET A 45 2.91 10.37 -2.15
N ASP A 46 1.62 10.51 -2.41
CA ASP A 46 1.10 11.66 -3.15
C ASP A 46 0.78 12.81 -2.21
N ASP A 47 0.14 13.84 -2.73
CA ASP A 47 -0.23 15.01 -1.94
C ASP A 47 -1.29 14.65 -0.91
N GLN A 48 -2.18 13.74 -1.27
CA GLN A 48 -3.25 13.30 -0.39
C GLN A 48 -2.72 12.43 0.74
N GLY A 49 -1.58 11.77 0.48
CA GLY A 49 -0.98 10.91 1.46
C GLY A 49 -1.20 9.44 1.17
N PHE A 50 -1.16 9.08 -0.11
CA PHE A 50 -1.37 7.70 -0.53
C PHE A 50 -0.10 7.13 -1.15
N TYR A 51 0.19 5.87 -0.83
CA TYR A 51 1.38 5.21 -1.36
C TYR A 51 1.05 4.40 -2.61
N TYR A 52 2.06 4.08 -3.39
CA TYR A 52 1.89 3.32 -4.62
C TYR A 52 2.39 1.88 -4.44
N GLY A 53 1.47 0.97 -4.17
CA GLY A 53 1.84 -0.42 -3.99
C GLY A 53 0.86 -1.38 -4.63
N GLU A 54 0.99 -2.67 -4.33
CA GLU A 54 0.11 -3.69 -4.89
C GLU A 54 0.00 -4.88 -3.96
N LEU A 55 -1.22 -5.38 -3.77
CA LEU A 55 -1.46 -6.52 -2.91
C LEU A 55 -2.35 -7.55 -3.60
N GLY A 56 -1.75 -8.67 -3.99
CA GLY A 56 -2.50 -9.73 -4.66
C GLY A 56 -2.45 -9.61 -6.17
N GLY A 57 -1.41 -8.94 -6.67
CA GLY A 57 -1.27 -8.77 -8.11
C GLY A 57 -2.09 -7.62 -8.63
N HIS A 58 -2.47 -6.71 -7.74
CA HIS A 58 -3.27 -5.54 -8.13
C HIS A 58 -2.63 -4.26 -7.61
N ARG A 59 -2.22 -3.40 -8.54
CA ARG A 59 -1.59 -2.13 -8.18
C ARG A 59 -2.65 -1.06 -7.91
N GLY A 60 -2.27 -0.03 -7.14
CA GLY A 60 -3.19 1.04 -6.82
C GLY A 60 -2.72 1.89 -5.66
N LEU A 61 -3.43 2.98 -5.40
CA LEU A 61 -3.08 3.88 -4.30
C LEU A 61 -3.58 3.34 -2.97
N VAL A 62 -2.68 3.24 -2.00
CA VAL A 62 -3.03 2.74 -0.68
C VAL A 62 -2.86 3.83 0.38
N PRO A 63 -3.60 3.69 1.49
CA PRO A 63 -3.54 4.64 2.60
C PRO A 63 -2.21 4.60 3.35
N ALA A 64 -1.59 5.76 3.52
CA ALA A 64 -0.31 5.85 4.22
C ALA A 64 -0.51 6.07 5.71
N HIS A 65 -1.76 5.91 6.16
CA HIS A 65 -2.08 6.10 7.57
C HIS A 65 -2.56 4.79 8.19
N LEU A 66 -3.11 3.91 7.36
CA LEU A 66 -3.60 2.62 7.84
C LEU A 66 -2.48 1.59 7.90
N LEU A 67 -1.51 1.72 6.99
CA LEU A 67 -0.37 0.81 6.95
C LEU A 67 0.47 0.94 8.22
N ASP A 68 1.38 -0.02 8.41
CA ASP A 68 2.26 -0.01 9.57
C ASP A 68 3.70 -0.30 9.17
N HIS A 69 4.64 0.44 9.75
CA HIS A 69 6.06 0.25 9.45
C HIS A 69 6.66 -0.85 10.32
N MET A 70 6.86 -2.02 9.72
CA MET A 70 7.43 -3.16 10.43
C MET A 70 8.89 -2.92 10.76
N SER A 71 9.62 -2.35 9.81
CA SER A 71 11.05 -2.06 10.00
C SER A 71 11.24 -0.72 10.70
N LEU A 72 12.45 -0.49 11.19
CA LEU A 72 12.77 0.75 11.88
C LEU A 72 13.71 1.61 11.04
N HIS A 73 13.57 2.93 11.18
CA HIS A 73 14.42 3.86 10.43
C HIS A 73 15.34 4.63 11.38
N GLY A 74 16.60 4.75 11.00
CA GLY A 74 17.56 5.46 11.82
C GLY A 74 17.80 6.88 11.34
N HIS A 75 18.13 7.02 10.06
CA HIS A 75 18.39 8.33 9.48
C HIS A 75 17.66 8.49 8.15
N GLY A 1 19.35 -8.22 -3.89
CA GLY A 1 20.55 -8.04 -4.68
C GLY A 1 20.27 -7.30 -5.97
N SER A 2 19.41 -6.28 -5.91
CA SER A 2 19.07 -5.50 -7.09
C SER A 2 19.37 -4.02 -6.86
N SER A 3 20.41 -3.52 -7.51
CA SER A 3 20.80 -2.13 -7.37
C SER A 3 19.78 -1.21 -8.04
N GLY A 4 19.91 0.08 -7.79
CA GLY A 4 19.00 1.05 -8.37
C GLY A 4 17.99 1.57 -7.36
N SER A 5 16.72 1.19 -7.53
CA SER A 5 15.67 1.63 -6.63
C SER A 5 15.05 0.45 -5.90
N SER A 6 14.90 0.58 -4.58
CA SER A 6 14.34 -0.48 -3.76
C SER A 6 12.94 -0.10 -3.28
N GLY A 7 12.16 -1.11 -2.91
CA GLY A 7 10.80 -0.86 -2.43
C GLY A 7 10.67 -1.05 -0.94
N LYS A 8 9.53 -0.65 -0.39
CA LYS A 8 9.28 -0.77 1.04
C LYS A 8 8.15 -1.77 1.32
N ILE A 9 8.17 -2.36 2.51
CA ILE A 9 7.15 -3.33 2.89
C ILE A 9 6.39 -2.85 4.12
N MET A 10 5.06 -2.73 3.97
CA MET A 10 4.21 -2.29 5.07
C MET A 10 3.01 -3.22 5.23
N ILE A 11 2.46 -3.26 6.43
CA ILE A 11 1.31 -4.11 6.72
C ILE A 11 0.08 -3.27 7.07
N ALA A 12 -1.07 -3.67 6.54
CA ALA A 12 -2.31 -2.96 6.79
C ALA A 12 -2.77 -3.14 8.24
N ALA A 13 -2.52 -2.14 9.07
CA ALA A 13 -2.91 -2.20 10.48
C ALA A 13 -4.41 -2.35 10.63
N LEU A 14 -5.15 -1.98 9.59
CA LEU A 14 -6.60 -2.09 9.60
C LEU A 14 -7.13 -2.55 8.24
N ASP A 15 -8.38 -3.00 8.23
CA ASP A 15 -9.00 -3.47 7.00
C ASP A 15 -9.54 -2.31 6.18
N TYR A 16 -9.12 -2.23 4.92
CA TYR A 16 -9.55 -1.16 4.03
C TYR A 16 -10.40 -1.71 2.88
N ASP A 17 -11.59 -1.16 2.70
CA ASP A 17 -12.49 -1.59 1.65
C ASP A 17 -12.87 -0.41 0.75
N PRO A 18 -11.94 0.02 -0.09
CA PRO A 18 -12.15 1.15 -1.01
C PRO A 18 -13.12 0.80 -2.13
N GLY A 19 -13.41 -0.49 -2.27
CA GLY A 19 -14.32 -0.94 -3.31
C GLY A 19 -15.65 -0.20 -3.28
N ASP A 20 -16.02 0.27 -2.09
CA ASP A 20 -17.28 1.00 -1.94
C ASP A 20 -17.09 2.47 -2.28
N GLY A 21 -17.58 2.86 -3.46
CA GLY A 21 -17.46 4.25 -3.90
C GLY A 21 -16.10 4.54 -4.50
N GLN A 22 -15.41 3.51 -4.96
CA GLN A 22 -14.09 3.67 -5.55
C GLN A 22 -14.13 4.69 -6.68
N MET A 23 -15.25 4.76 -7.37
CA MET A 23 -15.42 5.70 -8.47
C MET A 23 -15.05 7.12 -8.05
N GLY A 24 -15.51 7.51 -6.86
CA GLY A 24 -15.21 8.84 -6.35
C GLY A 24 -13.73 9.07 -6.17
N GLY A 25 -13.12 9.76 -7.14
CA GLY A 25 -11.70 10.04 -7.06
C GLY A 25 -11.14 10.55 -8.36
N GLN A 26 -9.82 10.72 -8.42
CA GLN A 26 -9.16 11.22 -9.63
C GLN A 26 -9.44 10.31 -10.82
N GLY A 27 -8.92 9.08 -10.76
CA GLY A 27 -9.14 8.14 -11.83
C GLY A 27 -9.12 6.70 -11.35
N LYS A 28 -7.93 6.15 -11.18
CA LYS A 28 -7.78 4.77 -10.72
C LYS A 28 -8.29 4.61 -9.29
N GLY A 29 -8.66 3.39 -8.92
CA GLY A 29 -9.16 3.13 -7.59
C GLY A 29 -8.09 2.62 -6.66
N ARG A 30 -8.37 2.61 -5.36
CA ARG A 30 -7.43 2.14 -4.37
C ARG A 30 -7.51 0.62 -4.21
N LEU A 31 -6.54 0.05 -3.50
CA LEU A 31 -6.50 -1.39 -3.28
C LEU A 31 -7.06 -1.74 -1.90
N ALA A 32 -7.85 -2.81 -1.85
CA ALA A 32 -8.44 -3.26 -0.60
C ALA A 32 -7.44 -4.03 0.24
N LEU A 33 -7.11 -3.49 1.41
CA LEU A 33 -6.15 -4.12 2.31
C LEU A 33 -6.87 -4.81 3.47
N ARG A 34 -6.19 -5.76 4.10
CA ARG A 34 -6.76 -6.50 5.22
C ARG A 34 -5.81 -6.48 6.41
N ALA A 35 -6.38 -6.55 7.61
CA ALA A 35 -5.58 -6.54 8.83
C ALA A 35 -4.49 -7.61 8.79
N GLY A 36 -3.26 -7.18 8.55
CA GLY A 36 -2.15 -8.10 8.48
C GLY A 36 -1.77 -8.45 7.06
N ASP A 37 -2.07 -7.55 6.12
CA ASP A 37 -1.76 -7.77 4.72
C ASP A 37 -0.44 -7.10 4.35
N VAL A 38 0.61 -7.91 4.24
CA VAL A 38 1.94 -7.40 3.89
C VAL A 38 1.97 -6.94 2.44
N VAL A 39 1.81 -5.63 2.24
CA VAL A 39 1.84 -5.06 0.90
C VAL A 39 3.15 -4.33 0.64
N MET A 40 3.60 -4.38 -0.61
CA MET A 40 4.86 -3.72 -0.99
C MET A 40 4.57 -2.41 -1.73
N VAL A 41 5.21 -1.34 -1.29
CA VAL A 41 5.04 -0.03 -1.91
C VAL A 41 6.32 0.44 -2.58
N TYR A 42 6.25 1.58 -3.25
CA TYR A 42 7.40 2.14 -3.93
C TYR A 42 7.35 3.66 -3.93
N GLY A 43 8.52 4.30 -3.77
CA GLY A 43 8.59 5.74 -3.76
C GLY A 43 7.70 6.35 -2.69
N PRO A 44 7.70 7.69 -2.61
CA PRO A 44 6.88 8.42 -1.64
C PRO A 44 5.39 8.34 -1.94
N MET A 45 4.60 9.09 -1.18
CA MET A 45 3.15 9.10 -1.37
C MET A 45 2.71 10.33 -2.15
N ASP A 46 1.41 10.43 -2.42
CA ASP A 46 0.86 11.56 -3.15
C ASP A 46 0.52 12.71 -2.21
N ASP A 47 -0.16 13.72 -2.74
CA ASP A 47 -0.55 14.88 -1.95
C ASP A 47 -1.61 14.51 -0.92
N GLN A 48 -2.48 13.57 -1.30
CA GLN A 48 -3.55 13.13 -0.41
C GLN A 48 -2.99 12.24 0.71
N GLY A 49 -1.87 11.59 0.44
CA GLY A 49 -1.26 10.71 1.43
C GLY A 49 -1.44 9.25 1.10
N PHE A 50 -1.32 8.91 -0.17
CA PHE A 50 -1.48 7.53 -0.61
C PHE A 50 -0.17 6.98 -1.21
N TYR A 51 0.14 5.74 -0.88
CA TYR A 51 1.37 5.11 -1.37
C TYR A 51 1.07 4.26 -2.60
N TYR A 52 2.12 4.00 -3.38
CA TYR A 52 1.98 3.20 -4.60
C TYR A 52 2.51 1.78 -4.38
N GLY A 53 1.59 0.83 -4.26
CA GLY A 53 1.98 -0.56 -4.04
C GLY A 53 1.01 -1.54 -4.67
N GLU A 54 1.21 -2.82 -4.39
CA GLU A 54 0.33 -3.87 -4.93
C GLU A 54 0.23 -5.04 -3.97
N LEU A 55 -0.97 -5.58 -3.82
CA LEU A 55 -1.21 -6.71 -2.93
C LEU A 55 -2.02 -7.79 -3.63
N GLY A 56 -1.45 -8.99 -3.74
CA GLY A 56 -2.13 -10.09 -4.39
C GLY A 56 -1.87 -10.13 -5.88
N GLY A 57 -1.32 -9.06 -6.42
CA GLY A 57 -1.02 -9.00 -7.84
C GLY A 57 -1.73 -7.84 -8.53
N HIS A 58 -2.22 -6.88 -7.74
CA HIS A 58 -2.92 -5.73 -8.28
C HIS A 58 -2.32 -4.44 -7.74
N ARG A 59 -1.90 -3.56 -8.66
CA ARG A 59 -1.30 -2.29 -8.28
C ARG A 59 -2.38 -1.23 -8.05
N GLY A 60 -2.05 -0.23 -7.23
CA GLY A 60 -3.00 0.82 -6.94
C GLY A 60 -2.58 1.67 -5.76
N LEU A 61 -3.28 2.79 -5.55
CA LEU A 61 -2.97 3.69 -4.46
C LEU A 61 -3.49 3.14 -3.13
N VAL A 62 -2.61 3.06 -2.14
CA VAL A 62 -3.00 2.56 -0.83
C VAL A 62 -2.91 3.65 0.23
N PRO A 63 -3.67 3.49 1.32
CA PRO A 63 -3.70 4.45 2.43
C PRO A 63 -2.39 4.46 3.22
N ALA A 64 -1.81 5.64 3.39
CA ALA A 64 -0.56 5.79 4.12
C ALA A 64 -0.83 5.99 5.61
N HIS A 65 -2.08 5.80 6.02
CA HIS A 65 -2.47 5.96 7.42
C HIS A 65 -2.90 4.63 8.01
N LEU A 66 -3.36 3.73 7.16
CA LEU A 66 -3.82 2.41 7.60
C LEU A 66 -2.64 1.45 7.70
N LEU A 67 -1.65 1.64 6.83
CA LEU A 67 -0.47 0.78 6.83
C LEU A 67 0.40 1.03 8.05
N ASP A 68 1.35 0.13 8.29
CA ASP A 68 2.24 0.26 9.44
C ASP A 68 3.69 0.01 9.03
N HIS A 69 4.56 0.96 9.37
CA HIS A 69 5.98 0.85 9.04
C HIS A 69 6.66 -0.22 9.89
N MET A 70 6.92 -1.37 9.28
CA MET A 70 7.56 -2.48 9.98
C MET A 70 8.93 -2.05 10.51
N SER A 71 9.47 -2.85 11.43
CA SER A 71 10.78 -2.55 12.03
C SER A 71 11.50 -3.84 12.40
N LEU A 72 12.63 -4.08 11.74
CA LEU A 72 13.43 -5.27 12.00
C LEU A 72 13.75 -5.40 13.49
N HIS A 73 13.87 -4.27 14.16
CA HIS A 73 14.17 -4.26 15.60
C HIS A 73 12.88 -4.29 16.41
N GLY A 74 13.01 -4.70 17.68
CA GLY A 74 11.85 -4.77 18.55
C GLY A 74 12.23 -4.88 20.00
N HIS A 75 11.24 -4.74 20.89
CA HIS A 75 11.48 -4.82 22.33
C HIS A 75 12.04 -6.18 22.70
N GLY A 1 8.12 -10.12 -9.15
CA GLY A 1 9.18 -10.90 -9.76
C GLY A 1 10.08 -10.07 -10.65
N SER A 2 10.07 -8.76 -10.43
CA SER A 2 10.90 -7.85 -11.22
C SER A 2 12.16 -7.46 -10.45
N SER A 3 13.28 -7.42 -11.17
CA SER A 3 14.56 -7.07 -10.57
C SER A 3 14.98 -5.65 -10.95
N GLY A 4 15.97 -5.12 -10.25
CA GLY A 4 16.44 -3.78 -10.52
C GLY A 4 16.11 -2.81 -9.41
N SER A 5 14.84 -2.44 -9.30
CA SER A 5 14.40 -1.50 -8.27
C SER A 5 14.07 -2.24 -6.98
N SER A 6 13.90 -1.48 -5.90
CA SER A 6 13.59 -2.05 -4.60
C SER A 6 12.49 -1.25 -3.91
N GLY A 7 11.41 -1.93 -3.55
CA GLY A 7 10.30 -1.27 -2.88
C GLY A 7 10.30 -1.51 -1.38
N LYS A 8 9.32 -0.94 -0.69
CA LYS A 8 9.20 -1.10 0.75
C LYS A 8 8.11 -2.11 1.10
N ILE A 9 8.12 -2.56 2.35
CA ILE A 9 7.12 -3.52 2.81
C ILE A 9 6.36 -2.99 4.02
N MET A 10 5.04 -2.91 3.90
CA MET A 10 4.20 -2.42 4.98
C MET A 10 3.00 -3.34 5.21
N ILE A 11 2.35 -3.19 6.36
CA ILE A 11 1.18 -4.01 6.67
C ILE A 11 -0.01 -3.13 7.05
N ALA A 12 -1.19 -3.53 6.59
CA ALA A 12 -2.41 -2.79 6.89
C ALA A 12 -2.82 -2.97 8.35
N ALA A 13 -2.53 -1.96 9.17
CA ALA A 13 -2.88 -2.00 10.58
C ALA A 13 -4.38 -2.16 10.78
N LEU A 14 -5.15 -1.77 9.77
CA LEU A 14 -6.61 -1.85 9.83
C LEU A 14 -7.18 -2.33 8.49
N ASP A 15 -8.43 -2.76 8.52
CA ASP A 15 -9.09 -3.25 7.31
C ASP A 15 -9.55 -2.08 6.45
N TYR A 16 -9.03 -2.02 5.22
CA TYR A 16 -9.38 -0.95 4.30
C TYR A 16 -10.15 -1.50 3.10
N ASP A 17 -11.47 -1.28 3.11
CA ASP A 17 -12.32 -1.76 2.02
C ASP A 17 -12.90 -0.59 1.23
N PRO A 18 -12.07 0.04 0.41
CA PRO A 18 -12.48 1.19 -0.42
C PRO A 18 -13.45 0.79 -1.53
N GLY A 19 -13.52 -0.51 -1.80
CA GLY A 19 -14.42 -1.00 -2.84
C GLY A 19 -13.84 -2.20 -3.58
N ASP A 20 -14.58 -3.30 -3.58
CA ASP A 20 -14.14 -4.51 -4.26
C ASP A 20 -13.92 -4.25 -5.75
N GLY A 21 -14.73 -3.35 -6.31
CA GLY A 21 -14.60 -3.04 -7.72
C GLY A 21 -13.81 -1.76 -7.96
N GLN A 22 -12.48 -1.89 -7.94
CA GLN A 22 -11.61 -0.74 -8.15
C GLN A 22 -11.93 -0.05 -9.47
N MET A 23 -12.47 -0.81 -10.42
CA MET A 23 -12.83 -0.27 -11.72
C MET A 23 -13.85 0.86 -11.58
N GLY A 24 -14.94 0.57 -10.88
CA GLY A 24 -15.98 1.57 -10.68
C GLY A 24 -15.50 2.75 -9.86
N GLY A 25 -15.51 3.94 -10.48
CA GLY A 25 -15.08 5.13 -9.78
C GLY A 25 -14.41 6.13 -10.71
N GLN A 26 -13.13 6.38 -10.49
CA GLN A 26 -12.38 7.31 -11.31
C GLN A 26 -11.69 6.59 -12.47
N GLY A 27 -10.98 5.52 -12.16
CA GLY A 27 -10.28 4.77 -13.18
C GLY A 27 -9.58 3.54 -12.62
N LYS A 28 -8.58 3.77 -11.78
CA LYS A 28 -7.83 2.68 -11.17
C LYS A 28 -8.30 2.42 -9.76
N GLY A 29 -8.84 3.44 -9.12
CA GLY A 29 -9.33 3.30 -7.76
C GLY A 29 -8.22 2.91 -6.78
N ARG A 30 -8.58 2.79 -5.51
CA ARG A 30 -7.61 2.43 -4.48
C ARG A 30 -7.57 0.90 -4.29
N LEU A 31 -6.63 0.45 -3.48
CA LEU A 31 -6.48 -0.98 -3.21
C LEU A 31 -7.05 -1.34 -1.84
N ALA A 32 -7.79 -2.45 -1.78
CA ALA A 32 -8.39 -2.89 -0.53
C ALA A 32 -7.41 -3.74 0.27
N LEU A 33 -7.18 -3.36 1.53
CA LEU A 33 -6.26 -4.09 2.39
C LEU A 33 -7.00 -4.66 3.60
N ARG A 34 -6.35 -5.61 4.27
CA ARG A 34 -6.94 -6.24 5.44
C ARG A 34 -5.97 -6.26 6.61
N ALA A 35 -6.50 -6.31 7.82
CA ALA A 35 -5.67 -6.32 9.02
C ALA A 35 -4.60 -7.41 8.94
N GLY A 36 -3.36 -7.00 8.65
CA GLY A 36 -2.28 -7.95 8.55
C GLY A 36 -1.96 -8.31 7.11
N ASP A 37 -2.24 -7.38 6.20
CA ASP A 37 -1.98 -7.61 4.78
C ASP A 37 -0.66 -6.95 4.37
N VAL A 38 0.38 -7.76 4.19
CA VAL A 38 1.68 -7.26 3.80
C VAL A 38 1.68 -6.79 2.35
N VAL A 39 1.64 -5.48 2.17
CA VAL A 39 1.63 -4.89 0.83
C VAL A 39 2.95 -4.20 0.52
N MET A 40 3.39 -4.31 -0.73
CA MET A 40 4.65 -3.69 -1.15
C MET A 40 4.38 -2.35 -1.84
N VAL A 41 5.04 -1.30 -1.35
CA VAL A 41 4.88 0.03 -1.92
C VAL A 41 6.14 0.46 -2.68
N TYR A 42 6.06 1.61 -3.34
CA TYR A 42 7.19 2.13 -4.10
C TYR A 42 7.21 3.65 -4.06
N GLY A 43 8.41 4.21 -3.94
CA GLY A 43 8.55 5.65 -3.88
C GLY A 43 7.70 6.29 -2.79
N PRO A 44 7.75 7.63 -2.70
CA PRO A 44 6.99 8.37 -1.71
C PRO A 44 5.49 8.36 -1.99
N MET A 45 4.75 9.16 -1.23
CA MET A 45 3.29 9.24 -1.41
C MET A 45 2.91 10.49 -2.19
N ASP A 46 1.61 10.66 -2.41
CA ASP A 46 1.10 11.82 -3.14
C ASP A 46 0.80 12.98 -2.20
N ASP A 47 0.18 14.02 -2.73
CA ASP A 47 -0.17 15.19 -1.93
C ASP A 47 -1.24 14.85 -0.90
N GLN A 48 -2.10 13.90 -1.24
CA GLN A 48 -3.18 13.48 -0.35
C GLN A 48 -2.63 12.58 0.77
N GLY A 49 -1.52 11.89 0.48
CA GLY A 49 -0.92 11.01 1.46
C GLY A 49 -1.16 9.56 1.15
N PHE A 50 -1.11 9.21 -0.13
CA PHE A 50 -1.32 7.84 -0.56
C PHE A 50 -0.06 7.25 -1.19
N TYR A 51 0.22 5.99 -0.90
CA TYR A 51 1.40 5.32 -1.44
C TYR A 51 1.04 4.49 -2.67
N TYR A 52 2.05 4.14 -3.45
CA TYR A 52 1.85 3.35 -4.66
C TYR A 52 2.37 1.93 -4.47
N GLY A 53 1.45 1.00 -4.26
CA GLY A 53 1.83 -0.39 -4.07
C GLY A 53 0.84 -1.36 -4.69
N GLU A 54 1.02 -2.65 -4.44
CA GLU A 54 0.14 -3.67 -4.98
C GLU A 54 0.03 -4.86 -4.02
N LEU A 55 -1.18 -5.39 -3.90
CA LEU A 55 -1.43 -6.52 -3.02
C LEU A 55 -2.32 -7.56 -3.70
N GLY A 56 -1.80 -8.77 -3.87
CA GLY A 56 -2.56 -9.83 -4.50
C GLY A 56 -2.38 -9.85 -6.01
N GLY A 57 -1.83 -8.78 -6.56
CA GLY A 57 -1.61 -8.69 -7.99
C GLY A 57 -2.33 -7.51 -8.61
N HIS A 58 -2.73 -6.57 -7.78
CA HIS A 58 -3.45 -5.38 -8.26
C HIS A 58 -2.77 -4.11 -7.75
N ARG A 59 -2.36 -3.25 -8.68
CA ARG A 59 -1.71 -2.00 -8.33
C ARG A 59 -2.72 -0.90 -8.06
N GLY A 60 -2.34 0.08 -7.25
CA GLY A 60 -3.23 1.17 -6.92
C GLY A 60 -2.74 2.00 -5.75
N LEU A 61 -3.43 3.11 -5.48
CA LEU A 61 -3.05 3.99 -4.37
C LEU A 61 -3.54 3.43 -3.04
N VAL A 62 -2.64 3.36 -2.07
CA VAL A 62 -2.97 2.84 -0.74
C VAL A 62 -2.82 3.92 0.32
N PRO A 63 -3.54 3.76 1.44
CA PRO A 63 -3.49 4.70 2.56
C PRO A 63 -2.15 4.68 3.29
N ALA A 64 -1.54 5.84 3.45
CA ALA A 64 -0.26 5.95 4.15
C ALA A 64 -0.46 6.12 5.65
N HIS A 65 -1.70 5.97 6.10
CA HIS A 65 -2.02 6.12 7.52
C HIS A 65 -2.49 4.79 8.10
N LEU A 66 -3.08 3.96 7.27
CA LEU A 66 -3.58 2.66 7.70
C LEU A 66 -2.44 1.64 7.79
N LEU A 67 -1.45 1.80 6.92
CA LEU A 67 -0.30 0.91 6.90
C LEU A 67 0.57 1.09 8.15
N ASP A 68 1.49 0.17 8.37
CA ASP A 68 2.38 0.23 9.52
C ASP A 68 3.80 -0.16 9.13
N HIS A 69 4.77 0.63 9.58
CA HIS A 69 6.17 0.38 9.29
C HIS A 69 6.71 -0.75 10.14
N MET A 70 6.87 -1.93 9.52
CA MET A 70 7.37 -3.10 10.23
C MET A 70 8.73 -2.79 10.88
N SER A 71 8.90 -3.24 12.12
CA SER A 71 10.14 -3.01 12.85
C SER A 71 11.14 -4.12 12.57
N LEU A 72 12.38 -3.93 13.01
CA LEU A 72 13.43 -4.92 12.81
C LEU A 72 13.43 -5.95 13.93
N HIS A 73 12.97 -5.53 15.11
CA HIS A 73 12.91 -6.43 16.25
C HIS A 73 11.78 -7.45 16.10
N GLY A 74 11.94 -8.61 16.73
CA GLY A 74 10.93 -9.64 16.65
C GLY A 74 11.45 -11.00 17.11
N HIS A 75 11.14 -11.34 18.36
CA HIS A 75 11.58 -12.61 18.92
C HIS A 75 11.07 -13.78 18.08
N GLY A 1 15.88 -17.23 -6.85
CA GLY A 1 15.87 -15.81 -7.14
C GLY A 1 16.71 -15.02 -6.16
N SER A 2 16.10 -14.01 -5.55
CA SER A 2 16.81 -13.17 -4.58
C SER A 2 17.98 -12.46 -5.24
N SER A 3 17.75 -11.95 -6.45
CA SER A 3 18.80 -11.24 -7.19
C SER A 3 18.57 -9.73 -7.13
N GLY A 4 17.31 -9.32 -7.15
CA GLY A 4 16.98 -7.92 -7.10
C GLY A 4 15.63 -7.65 -6.47
N SER A 5 15.50 -6.51 -5.82
CA SER A 5 14.24 -6.14 -5.18
C SER A 5 14.13 -4.62 -5.01
N SER A 6 12.91 -4.11 -5.03
CA SER A 6 12.67 -2.68 -4.90
C SER A 6 11.37 -2.42 -4.13
N GLY A 7 11.19 -1.17 -3.73
CA GLY A 7 9.99 -0.81 -2.98
C GLY A 7 10.07 -1.19 -1.51
N LYS A 8 9.24 -0.56 -0.70
CA LYS A 8 9.23 -0.83 0.74
C LYS A 8 8.18 -1.89 1.08
N ILE A 9 8.16 -2.31 2.34
CA ILE A 9 7.20 -3.31 2.79
C ILE A 9 6.44 -2.83 4.03
N MET A 10 5.12 -2.80 3.92
CA MET A 10 4.28 -2.37 5.03
C MET A 10 3.10 -3.30 5.21
N ILE A 11 2.47 -3.25 6.39
CA ILE A 11 1.32 -4.09 6.69
C ILE A 11 0.11 -3.26 7.07
N ALA A 12 -1.06 -3.67 6.59
CA ALA A 12 -2.31 -2.97 6.89
C ALA A 12 -2.74 -3.18 8.34
N ALA A 13 -2.50 -2.18 9.17
CA ALA A 13 -2.87 -2.27 10.58
C ALA A 13 -4.37 -2.46 10.76
N LEU A 14 -5.13 -2.08 9.73
CA LEU A 14 -6.58 -2.21 9.76
C LEU A 14 -7.11 -2.69 8.41
N ASP A 15 -8.36 -3.17 8.42
CA ASP A 15 -8.99 -3.65 7.20
C ASP A 15 -9.61 -2.51 6.42
N TYR A 16 -9.03 -2.20 5.27
CA TYR A 16 -9.53 -1.12 4.42
C TYR A 16 -10.24 -1.68 3.19
N ASP A 17 -11.40 -1.12 2.89
CA ASP A 17 -12.20 -1.56 1.74
C ASP A 17 -12.78 -0.36 1.00
N PRO A 18 -11.94 0.32 0.21
CA PRO A 18 -12.35 1.48 -0.58
C PRO A 18 -13.29 1.12 -1.71
N GLY A 19 -13.30 -0.16 -2.08
CA GLY A 19 -14.15 -0.61 -3.16
C GLY A 19 -13.41 -1.48 -4.16
N ASP A 20 -14.03 -2.59 -4.55
CA ASP A 20 -13.42 -3.51 -5.51
C ASP A 20 -13.44 -2.91 -6.92
N GLY A 21 -14.42 -2.06 -7.19
CA GLY A 21 -14.52 -1.43 -8.49
C GLY A 21 -13.59 -0.24 -8.64
N GLN A 22 -12.32 -0.51 -8.92
CA GLN A 22 -11.34 0.55 -9.08
C GLN A 22 -11.80 1.57 -10.11
N MET A 23 -12.60 1.13 -11.07
CA MET A 23 -13.11 2.00 -12.12
C MET A 23 -14.24 2.88 -11.58
N GLY A 24 -14.57 3.92 -12.33
CA GLY A 24 -15.63 4.82 -11.92
C GLY A 24 -15.11 6.06 -11.25
N GLY A 25 -14.17 6.74 -11.91
CA GLY A 25 -13.60 7.95 -11.34
C GLY A 25 -12.69 8.67 -12.32
N GLN A 26 -11.61 9.25 -11.80
CA GLN A 26 -10.66 9.98 -12.64
C GLN A 26 -9.83 9.02 -13.47
N GLY A 27 -9.67 7.79 -12.98
CA GLY A 27 -8.88 6.80 -13.69
C GLY A 27 -8.66 5.55 -12.86
N LYS A 28 -8.25 5.73 -11.61
CA LYS A 28 -7.99 4.60 -10.72
C LYS A 28 -8.49 4.90 -9.31
N GLY A 29 -8.59 3.86 -8.49
CA GLY A 29 -9.06 4.04 -7.13
C GLY A 29 -8.04 3.59 -6.10
N ARG A 30 -8.51 3.13 -4.95
CA ARG A 30 -7.63 2.68 -3.88
C ARG A 30 -7.65 1.16 -3.76
N LEU A 31 -6.61 0.61 -3.16
CA LEU A 31 -6.51 -0.84 -2.98
C LEU A 31 -7.04 -1.26 -1.61
N ALA A 32 -7.84 -2.32 -1.59
CA ALA A 32 -8.41 -2.83 -0.34
C ALA A 32 -7.38 -3.65 0.43
N LEU A 33 -7.09 -3.23 1.65
CA LEU A 33 -6.13 -3.92 2.50
C LEU A 33 -6.83 -4.67 3.62
N ARG A 34 -6.14 -5.63 4.23
CA ARG A 34 -6.70 -6.41 5.32
C ARG A 34 -5.73 -6.45 6.50
N ALA A 35 -6.30 -6.56 7.71
CA ALA A 35 -5.49 -6.61 8.93
C ALA A 35 -4.40 -7.67 8.82
N GLY A 36 -3.17 -7.22 8.58
CA GLY A 36 -2.06 -8.14 8.45
C GLY A 36 -1.70 -8.44 7.02
N ASP A 37 -1.99 -7.49 6.13
CA ASP A 37 -1.70 -7.65 4.71
C ASP A 37 -0.38 -6.96 4.34
N VAL A 38 0.64 -7.76 4.06
CA VAL A 38 1.94 -7.23 3.69
C VAL A 38 1.95 -6.73 2.26
N VAL A 39 1.79 -5.43 2.09
CA VAL A 39 1.79 -4.82 0.77
C VAL A 39 3.12 -4.12 0.48
N MET A 40 3.53 -4.15 -0.78
CA MET A 40 4.77 -3.51 -1.20
C MET A 40 4.51 -2.18 -1.89
N VAL A 41 5.11 -1.12 -1.38
CA VAL A 41 4.94 0.21 -1.95
C VAL A 41 6.16 0.63 -2.75
N TYR A 42 6.01 1.68 -3.55
CA TYR A 42 7.11 2.19 -4.37
C TYR A 42 7.20 3.70 -4.28
N GLY A 43 8.38 4.19 -3.90
CA GLY A 43 8.58 5.63 -3.77
C GLY A 43 7.70 6.25 -2.71
N PRO A 44 7.73 7.59 -2.63
CA PRO A 44 6.93 8.34 -1.64
C PRO A 44 5.43 8.27 -1.95
N MET A 45 4.66 9.06 -1.21
CA MET A 45 3.21 9.11 -1.40
C MET A 45 2.81 10.32 -2.22
N ASP A 46 1.54 10.37 -2.62
CA ASP A 46 1.01 11.47 -3.40
C ASP A 46 0.62 12.64 -2.50
N ASP A 47 0.17 13.74 -3.11
CA ASP A 47 -0.25 14.92 -2.37
C ASP A 47 -1.38 14.57 -1.41
N GLN A 48 -2.17 13.56 -1.76
CA GLN A 48 -3.30 13.15 -0.94
C GLN A 48 -2.82 12.34 0.26
N GLY A 49 -1.64 11.74 0.14
CA GLY A 49 -1.09 10.95 1.23
C GLY A 49 -1.29 9.46 1.02
N PHE A 50 -1.28 9.04 -0.23
CA PHE A 50 -1.46 7.63 -0.56
C PHE A 50 -0.20 7.04 -1.19
N TYR A 51 0.13 5.81 -0.82
CA TYR A 51 1.31 5.15 -1.34
C TYR A 51 0.97 4.31 -2.57
N TYR A 52 1.96 4.10 -3.42
CA TYR A 52 1.77 3.32 -4.65
C TYR A 52 2.27 1.89 -4.47
N GLY A 53 1.35 0.98 -4.19
CA GLY A 53 1.72 -0.42 -4.00
C GLY A 53 0.70 -1.37 -4.60
N GLU A 54 0.84 -2.66 -4.29
CA GLU A 54 -0.06 -3.67 -4.81
C GLU A 54 -0.23 -4.81 -3.82
N LEU A 55 -1.46 -5.28 -3.64
CA LEU A 55 -1.75 -6.38 -2.72
C LEU A 55 -2.64 -7.42 -3.38
N GLY A 56 -2.14 -8.65 -3.48
CA GLY A 56 -2.92 -9.72 -4.09
C GLY A 56 -2.70 -9.81 -5.58
N GLY A 57 -2.10 -8.77 -6.16
CA GLY A 57 -1.85 -8.76 -7.58
C GLY A 57 -2.52 -7.58 -8.28
N HIS A 58 -2.92 -6.59 -7.49
CA HIS A 58 -3.58 -5.40 -8.03
C HIS A 58 -2.89 -4.13 -7.55
N ARG A 59 -2.50 -3.28 -8.50
CA ARG A 59 -1.83 -2.03 -8.17
C ARG A 59 -2.85 -0.91 -7.91
N GLY A 60 -2.44 0.08 -7.13
CA GLY A 60 -3.32 1.19 -6.82
C GLY A 60 -2.80 2.04 -5.68
N LEU A 61 -3.59 3.03 -5.28
CA LEU A 61 -3.21 3.92 -4.18
C LEU A 61 -3.67 3.38 -2.84
N VAL A 62 -2.75 3.26 -1.90
CA VAL A 62 -3.07 2.75 -0.57
C VAL A 62 -2.91 3.85 0.49
N PRO A 63 -3.63 3.69 1.61
CA PRO A 63 -3.58 4.64 2.72
C PRO A 63 -2.24 4.63 3.45
N ALA A 64 -1.63 5.80 3.58
CA ALA A 64 -0.34 5.92 4.25
C ALA A 64 -0.53 6.12 5.76
N HIS A 65 -1.77 5.99 6.21
CA HIS A 65 -2.09 6.15 7.63
C HIS A 65 -2.52 4.83 8.24
N LEU A 66 -3.10 3.96 7.42
CA LEU A 66 -3.56 2.66 7.88
C LEU A 66 -2.40 1.67 7.97
N LEU A 67 -1.49 1.74 7.00
CA LEU A 67 -0.34 0.85 6.97
C LEU A 67 0.52 1.02 8.22
N ASP A 68 1.45 0.10 8.42
CA ASP A 68 2.33 0.15 9.58
C ASP A 68 3.77 -0.18 9.18
N HIS A 69 4.72 0.58 9.73
CA HIS A 69 6.13 0.36 9.43
C HIS A 69 6.70 -0.77 10.29
N MET A 70 6.88 -1.94 9.67
CA MET A 70 7.41 -3.10 10.37
C MET A 70 8.75 -2.76 11.04
N SER A 71 9.08 -3.50 12.09
CA SER A 71 10.32 -3.27 12.81
C SER A 71 11.31 -4.41 12.57
N LEU A 72 12.58 -4.15 12.83
CA LEU A 72 13.63 -5.16 12.64
C LEU A 72 14.37 -5.43 13.95
N HIS A 73 14.28 -6.67 14.42
CA HIS A 73 14.95 -7.07 15.65
C HIS A 73 15.94 -8.20 15.40
N GLY A 74 16.72 -8.54 16.43
CA GLY A 74 17.69 -9.61 16.29
C GLY A 74 19.06 -9.10 15.92
N HIS A 75 19.98 -10.02 15.62
CA HIS A 75 21.34 -9.65 15.24
C HIS A 75 21.39 -9.22 13.77
N GLY A 1 16.01 -12.32 -3.72
CA GLY A 1 16.88 -12.36 -2.56
C GLY A 1 17.44 -11.01 -2.19
N SER A 2 16.64 -9.96 -2.41
CA SER A 2 17.05 -8.60 -2.10
C SER A 2 16.90 -8.32 -0.61
N SER A 3 17.45 -7.18 -0.17
CA SER A 3 17.37 -6.79 1.24
C SER A 3 16.28 -5.75 1.46
N GLY A 4 16.06 -4.92 0.45
CA GLY A 4 15.04 -3.88 0.54
C GLY A 4 15.54 -2.54 0.08
N SER A 5 15.95 -2.46 -1.18
CA SER A 5 16.45 -1.21 -1.76
C SER A 5 15.50 -0.69 -2.82
N SER A 6 14.79 -1.59 -3.48
CA SER A 6 13.85 -1.22 -4.53
C SER A 6 12.58 -0.63 -3.94
N GLY A 7 11.79 -1.49 -3.28
CA GLY A 7 10.56 -1.04 -2.67
C GLY A 7 10.52 -1.32 -1.18
N LYS A 8 9.57 -0.69 -0.49
CA LYS A 8 9.42 -0.86 0.95
C LYS A 8 8.28 -1.83 1.27
N ILE A 9 8.34 -2.45 2.44
CA ILE A 9 7.32 -3.40 2.86
C ILE A 9 6.53 -2.85 4.05
N MET A 10 5.20 -2.92 3.96
CA MET A 10 4.34 -2.45 5.03
C MET A 10 3.15 -3.38 5.23
N ILE A 11 2.49 -3.25 6.37
CA ILE A 11 1.33 -4.08 6.68
C ILE A 11 0.12 -3.23 7.04
N ALA A 12 -1.04 -3.62 6.52
CA ALA A 12 -2.27 -2.89 6.80
C ALA A 12 -2.72 -3.08 8.25
N ALA A 13 -2.46 -2.08 9.08
CA ALA A 13 -2.82 -2.14 10.49
C ALA A 13 -4.34 -2.25 10.65
N LEU A 14 -5.07 -1.93 9.59
CA LEU A 14 -6.53 -2.00 9.62
C LEU A 14 -7.08 -2.50 8.29
N ASP A 15 -8.34 -2.89 8.28
CA ASP A 15 -8.98 -3.40 7.07
C ASP A 15 -9.46 -2.24 6.20
N TYR A 16 -8.87 -2.12 5.01
CA TYR A 16 -9.23 -1.06 4.07
C TYR A 16 -10.08 -1.61 2.94
N ASP A 17 -11.22 -0.96 2.69
CA ASP A 17 -12.12 -1.38 1.62
C ASP A 17 -12.61 -0.17 0.83
N PRO A 18 -11.74 0.37 -0.04
CA PRO A 18 -12.07 1.54 -0.87
C PRO A 18 -13.09 1.20 -1.95
N GLY A 19 -13.35 -0.09 -2.14
CA GLY A 19 -14.31 -0.52 -3.14
C GLY A 19 -15.66 0.17 -2.99
N ASP A 20 -15.98 0.56 -1.76
CA ASP A 20 -17.24 1.23 -1.49
C ASP A 20 -17.41 2.47 -2.36
N GLY A 21 -16.29 3.04 -2.78
CA GLY A 21 -16.33 4.23 -3.63
C GLY A 21 -15.15 4.32 -4.56
N GLN A 22 -14.77 3.18 -5.15
CA GLN A 22 -13.64 3.13 -6.06
C GLN A 22 -13.81 4.16 -7.18
N MET A 23 -15.05 4.41 -7.58
CA MET A 23 -15.34 5.37 -8.62
C MET A 23 -14.76 6.75 -8.28
N GLY A 24 -13.74 7.15 -9.02
CA GLY A 24 -13.12 8.44 -8.77
C GLY A 24 -12.40 8.98 -10.00
N GLY A 25 -11.39 8.25 -10.45
CA GLY A 25 -10.63 8.67 -11.61
C GLY A 25 -10.47 7.56 -12.64
N GLN A 26 -10.10 7.94 -13.87
CA GLN A 26 -9.91 6.96 -14.93
C GLN A 26 -8.75 6.02 -14.61
N GLY A 27 -7.76 6.52 -13.89
CA GLY A 27 -6.62 5.71 -13.53
C GLY A 27 -6.98 4.60 -12.57
N LYS A 28 -5.97 3.85 -12.13
CA LYS A 28 -6.19 2.74 -11.21
C LYS A 28 -6.73 3.24 -9.87
N GLY A 29 -7.67 2.49 -9.30
CA GLY A 29 -8.25 2.88 -8.03
C GLY A 29 -7.48 2.31 -6.85
N ARG A 30 -7.78 2.82 -5.65
CA ARG A 30 -7.11 2.37 -4.44
C ARG A 30 -7.22 0.86 -4.29
N LEU A 31 -6.30 0.27 -3.53
CA LEU A 31 -6.30 -1.17 -3.31
C LEU A 31 -6.95 -1.51 -1.97
N ALA A 32 -7.73 -2.59 -1.97
CA ALA A 32 -8.41 -3.04 -0.76
C ALA A 32 -7.52 -3.95 0.07
N LEU A 33 -6.96 -3.41 1.15
CA LEU A 33 -6.09 -4.17 2.03
C LEU A 33 -6.87 -4.77 3.19
N ARG A 34 -6.17 -5.53 4.04
CA ARG A 34 -6.81 -6.15 5.19
C ARG A 34 -5.84 -6.21 6.38
N ALA A 35 -6.40 -6.34 7.58
CA ALA A 35 -5.60 -6.39 8.79
C ALA A 35 -4.53 -7.48 8.69
N GLY A 36 -3.29 -7.06 8.42
CA GLY A 36 -2.20 -8.01 8.30
C GLY A 36 -1.81 -8.26 6.85
N ASP A 37 -2.15 -7.32 5.98
CA ASP A 37 -1.83 -7.44 4.56
C ASP A 37 -0.48 -6.82 4.24
N VAL A 38 0.51 -7.65 3.95
CA VAL A 38 1.85 -7.17 3.63
C VAL A 38 1.91 -6.65 2.21
N VAL A 39 1.86 -5.32 2.06
CA VAL A 39 1.92 -4.70 0.74
C VAL A 39 3.30 -4.08 0.49
N MET A 40 3.73 -4.12 -0.77
CA MET A 40 5.02 -3.57 -1.14
C MET A 40 4.85 -2.25 -1.90
N VAL A 41 5.42 -1.18 -1.34
CA VAL A 41 5.33 0.13 -1.95
C VAL A 41 6.64 0.51 -2.65
N TYR A 42 6.61 1.59 -3.42
CA TYR A 42 7.79 2.04 -4.14
C TYR A 42 7.99 3.54 -3.95
N GLY A 43 7.21 4.34 -4.67
CA GLY A 43 7.33 5.78 -4.56
C GLY A 43 6.58 6.34 -3.36
N PRO A 44 6.79 7.63 -3.08
CA PRO A 44 6.15 8.30 -1.95
C PRO A 44 4.65 8.49 -2.16
N MET A 45 3.98 9.03 -1.16
CA MET A 45 2.54 9.27 -1.23
C MET A 45 2.24 10.61 -1.89
N ASP A 46 0.99 10.79 -2.32
CA ASP A 46 0.58 12.03 -2.96
C ASP A 46 -0.08 12.97 -1.96
N ASP A 47 -0.68 14.04 -2.46
CA ASP A 47 -1.34 15.02 -1.61
C ASP A 47 -2.44 14.36 -0.78
N GLN A 48 -3.05 13.31 -1.34
CA GLN A 48 -4.12 12.59 -0.65
C GLN A 48 -3.56 11.70 0.45
N GLY A 49 -2.29 11.35 0.32
CA GLY A 49 -1.65 10.50 1.31
C GLY A 49 -1.75 9.03 0.96
N PHE A 50 -1.60 8.71 -0.32
CA PHE A 50 -1.68 7.33 -0.78
C PHE A 50 -0.38 6.91 -1.47
N TYR A 51 0.16 5.77 -1.06
CA TYR A 51 1.39 5.25 -1.64
C TYR A 51 1.12 4.46 -2.91
N TYR A 52 2.18 4.06 -3.60
CA TYR A 52 2.05 3.28 -4.82
C TYR A 52 2.65 1.89 -4.67
N GLY A 53 1.81 0.92 -4.33
CA GLY A 53 2.28 -0.44 -4.16
C GLY A 53 1.36 -1.46 -4.81
N GLU A 54 1.52 -2.72 -4.42
CA GLU A 54 0.71 -3.79 -4.98
C GLU A 54 0.50 -4.91 -3.96
N LEU A 55 -0.73 -5.39 -3.85
CA LEU A 55 -1.05 -6.47 -2.92
C LEU A 55 -2.00 -7.48 -3.55
N GLY A 56 -1.57 -8.74 -3.59
CA GLY A 56 -2.39 -9.78 -4.17
C GLY A 56 -2.30 -9.82 -5.69
N GLY A 57 -1.17 -9.37 -6.22
CA GLY A 57 -0.99 -9.36 -7.66
C GLY A 57 -1.76 -8.24 -8.33
N HIS A 58 -1.97 -7.15 -7.62
CA HIS A 58 -2.70 -6.00 -8.16
C HIS A 58 -2.12 -4.69 -7.65
N ARG A 59 -1.65 -3.86 -8.58
CA ARG A 59 -1.06 -2.57 -8.23
C ARG A 59 -2.15 -1.52 -8.02
N GLY A 60 -1.82 -0.48 -7.26
CA GLY A 60 -2.78 0.57 -6.99
C GLY A 60 -2.35 1.47 -5.85
N LEU A 61 -3.21 2.41 -5.48
CA LEU A 61 -2.92 3.34 -4.39
C LEU A 61 -3.31 2.74 -3.04
N VAL A 62 -2.39 2.80 -2.08
CA VAL A 62 -2.65 2.26 -0.75
C VAL A 62 -2.65 3.38 0.30
N PRO A 63 -3.34 3.13 1.42
CA PRO A 63 -3.43 4.11 2.51
C PRO A 63 -2.11 4.27 3.25
N ALA A 64 -1.60 5.49 3.29
CA ALA A 64 -0.34 5.79 3.97
C ALA A 64 -0.56 6.07 5.45
N HIS A 65 -1.80 5.88 5.89
CA HIS A 65 -2.15 6.12 7.29
C HIS A 65 -2.56 4.82 7.98
N LEU A 66 -3.01 3.86 7.19
CA LEU A 66 -3.43 2.56 7.72
C LEU A 66 -2.24 1.62 7.85
N LEU A 67 -1.37 1.62 6.85
CA LEU A 67 -0.19 0.75 6.86
C LEU A 67 0.62 0.96 8.13
N ASP A 68 1.57 0.06 8.37
CA ASP A 68 2.42 0.14 9.55
C ASP A 68 3.85 -0.27 9.22
N HIS A 69 4.81 0.42 9.83
CA HIS A 69 6.22 0.13 9.59
C HIS A 69 6.69 -1.01 10.49
N MET A 70 6.83 -2.20 9.90
CA MET A 70 7.28 -3.37 10.64
C MET A 70 8.58 -3.08 11.40
N SER A 71 8.56 -3.31 12.70
CA SER A 71 9.74 -3.06 13.53
C SER A 71 10.82 -4.12 13.27
N LEU A 72 12.04 -3.82 13.70
CA LEU A 72 13.15 -4.74 13.52
C LEU A 72 12.89 -6.07 14.21
N HIS A 73 13.50 -7.13 13.70
CA HIS A 73 13.33 -8.46 14.27
C HIS A 73 14.26 -8.66 15.48
N GLY A 74 13.72 -9.25 16.54
CA GLY A 74 14.51 -9.48 17.74
C GLY A 74 14.06 -8.62 18.90
N HIS A 75 14.78 -8.71 20.02
CA HIS A 75 14.46 -7.93 21.20
C HIS A 75 15.68 -7.16 21.70
N GLY A 1 8.60 -13.26 0.57
CA GLY A 1 9.98 -12.87 0.39
C GLY A 1 10.69 -12.62 1.71
N SER A 2 11.98 -12.92 1.76
CA SER A 2 12.76 -12.73 2.98
C SER A 2 13.70 -11.55 2.84
N SER A 3 14.17 -11.31 1.61
CA SER A 3 15.08 -10.20 1.35
C SER A 3 14.64 -9.43 0.10
N GLY A 4 14.67 -8.10 0.20
CA GLY A 4 14.27 -7.27 -0.92
C GLY A 4 14.46 -5.79 -0.64
N SER A 5 15.38 -5.16 -1.35
CA SER A 5 15.66 -3.75 -1.16
C SER A 5 14.65 -2.89 -1.94
N SER A 6 14.48 -3.21 -3.21
CA SER A 6 13.56 -2.47 -4.06
C SER A 6 12.15 -2.46 -3.46
N GLY A 7 11.57 -1.27 -3.35
CA GLY A 7 10.23 -1.15 -2.79
C GLY A 7 10.21 -1.42 -1.30
N LYS A 8 9.29 -0.76 -0.60
CA LYS A 8 9.16 -0.93 0.85
C LYS A 8 8.09 -1.97 1.18
N ILE A 9 8.11 -2.46 2.42
CA ILE A 9 7.14 -3.46 2.87
C ILE A 9 6.40 -2.99 4.11
N MET A 10 5.08 -2.86 4.00
CA MET A 10 4.26 -2.42 5.12
C MET A 10 3.05 -3.34 5.30
N ILE A 11 2.44 -3.28 6.47
CA ILE A 11 1.28 -4.10 6.77
C ILE A 11 0.08 -3.23 7.14
N ALA A 12 -1.10 -3.61 6.64
CA ALA A 12 -2.32 -2.88 6.92
C ALA A 12 -2.76 -3.05 8.36
N ALA A 13 -2.47 -2.05 9.20
CA ALA A 13 -2.83 -2.10 10.60
C ALA A 13 -4.33 -2.23 10.79
N LEU A 14 -5.08 -1.84 9.77
CA LEU A 14 -6.54 -1.90 9.80
C LEU A 14 -7.10 -2.35 8.46
N ASP A 15 -8.36 -2.77 8.46
CA ASP A 15 -9.02 -3.22 7.24
C ASP A 15 -9.50 -2.03 6.41
N TYR A 16 -9.10 -1.97 5.16
CA TYR A 16 -9.49 -0.89 4.26
C TYR A 16 -10.38 -1.40 3.13
N ASP A 17 -11.58 -0.85 3.05
CA ASP A 17 -12.54 -1.25 2.02
C ASP A 17 -12.99 -0.05 1.21
N PRO A 18 -12.10 0.46 0.34
CA PRO A 18 -12.38 1.61 -0.51
C PRO A 18 -13.41 1.30 -1.59
N GLY A 19 -13.65 0.00 -1.82
CA GLY A 19 -14.59 -0.41 -2.84
C GLY A 19 -13.93 -1.14 -3.98
N ASP A 20 -14.52 -2.27 -4.39
CA ASP A 20 -13.98 -3.05 -5.48
C ASP A 20 -14.01 -2.26 -6.79
N GLY A 21 -13.55 -2.90 -7.87
CA GLY A 21 -13.54 -2.24 -9.16
C GLY A 21 -12.17 -1.66 -9.50
N GLN A 22 -11.83 -0.54 -8.86
CA GLN A 22 -10.55 0.11 -9.09
C GLN A 22 -10.17 0.05 -10.57
N MET A 23 -11.16 0.30 -11.43
CA MET A 23 -10.93 0.28 -12.87
C MET A 23 -11.60 1.48 -13.55
N GLY A 24 -11.46 1.57 -14.87
CA GLY A 24 -12.05 2.65 -15.61
C GLY A 24 -11.08 3.31 -16.57
N GLY A 25 -10.76 4.57 -16.31
CA GLY A 25 -9.82 5.29 -17.18
C GLY A 25 -8.96 6.27 -16.40
N GLN A 26 -9.57 7.35 -15.92
CA GLN A 26 -8.85 8.36 -15.17
C GLN A 26 -8.53 7.87 -13.76
N GLY A 27 -9.56 7.65 -12.97
CA GLY A 27 -9.37 7.18 -11.61
C GLY A 27 -8.76 5.79 -11.56
N LYS A 28 -7.54 5.70 -11.02
CA LYS A 28 -6.86 4.42 -10.91
C LYS A 28 -7.60 3.47 -9.97
N GLY A 29 -7.93 3.97 -8.78
CA GLY A 29 -8.63 3.16 -7.81
C GLY A 29 -7.73 2.66 -6.70
N ARG A 30 -8.22 2.75 -5.46
CA ARG A 30 -7.44 2.31 -4.31
C ARG A 30 -7.52 0.79 -4.15
N LEU A 31 -6.62 0.24 -3.34
CA LEU A 31 -6.59 -1.20 -3.10
C LEU A 31 -7.15 -1.53 -1.72
N ALA A 32 -8.01 -2.54 -1.65
CA ALA A 32 -8.61 -2.96 -0.40
C ALA A 32 -7.66 -3.84 0.41
N LEU A 33 -7.17 -3.30 1.52
CA LEU A 33 -6.25 -4.03 2.39
C LEU A 33 -6.98 -4.67 3.56
N ARG A 34 -6.30 -5.57 4.25
CA ARG A 34 -6.88 -6.26 5.39
C ARG A 34 -5.91 -6.28 6.57
N ALA A 35 -6.46 -6.35 7.78
CA ALA A 35 -5.65 -6.38 8.99
C ALA A 35 -4.58 -7.47 8.91
N GLY A 36 -3.35 -7.08 8.62
CA GLY A 36 -2.27 -8.04 8.53
C GLY A 36 -1.93 -8.39 7.09
N ASP A 37 -2.12 -7.43 6.19
CA ASP A 37 -1.84 -7.65 4.77
C ASP A 37 -0.52 -7.00 4.38
N VAL A 38 0.52 -7.82 4.24
CA VAL A 38 1.84 -7.32 3.86
C VAL A 38 1.86 -6.84 2.41
N VAL A 39 1.76 -5.53 2.23
CA VAL A 39 1.76 -4.94 0.90
C VAL A 39 3.09 -4.26 0.61
N MET A 40 3.49 -4.30 -0.66
CA MET A 40 4.75 -3.67 -1.07
C MET A 40 4.49 -2.37 -1.83
N VAL A 41 5.09 -1.29 -1.36
CA VAL A 41 4.93 0.01 -2.01
C VAL A 41 6.18 0.40 -2.80
N TYR A 42 6.10 1.53 -3.48
CA TYR A 42 7.22 2.02 -4.28
C TYR A 42 7.25 3.54 -4.31
N GLY A 43 8.32 4.11 -3.74
CA GLY A 43 8.46 5.55 -3.71
C GLY A 43 7.60 6.19 -2.63
N PRO A 44 7.61 7.53 -2.58
CA PRO A 44 6.83 8.29 -1.60
C PRO A 44 5.34 8.22 -1.86
N MET A 45 4.57 9.03 -1.13
CA MET A 45 3.12 9.06 -1.28
C MET A 45 2.69 10.28 -2.08
N ASP A 46 1.37 10.41 -2.28
CA ASP A 46 0.83 11.54 -3.03
C ASP A 46 0.49 12.70 -2.10
N ASP A 47 -0.01 13.79 -2.66
CA ASP A 47 -0.38 14.96 -1.88
C ASP A 47 -1.46 14.62 -0.86
N GLN A 48 -2.34 13.70 -1.23
CA GLN A 48 -3.42 13.29 -0.34
C GLN A 48 -2.89 12.40 0.78
N GLY A 49 -1.78 11.73 0.52
CA GLY A 49 -1.19 10.86 1.53
C GLY A 49 -1.39 9.39 1.21
N PHE A 50 -1.31 9.05 -0.07
CA PHE A 50 -1.48 7.67 -0.51
C PHE A 50 -0.20 7.14 -1.15
N TYR A 51 0.13 5.89 -0.85
CA TYR A 51 1.33 5.25 -1.39
C TYR A 51 1.00 4.45 -2.65
N TYR A 52 2.03 4.09 -3.39
CA TYR A 52 1.85 3.31 -4.62
C TYR A 52 2.36 1.88 -4.43
N GLY A 53 1.45 0.96 -4.16
CA GLY A 53 1.82 -0.43 -3.97
C GLY A 53 0.84 -1.39 -4.60
N GLU A 54 1.03 -2.68 -4.36
CA GLU A 54 0.15 -3.70 -4.91
C GLU A 54 0.04 -4.90 -3.97
N LEU A 55 -1.18 -5.40 -3.80
CA LEU A 55 -1.42 -6.54 -2.92
C LEU A 55 -2.34 -7.56 -3.60
N GLY A 56 -1.78 -8.73 -3.92
CA GLY A 56 -2.56 -9.77 -4.56
C GLY A 56 -2.50 -9.69 -6.07
N GLY A 57 -1.46 -9.03 -6.58
CA GLY A 57 -1.32 -8.89 -8.02
C GLY A 57 -2.12 -7.73 -8.58
N HIS A 58 -2.49 -6.80 -7.71
CA HIS A 58 -3.26 -5.63 -8.12
C HIS A 58 -2.64 -4.34 -7.61
N ARG A 59 -2.27 -3.46 -8.53
CA ARG A 59 -1.66 -2.19 -8.17
C ARG A 59 -2.71 -1.12 -7.89
N GLY A 60 -2.32 -0.09 -7.16
CA GLY A 60 -3.24 0.98 -6.82
C GLY A 60 -2.78 1.80 -5.64
N LEU A 61 -3.44 2.93 -5.41
CA LEU A 61 -3.08 3.81 -4.31
C LEU A 61 -3.53 3.22 -2.97
N VAL A 62 -2.60 3.17 -2.02
CA VAL A 62 -2.90 2.63 -0.70
C VAL A 62 -2.81 3.71 0.38
N PRO A 63 -3.51 3.50 1.49
CA PRO A 63 -3.53 4.45 2.62
C PRO A 63 -2.19 4.50 3.35
N ALA A 64 -1.64 5.69 3.50
CA ALA A 64 -0.36 5.87 4.19
C ALA A 64 -0.57 6.09 5.69
N HIS A 65 -1.79 5.83 6.15
CA HIS A 65 -2.12 6.00 7.56
C HIS A 65 -2.53 4.67 8.19
N LEU A 66 -3.11 3.80 7.36
CA LEU A 66 -3.55 2.49 7.83
C LEU A 66 -2.38 1.52 7.92
N LEU A 67 -1.44 1.66 7.00
CA LEU A 67 -0.26 0.79 6.97
C LEU A 67 0.58 0.97 8.23
N ASP A 68 1.53 0.07 8.44
CA ASP A 68 2.41 0.14 9.60
C ASP A 68 3.83 -0.25 9.23
N HIS A 69 4.80 0.51 9.75
CA HIS A 69 6.21 0.24 9.48
C HIS A 69 6.71 -0.93 10.30
N MET A 70 6.86 -2.09 9.66
CA MET A 70 7.34 -3.29 10.34
C MET A 70 8.67 -3.02 11.05
N SER A 71 9.73 -2.87 10.27
CA SER A 71 11.05 -2.62 10.82
C SER A 71 11.07 -1.30 11.61
N LEU A 72 11.80 -1.30 12.72
CA LEU A 72 11.90 -0.12 13.56
C LEU A 72 13.00 0.81 13.07
N HIS A 73 13.11 1.99 13.69
CA HIS A 73 14.12 2.96 13.31
C HIS A 73 15.43 2.69 14.02
N GLY A 74 16.46 3.46 13.69
CA GLY A 74 17.76 3.28 14.31
C GLY A 74 18.90 3.53 13.35
N HIS A 75 20.07 3.86 13.89
CA HIS A 75 21.25 4.13 13.08
C HIS A 75 21.83 2.84 12.51
N GLY A 1 31.48 -1.43 -6.07
CA GLY A 1 30.43 -1.01 -5.17
C GLY A 1 29.08 -0.94 -5.86
N SER A 2 28.61 -2.08 -6.35
CA SER A 2 27.32 -2.15 -7.04
C SER A 2 26.17 -1.93 -6.05
N SER A 3 25.34 -0.95 -6.35
CA SER A 3 24.19 -0.64 -5.49
C SER A 3 22.88 -1.00 -6.19
N GLY A 4 21.88 -1.36 -5.39
CA GLY A 4 20.58 -1.72 -5.95
C GLY A 4 19.43 -1.26 -5.08
N SER A 5 18.43 -0.63 -5.70
CA SER A 5 17.27 -0.14 -4.97
C SER A 5 16.29 -1.27 -4.68
N SER A 6 15.20 -0.94 -4.00
CA SER A 6 14.18 -1.93 -3.65
C SER A 6 12.93 -1.25 -3.09
N GLY A 7 11.81 -1.93 -3.21
CA GLY A 7 10.55 -1.38 -2.72
C GLY A 7 10.43 -1.50 -1.21
N LYS A 8 9.41 -0.84 -0.65
CA LYS A 8 9.17 -0.88 0.79
C LYS A 8 8.05 -1.86 1.12
N ILE A 9 8.14 -2.46 2.31
CA ILE A 9 7.13 -3.41 2.76
C ILE A 9 6.39 -2.89 3.98
N MET A 10 5.07 -2.82 3.89
CA MET A 10 4.25 -2.35 4.99
C MET A 10 3.03 -3.25 5.19
N ILE A 11 2.45 -3.19 6.39
CA ILE A 11 1.29 -4.00 6.71
C ILE A 11 0.09 -3.13 7.08
N ALA A 12 -1.09 -3.52 6.60
CA ALA A 12 -2.31 -2.77 6.88
C ALA A 12 -2.72 -2.94 8.34
N ALA A 13 -2.41 -1.93 9.16
CA ALA A 13 -2.75 -1.97 10.58
C ALA A 13 -4.26 -2.09 10.78
N LEU A 14 -5.01 -1.72 9.76
CA LEU A 14 -6.48 -1.79 9.81
C LEU A 14 -7.05 -2.26 8.49
N ASP A 15 -8.31 -2.68 8.51
CA ASP A 15 -8.99 -3.15 7.31
C ASP A 15 -9.48 -1.97 6.46
N TYR A 16 -9.08 -1.94 5.20
CA TYR A 16 -9.47 -0.86 4.30
C TYR A 16 -10.36 -1.40 3.18
N ASP A 17 -11.58 -0.86 3.09
CA ASP A 17 -12.53 -1.28 2.06
C ASP A 17 -12.98 -0.09 1.23
N PRO A 18 -12.09 0.39 0.36
CA PRO A 18 -12.37 1.54 -0.52
C PRO A 18 -13.39 1.20 -1.60
N GLY A 19 -13.62 -0.10 -1.80
CA GLY A 19 -14.58 -0.53 -2.81
C GLY A 19 -13.93 -1.29 -3.94
N ASP A 20 -14.38 -2.52 -4.17
CA ASP A 20 -13.84 -3.35 -5.24
C ASP A 20 -13.87 -2.62 -6.58
N GLY A 21 -13.28 -3.24 -7.60
CA GLY A 21 -13.27 -2.64 -8.92
C GLY A 21 -11.88 -2.15 -9.31
N GLN A 22 -11.48 -1.01 -8.75
CA GLN A 22 -10.17 -0.44 -9.05
C GLN A 22 -9.83 -0.59 -10.53
N MET A 23 -10.83 -0.36 -11.38
CA MET A 23 -10.64 -0.47 -12.82
C MET A 23 -11.40 0.64 -13.56
N GLY A 24 -11.12 0.78 -14.85
CA GLY A 24 -11.78 1.79 -15.65
C GLY A 24 -11.04 3.11 -15.63
N GLY A 25 -10.75 3.62 -14.43
CA GLY A 25 -10.05 4.88 -14.31
C GLY A 25 -8.56 4.72 -14.50
N GLN A 26 -7.87 5.84 -14.70
CA GLN A 26 -6.42 5.83 -14.90
C GLN A 26 -5.69 6.14 -13.59
N GLY A 27 -6.29 7.02 -12.79
CA GLY A 27 -5.68 7.40 -11.52
C GLY A 27 -6.48 6.90 -10.33
N LYS A 28 -7.80 6.92 -10.46
CA LYS A 28 -8.69 6.47 -9.39
C LYS A 28 -8.71 4.95 -9.30
N GLY A 29 -8.86 4.43 -8.09
CA GLY A 29 -8.90 2.99 -7.89
C GLY A 29 -7.95 2.53 -6.80
N ARG A 30 -8.39 2.65 -5.55
CA ARG A 30 -7.56 2.25 -4.41
C ARG A 30 -7.65 0.74 -4.21
N LEU A 31 -6.72 0.21 -3.40
CA LEU A 31 -6.69 -1.22 -3.13
C LEU A 31 -7.24 -1.51 -1.73
N ALA A 32 -8.06 -2.56 -1.64
CA ALA A 32 -8.65 -2.95 -0.36
C ALA A 32 -7.69 -3.82 0.44
N LEU A 33 -7.20 -3.28 1.55
CA LEU A 33 -6.27 -3.99 2.41
C LEU A 33 -6.99 -4.58 3.63
N ARG A 34 -6.33 -5.50 4.32
CA ARG A 34 -6.91 -6.13 5.49
C ARG A 34 -5.92 -6.15 6.65
N ALA A 35 -6.43 -6.24 7.87
CA ALA A 35 -5.59 -6.26 9.06
C ALA A 35 -4.53 -7.37 8.96
N GLY A 36 -3.30 -6.97 8.69
CA GLY A 36 -2.21 -7.93 8.58
C GLY A 36 -1.91 -8.29 7.14
N ASP A 37 -2.14 -7.35 6.23
CA ASP A 37 -1.89 -7.57 4.81
C ASP A 37 -0.56 -6.95 4.39
N VAL A 38 0.46 -7.78 4.25
CA VAL A 38 1.78 -7.30 3.86
C VAL A 38 1.78 -6.83 2.40
N VAL A 39 1.75 -5.52 2.19
CA VAL A 39 1.75 -4.96 0.85
C VAL A 39 3.07 -4.25 0.55
N MET A 40 3.48 -4.28 -0.70
CA MET A 40 4.73 -3.64 -1.13
C MET A 40 4.44 -2.33 -1.84
N VAL A 41 5.06 -1.25 -1.37
CA VAL A 41 4.87 0.07 -1.97
C VAL A 41 6.16 0.57 -2.60
N TYR A 42 6.06 1.63 -3.39
CA TYR A 42 7.21 2.22 -4.06
C TYR A 42 7.16 3.74 -4.03
N GLY A 43 8.32 4.37 -3.95
CA GLY A 43 8.38 5.82 -3.92
C GLY A 43 7.53 6.41 -2.80
N PRO A 44 7.54 7.75 -2.70
CA PRO A 44 6.77 8.46 -1.67
C PRO A 44 5.27 8.39 -1.90
N MET A 45 4.52 9.16 -1.12
CA MET A 45 3.06 9.17 -1.24
C MET A 45 2.60 10.41 -2.03
N ASP A 46 1.30 10.49 -2.26
CA ASP A 46 0.73 11.62 -2.99
C ASP A 46 0.38 12.77 -2.05
N ASP A 47 -0.09 13.87 -2.62
CA ASP A 47 -0.46 15.04 -1.83
C ASP A 47 -1.54 14.68 -0.81
N GLN A 48 -2.41 13.75 -1.17
CA GLN A 48 -3.48 13.32 -0.28
C GLN A 48 -2.95 12.41 0.82
N GLY A 49 -1.83 11.74 0.54
CA GLY A 49 -1.24 10.85 1.53
C GLY A 49 -1.46 9.39 1.18
N PHE A 50 -1.29 9.05 -0.09
CA PHE A 50 -1.47 7.68 -0.54
C PHE A 50 -0.19 7.14 -1.19
N TYR A 51 0.12 5.88 -0.91
CA TYR A 51 1.31 5.25 -1.46
C TYR A 51 0.97 4.42 -2.71
N TYR A 52 2.00 4.08 -3.48
CA TYR A 52 1.81 3.29 -4.68
C TYR A 52 2.33 1.87 -4.49
N GLY A 53 1.41 0.94 -4.25
CA GLY A 53 1.78 -0.45 -4.05
C GLY A 53 0.79 -1.42 -4.66
N GLU A 54 0.97 -2.70 -4.39
CA GLU A 54 0.09 -3.74 -4.93
C GLU A 54 -0.01 -4.92 -3.97
N LEU A 55 -1.22 -5.43 -3.79
CA LEU A 55 -1.46 -6.56 -2.91
C LEU A 55 -2.32 -7.62 -3.59
N GLY A 56 -1.70 -8.73 -3.98
CA GLY A 56 -2.42 -9.80 -4.63
C GLY A 56 -2.37 -9.70 -6.15
N GLY A 57 -1.32 -9.05 -6.66
CA GLY A 57 -1.18 -8.90 -8.10
C GLY A 57 -2.01 -7.75 -8.64
N HIS A 58 -2.40 -6.83 -7.76
CA HIS A 58 -3.21 -5.69 -8.16
C HIS A 58 -2.60 -4.39 -7.64
N ARG A 59 -2.19 -3.53 -8.55
CA ARG A 59 -1.59 -2.24 -8.18
C ARG A 59 -2.67 -1.20 -7.90
N GLY A 60 -2.29 -0.15 -7.19
CA GLY A 60 -3.24 0.90 -6.87
C GLY A 60 -2.79 1.75 -5.69
N LEU A 61 -3.45 2.87 -5.48
CA LEU A 61 -3.11 3.77 -4.39
C LEU A 61 -3.56 3.20 -3.05
N VAL A 62 -2.65 3.18 -2.08
CA VAL A 62 -2.94 2.65 -0.75
C VAL A 62 -2.85 3.74 0.30
N PRO A 63 -3.54 3.54 1.44
CA PRO A 63 -3.55 4.50 2.54
C PRO A 63 -2.21 4.54 3.27
N ALA A 64 -1.66 5.74 3.41
CA ALA A 64 -0.38 5.93 4.09
C ALA A 64 -0.58 6.15 5.58
N HIS A 65 -1.81 5.92 6.05
CA HIS A 65 -2.12 6.11 7.46
C HIS A 65 -2.52 4.78 8.10
N LEU A 66 -3.07 3.88 7.30
CA LEU A 66 -3.49 2.57 7.79
C LEU A 66 -2.32 1.61 7.87
N LEU A 67 -1.40 1.73 6.92
CA LEU A 67 -0.21 0.87 6.88
C LEU A 67 0.64 1.07 8.12
N ASP A 68 1.58 0.17 8.34
CA ASP A 68 2.48 0.24 9.49
C ASP A 68 3.90 -0.14 9.11
N HIS A 69 4.87 0.62 9.61
CA HIS A 69 6.28 0.36 9.32
C HIS A 69 6.81 -0.79 10.17
N MET A 70 6.94 -1.97 9.55
CA MET A 70 7.44 -3.14 10.25
C MET A 70 8.79 -2.86 10.90
N SER A 71 9.22 -3.75 11.79
CA SER A 71 10.49 -3.60 12.48
C SER A 71 11.59 -4.34 11.76
N LEU A 72 12.49 -3.60 11.12
CA LEU A 72 13.60 -4.18 10.37
C LEU A 72 14.93 -3.65 10.88
N HIS A 73 15.96 -4.50 10.88
CA HIS A 73 17.28 -4.12 11.33
C HIS A 73 17.95 -3.19 10.31
N GLY A 74 18.26 -3.74 9.14
CA GLY A 74 18.90 -2.96 8.10
C GLY A 74 19.23 -3.79 6.88
N HIS A 75 19.17 -3.16 5.71
CA HIS A 75 19.47 -3.85 4.45
C HIS A 75 20.94 -4.28 4.40
N GLY A 1 26.32 6.96 4.36
CA GLY A 1 25.55 7.44 3.23
C GLY A 1 25.52 6.46 2.07
N SER A 2 24.33 6.01 1.71
CA SER A 2 24.18 5.05 0.61
C SER A 2 22.91 5.34 -0.18
N SER A 3 22.93 4.99 -1.46
CA SER A 3 21.77 5.21 -2.33
C SER A 3 21.35 3.91 -3.00
N GLY A 4 20.11 3.88 -3.48
CA GLY A 4 19.60 2.69 -4.14
C GLY A 4 18.49 2.03 -3.35
N SER A 5 17.27 2.12 -3.86
CA SER A 5 16.11 1.53 -3.18
C SER A 5 15.03 1.16 -4.20
N SER A 6 14.52 -0.07 -4.09
CA SER A 6 13.48 -0.55 -4.99
C SER A 6 12.10 -0.26 -4.43
N GLY A 7 11.73 -0.99 -3.38
CA GLY A 7 10.43 -0.79 -2.76
C GLY A 7 10.46 -1.03 -1.27
N LYS A 8 9.34 -0.74 -0.60
CA LYS A 8 9.24 -0.92 0.84
C LYS A 8 8.14 -1.93 1.18
N ILE A 9 8.16 -2.43 2.41
CA ILE A 9 7.16 -3.39 2.86
C ILE A 9 6.38 -2.85 4.05
N MET A 10 5.06 -2.81 3.92
CA MET A 10 4.20 -2.32 4.99
C MET A 10 2.99 -3.24 5.19
N ILE A 11 2.38 -3.15 6.36
CA ILE A 11 1.22 -3.98 6.67
C ILE A 11 0.02 -3.11 7.03
N ALA A 12 -1.16 -3.53 6.57
CA ALA A 12 -2.39 -2.80 6.85
C ALA A 12 -2.83 -2.98 8.30
N ALA A 13 -2.57 -1.97 9.12
CA ALA A 13 -2.94 -2.03 10.54
C ALA A 13 -4.45 -2.20 10.70
N LEU A 14 -5.19 -1.83 9.67
CA LEU A 14 -6.65 -1.95 9.71
C LEU A 14 -7.18 -2.43 8.37
N ASP A 15 -8.43 -2.91 8.37
CA ASP A 15 -9.07 -3.40 7.16
C ASP A 15 -9.65 -2.25 6.34
N TYR A 16 -8.98 -1.91 5.25
CA TYR A 16 -9.42 -0.83 4.38
C TYR A 16 -10.25 -1.37 3.22
N ASP A 17 -11.52 -0.99 3.18
CA ASP A 17 -12.42 -1.42 2.12
C ASP A 17 -12.93 -0.24 1.31
N PRO A 18 -12.05 0.32 0.47
CA PRO A 18 -12.38 1.47 -0.38
C PRO A 18 -13.36 1.10 -1.49
N GLY A 19 -13.50 -0.20 -1.74
CA GLY A 19 -14.41 -0.66 -2.79
C GLY A 19 -13.87 -1.86 -3.53
N ASP A 20 -14.74 -2.81 -3.82
CA ASP A 20 -14.35 -4.01 -4.54
C ASP A 20 -13.70 -3.67 -5.87
N GLY A 21 -14.07 -2.52 -6.43
CA GLY A 21 -13.51 -2.09 -7.70
C GLY A 21 -12.19 -1.35 -7.53
N GLN A 22 -11.11 -2.10 -7.39
CA GLN A 22 -9.79 -1.51 -7.22
C GLN A 22 -9.00 -1.57 -8.52
N MET A 23 -8.44 -0.44 -8.93
CA MET A 23 -7.65 -0.35 -10.16
C MET A 23 -6.29 0.28 -9.89
N GLY A 24 -5.40 0.19 -10.88
CA GLY A 24 -4.08 0.76 -10.73
C GLY A 24 -3.85 1.96 -11.64
N GLY A 25 -4.06 1.74 -12.94
CA GLY A 25 -3.87 2.81 -13.90
C GLY A 25 -5.13 3.64 -14.10
N GLN A 26 -6.03 3.15 -14.95
CA GLN A 26 -7.28 3.84 -15.23
C GLN A 26 -8.20 3.82 -14.01
N GLY A 27 -8.67 5.00 -13.61
CA GLY A 27 -9.55 5.10 -12.47
C GLY A 27 -8.81 5.45 -11.19
N LYS A 28 -7.49 5.26 -11.21
CA LYS A 28 -6.66 5.56 -10.04
C LYS A 28 -7.36 5.14 -8.75
N GLY A 29 -8.04 3.98 -8.80
CA GLY A 29 -8.74 3.49 -7.63
C GLY A 29 -7.80 2.98 -6.56
N ARG A 30 -8.29 2.93 -5.32
CA ARG A 30 -7.47 2.46 -4.20
C ARG A 30 -7.57 0.95 -4.05
N LEU A 31 -6.62 0.36 -3.32
CA LEU A 31 -6.60 -1.07 -3.10
C LEU A 31 -7.16 -1.42 -1.71
N ALA A 32 -7.96 -2.49 -1.66
CA ALA A 32 -8.55 -2.93 -0.40
C ALA A 32 -7.55 -3.76 0.41
N LEU A 33 -7.15 -3.24 1.56
CA LEU A 33 -6.21 -3.94 2.43
C LEU A 33 -6.93 -4.57 3.62
N ARG A 34 -6.29 -5.57 4.22
CA ARG A 34 -6.87 -6.26 5.36
C ARG A 34 -5.89 -6.27 6.54
N ALA A 35 -6.43 -6.37 7.74
CA ALA A 35 -5.62 -6.39 8.95
C ALA A 35 -4.54 -7.47 8.87
N GLY A 36 -3.31 -7.04 8.58
CA GLY A 36 -2.21 -7.99 8.47
C GLY A 36 -1.87 -8.31 7.03
N ASP A 37 -2.18 -7.38 6.13
CA ASP A 37 -1.88 -7.58 4.71
C ASP A 37 -0.57 -6.92 4.32
N VAL A 38 0.46 -7.73 4.14
CA VAL A 38 1.78 -7.22 3.77
C VAL A 38 1.80 -6.76 2.32
N VAL A 39 1.75 -5.44 2.12
CA VAL A 39 1.77 -4.87 0.78
C VAL A 39 3.09 -4.16 0.50
N MET A 40 3.54 -4.23 -0.75
CA MET A 40 4.79 -3.61 -1.15
C MET A 40 4.53 -2.28 -1.85
N VAL A 41 5.12 -1.21 -1.31
CA VAL A 41 4.95 0.12 -1.89
C VAL A 41 6.20 0.55 -2.65
N TYR A 42 6.09 1.66 -3.38
CA TYR A 42 7.21 2.18 -4.16
C TYR A 42 7.25 3.71 -4.09
N GLY A 43 8.44 4.26 -3.90
CA GLY A 43 8.60 5.70 -3.83
C GLY A 43 7.72 6.31 -2.75
N PRO A 44 7.76 7.66 -2.66
CA PRO A 44 6.97 8.40 -1.67
C PRO A 44 5.48 8.36 -1.97
N MET A 45 4.71 9.16 -1.24
CA MET A 45 3.27 9.22 -1.43
C MET A 45 2.86 10.47 -2.20
N ASP A 46 1.57 10.60 -2.49
CA ASP A 46 1.06 11.76 -3.23
C ASP A 46 0.70 12.88 -2.27
N ASP A 47 0.08 13.93 -2.81
CA ASP A 47 -0.33 15.08 -2.01
C ASP A 47 -1.41 14.68 -1.01
N GLN A 48 -2.27 13.77 -1.41
CA GLN A 48 -3.35 13.30 -0.55
C GLN A 48 -2.82 12.43 0.58
N GLY A 49 -1.67 11.80 0.34
CA GLY A 49 -1.07 10.94 1.34
C GLY A 49 -1.28 9.47 1.05
N PHE A 50 -1.26 9.12 -0.23
CA PHE A 50 -1.45 7.73 -0.64
C PHE A 50 -0.17 7.16 -1.27
N TYR A 51 0.14 5.92 -0.94
CA TYR A 51 1.33 5.26 -1.46
C TYR A 51 0.99 4.43 -2.69
N TYR A 52 2.01 4.12 -3.48
CA TYR A 52 1.83 3.32 -4.70
C TYR A 52 2.38 1.92 -4.51
N GLY A 53 1.49 0.96 -4.27
CA GLY A 53 1.90 -0.41 -4.08
C GLY A 53 0.99 -1.40 -4.77
N GLU A 54 1.13 -2.67 -4.43
CA GLU A 54 0.30 -3.72 -5.03
C GLU A 54 0.13 -4.90 -4.07
N LEU A 55 -1.10 -5.40 -3.97
CA LEU A 55 -1.38 -6.53 -3.09
C LEU A 55 -2.27 -7.55 -3.79
N GLY A 56 -1.72 -8.74 -4.03
CA GLY A 56 -2.47 -9.78 -4.70
C GLY A 56 -2.65 -9.52 -6.18
N GLY A 57 -1.54 -9.26 -6.86
CA GLY A 57 -1.60 -8.99 -8.29
C GLY A 57 -2.49 -7.81 -8.63
N HIS A 58 -2.70 -6.94 -7.65
CA HIS A 58 -3.54 -5.76 -7.85
C HIS A 58 -2.81 -4.49 -7.40
N ARG A 59 -2.59 -3.59 -8.34
CA ARG A 59 -1.90 -2.33 -8.05
C ARG A 59 -2.90 -1.21 -7.80
N GLY A 60 -2.44 -0.15 -7.15
CA GLY A 60 -3.31 0.99 -6.86
C GLY A 60 -2.80 1.83 -5.71
N LEU A 61 -3.49 2.92 -5.43
CA LEU A 61 -3.10 3.82 -4.34
C LEU A 61 -3.59 3.28 -3.00
N VAL A 62 -2.68 3.23 -2.03
CA VAL A 62 -3.02 2.74 -0.70
C VAL A 62 -2.86 3.83 0.34
N PRO A 63 -3.58 3.69 1.48
CA PRO A 63 -3.53 4.65 2.57
C PRO A 63 -2.20 4.64 3.30
N ALA A 64 -1.59 5.81 3.45
CA ALA A 64 -0.31 5.92 4.13
C ALA A 64 -0.50 6.17 5.63
N HIS A 65 -1.74 6.00 6.08
CA HIS A 65 -2.05 6.20 7.49
C HIS A 65 -2.52 4.90 8.14
N LEU A 66 -3.06 4.00 7.32
CA LEU A 66 -3.55 2.71 7.81
C LEU A 66 -2.41 1.69 7.87
N LEU A 67 -1.42 1.87 7.01
CA LEU A 67 -0.27 0.96 6.96
C LEU A 67 0.59 1.12 8.21
N ASP A 68 1.50 0.17 8.42
CA ASP A 68 2.39 0.21 9.57
C ASP A 68 3.81 -0.17 9.16
N HIS A 69 4.79 0.57 9.68
CA HIS A 69 6.19 0.30 9.37
C HIS A 69 6.72 -0.87 10.20
N MET A 70 6.86 -2.02 9.57
CA MET A 70 7.36 -3.21 10.24
C MET A 70 8.70 -2.94 10.91
N SER A 71 9.00 -3.70 11.95
CA SER A 71 10.25 -3.54 12.68
C SER A 71 10.99 -4.87 12.79
N LEU A 72 12.18 -4.82 13.39
CA LEU A 72 13.00 -6.03 13.55
C LEU A 72 13.21 -6.34 15.03
N HIS A 73 13.38 -7.61 15.34
CA HIS A 73 13.60 -8.05 16.72
C HIS A 73 15.08 -8.24 17.00
N GLY A 74 15.46 -8.19 18.28
CA GLY A 74 16.85 -8.36 18.66
C GLY A 74 17.33 -7.25 19.56
N HIS A 75 16.88 -6.02 19.31
CA HIS A 75 17.28 -4.88 20.11
C HIS A 75 16.68 -4.96 21.51
#